data_2L0E
#
_entry.id   2L0E
#
_entity_poly.entity_id   1
_entity_poly.type   'polypeptide(L)'
_entity_poly.pdbx_seq_one_letter_code
;(ACE)KKKDNLLFGSIISAVDPVAVLAVFEEIHKKK(NH2)
;
_entity_poly.pdbx_strand_id   A
#
loop_
_chem_comp.id
_chem_comp.type
_chem_comp.name
_chem_comp.formula
ACE non-polymer 'ACETYL GROUP' 'C2 H4 O'
NH2 non-polymer 'AMINO GROUP' 'H2 N'
#
# COMPACT_ATOMS: atom_id res chain seq x y z
C ACE A 1 8.10 -22.08 -4.21
O ACE A 1 7.27 -21.19 -3.96
CH3 ACE A 1 9.52 -21.97 -3.67
H1 ACE A 1 10.14 -21.44 -4.38
H2 ACE A 1 9.92 -22.97 -3.54
H3 ACE A 1 9.52 -21.46 -2.73
N LYS A 2 7.81 -23.14 -4.94
CA LYS A 2 6.49 -23.34 -5.51
C LYS A 2 5.56 -23.98 -4.48
N LYS A 3 5.18 -23.20 -3.47
CA LYS A 3 4.30 -23.70 -2.43
C LYS A 3 3.27 -22.64 -2.04
N LYS A 4 2.48 -22.93 -1.02
CA LYS A 4 1.45 -21.98 -0.56
C LYS A 4 0.53 -21.59 -1.72
N ASP A 5 -0.46 -22.42 -1.98
CA ASP A 5 -1.41 -22.15 -3.06
C ASP A 5 -2.53 -21.25 -2.57
N ASN A 6 -2.52 -20.93 -1.28
CA ASN A 6 -3.54 -20.07 -0.70
C ASN A 6 -3.25 -18.60 -1.00
N LEU A 7 -4.22 -17.91 -1.57
CA LEU A 7 -4.06 -16.51 -1.90
C LEU A 7 -5.41 -15.86 -2.21
N LEU A 8 -6.48 -16.58 -1.91
CA LEU A 8 -7.83 -16.07 -2.15
C LEU A 8 -7.93 -14.61 -1.73
N PHE A 9 -7.19 -14.24 -0.70
CA PHE A 9 -7.21 -12.86 -0.22
C PHE A 9 -6.91 -11.88 -1.35
N GLY A 10 -6.01 -12.28 -2.23
CA GLY A 10 -5.64 -11.43 -3.36
C GLY A 10 -6.88 -10.84 -4.03
N SER A 11 -7.93 -11.65 -4.15
CA SER A 11 -9.16 -11.19 -4.77
C SER A 11 -9.64 -9.91 -4.11
N ILE A 12 -9.39 -9.78 -2.81
CA ILE A 12 -9.79 -8.60 -2.07
C ILE A 12 -8.67 -7.56 -2.07
N ILE A 13 -7.50 -7.95 -1.54
CA ILE A 13 -6.36 -7.05 -1.49
C ILE A 13 -6.02 -6.53 -2.87
N SER A 14 -5.69 -7.44 -3.78
CA SER A 14 -5.35 -7.07 -5.14
C SER A 14 -6.41 -6.13 -5.72
N ALA A 15 -7.55 -6.05 -5.06
CA ALA A 15 -8.64 -5.18 -5.51
C ALA A 15 -8.35 -3.73 -5.18
N VAL A 16 -7.62 -3.52 -4.09
CA VAL A 16 -7.27 -2.16 -3.67
C VAL A 16 -6.76 -1.35 -4.84
N ASP A 17 -6.98 -0.04 -4.79
CA ASP A 17 -6.54 0.86 -5.85
C ASP A 17 -5.91 2.11 -5.26
N PRO A 18 -5.10 2.81 -6.02
CA PRO A 18 -4.43 4.06 -5.55
C PRO A 18 -5.38 4.92 -4.71
N VAL A 19 -6.63 4.99 -5.12
CA VAL A 19 -7.62 5.78 -4.40
C VAL A 19 -7.74 5.29 -2.96
N ALA A 20 -7.62 3.98 -2.78
CA ALA A 20 -7.71 3.40 -1.46
C ALA A 20 -6.37 3.54 -0.74
N VAL A 21 -5.29 3.53 -1.51
CA VAL A 21 -3.96 3.66 -0.95
C VAL A 21 -3.62 5.12 -0.69
N LEU A 22 -4.32 6.02 -1.40
CA LEU A 22 -4.09 7.45 -1.24
C LEU A 22 -4.27 7.87 0.21
N ALA A 23 -5.48 7.62 0.74
CA ALA A 23 -5.77 7.98 2.12
C ALA A 23 -4.59 7.66 3.03
N VAL A 24 -3.80 6.67 2.64
CA VAL A 24 -2.64 6.27 3.42
C VAL A 24 -1.38 6.96 2.89
N PHE A 25 -1.02 6.65 1.65
CA PHE A 25 0.16 7.24 1.05
C PHE A 25 0.18 8.76 1.24
N GLU A 26 -0.95 9.31 1.66
CA GLU A 26 -1.06 10.75 1.88
C GLU A 26 -0.39 11.15 3.19
N GLU A 27 -0.41 10.24 4.17
CA GLU A 27 0.19 10.52 5.46
C GLU A 27 1.65 10.06 5.49
N ILE A 28 2.03 9.26 4.49
CA ILE A 28 3.40 8.75 4.42
C ILE A 28 4.33 9.81 3.84
N HIS A 29 4.16 10.10 2.55
CA HIS A 29 4.99 11.09 1.88
C HIS A 29 4.96 12.41 2.64
N LYS A 30 3.99 12.54 3.55
CA LYS A 30 3.86 13.77 4.33
C LYS A 30 4.77 13.71 5.56
N LYS A 31 5.14 12.50 5.95
CA LYS A 31 6.00 12.31 7.11
C LYS A 31 7.47 12.23 6.68
N LYS A 32 7.70 11.69 5.49
CA LYS A 32 9.05 11.56 4.96
C LYS A 32 9.84 12.84 5.19
N NH2 A 33 11.15 12.80 5.17
HN1 NH2 A 33 11.61 11.96 5.01
HN2 NH2 A 33 11.66 13.63 5.31
C ACE A 1 3.99 -20.12 -6.84
O ACE A 1 4.14 -21.02 -7.67
CH3 ACE A 1 5.15 -19.63 -6.00
H1 ACE A 1 5.98 -20.33 -6.08
H2 ACE A 1 4.85 -19.55 -4.97
H3 ACE A 1 5.46 -18.66 -6.35
N LYS A 2 2.82 -19.53 -6.62
CA LYS A 2 1.62 -19.92 -7.36
C LYS A 2 1.53 -21.45 -7.47
N LYS A 3 1.79 -22.13 -6.36
CA LYS A 3 1.72 -23.59 -6.35
C LYS A 3 0.37 -24.06 -5.81
N LYS A 4 -0.02 -23.53 -4.65
CA LYS A 4 -1.29 -23.92 -4.05
C LYS A 4 -1.91 -22.72 -3.33
N ASP A 5 -2.01 -21.59 -4.02
CA ASP A 5 -2.59 -20.40 -3.44
C ASP A 5 -1.97 -20.11 -2.08
N ASN A 6 -0.74 -19.59 -2.09
CA ASN A 6 -0.04 -19.28 -0.84
C ASN A 6 -0.31 -17.84 -0.44
N LEU A 7 -1.21 -17.17 -1.16
CA LEU A 7 -1.55 -15.79 -0.86
C LEU A 7 -2.95 -15.45 -1.36
N LEU A 8 -3.93 -16.17 -0.83
CA LEU A 8 -5.33 -15.94 -1.23
C LEU A 8 -5.72 -14.49 -0.97
N PHE A 9 -5.17 -13.91 0.09
CA PHE A 9 -5.47 -12.52 0.45
C PHE A 9 -5.25 -11.60 -0.76
N GLY A 10 -4.24 -11.92 -1.56
CA GLY A 10 -3.93 -11.11 -2.73
C GLY A 10 -5.20 -10.76 -3.50
N SER A 11 -6.11 -11.72 -3.61
CA SER A 11 -7.36 -11.50 -4.32
C SER A 11 -8.05 -10.24 -3.80
N ILE A 12 -7.90 -10.00 -2.51
CA ILE A 12 -8.51 -8.84 -1.88
C ILE A 12 -7.55 -7.65 -1.90
N ILE A 13 -6.38 -7.83 -1.30
CA ILE A 13 -5.37 -6.77 -1.26
C ILE A 13 -5.03 -6.30 -2.67
N SER A 14 -4.50 -7.22 -3.48
CA SER A 14 -4.14 -6.90 -4.85
C SER A 14 -5.26 -6.16 -5.55
N ALA A 15 -6.46 -6.19 -4.95
CA ALA A 15 -7.61 -5.51 -5.52
C ALA A 15 -7.58 -4.02 -5.19
N VAL A 16 -7.04 -3.70 -4.02
CA VAL A 16 -6.96 -2.31 -3.58
C VAL A 16 -6.56 -1.41 -4.74
N ASP A 17 -7.13 -0.21 -4.78
CA ASP A 17 -6.82 0.74 -5.84
C ASP A 17 -6.18 2.01 -5.26
N PRO A 18 -5.43 2.74 -6.05
CA PRO A 18 -4.75 3.99 -5.59
C PRO A 18 -5.64 4.81 -4.67
N VAL A 19 -6.91 4.92 -5.03
CA VAL A 19 -7.87 5.69 -4.23
C VAL A 19 -7.86 5.22 -2.78
N ALA A 20 -7.68 3.92 -2.60
CA ALA A 20 -7.65 3.34 -1.26
C ALA A 20 -6.27 3.54 -0.64
N VAL A 21 -5.25 3.57 -1.49
CA VAL A 21 -3.89 3.75 -1.03
C VAL A 21 -3.58 5.23 -0.84
N LEU A 22 -4.37 6.08 -1.48
CA LEU A 22 -4.17 7.52 -1.37
C LEU A 22 -4.29 7.97 0.09
N ALA A 23 -5.45 7.72 0.69
CA ALA A 23 -5.67 8.11 2.08
C ALA A 23 -4.44 7.81 2.93
N VAL A 24 -3.70 6.79 2.53
CA VAL A 24 -2.49 6.40 3.26
C VAL A 24 -1.26 7.12 2.71
N PHE A 25 -0.96 6.88 1.44
CA PHE A 25 0.18 7.51 0.80
C PHE A 25 0.20 9.01 1.08
N GLU A 26 -0.93 9.52 1.57
CA GLU A 26 -1.04 10.95 1.87
C GLU A 26 -0.32 11.28 3.17
N GLU A 27 -0.30 10.33 4.09
CA GLU A 27 0.35 10.54 5.37
C GLU A 27 1.81 10.09 5.32
N ILE A 28 2.13 9.21 4.36
CA ILE A 28 3.48 8.71 4.21
C ILE A 28 4.41 9.81 3.70
N HIS A 29 4.28 10.16 2.43
CA HIS A 29 5.12 11.20 1.83
C HIS A 29 5.07 12.46 2.68
N LYS A 30 4.06 12.56 3.53
CA LYS A 30 3.91 13.72 4.40
C LYS A 30 4.73 13.52 5.68
N LYS A 31 4.97 12.27 6.02
CA LYS A 31 5.74 11.95 7.22
C LYS A 31 7.23 11.96 6.92
N LYS A 32 7.59 11.53 5.72
CA LYS A 32 9.00 11.49 5.32
C LYS A 32 9.71 12.75 5.77
N NH2 A 33 9.08 13.89 5.75
HN1 NH2 A 33 8.16 13.94 5.44
HN2 NH2 A 33 9.55 14.71 6.05
C ACE A 1 6.58 -19.41 14.95
O ACE A 1 7.75 -19.46 14.59
CH3 ACE A 1 6.22 -19.07 16.40
H1 ACE A 1 6.32 -19.95 17.01
H2 ACE A 1 5.20 -18.71 16.43
H3 ACE A 1 6.88 -18.30 16.76
N LYS A 2 5.55 -19.65 14.14
CA LYS A 2 5.77 -19.98 12.73
C LYS A 2 5.57 -18.76 11.85
N LYS A 3 6.68 -18.11 11.47
CA LYS A 3 6.61 -16.93 10.63
C LYS A 3 7.71 -16.95 9.57
N LYS A 4 7.38 -16.51 8.36
CA LYS A 4 8.35 -16.49 7.28
C LYS A 4 7.82 -15.65 6.12
N ASP A 5 8.11 -14.36 6.14
CA ASP A 5 7.67 -13.46 5.08
C ASP A 5 6.17 -13.64 4.80
N ASN A 6 5.35 -13.15 5.72
CA ASN A 6 3.91 -13.27 5.57
C ASN A 6 3.30 -11.97 5.06
N LEU A 7 3.45 -11.71 3.76
CA LEU A 7 2.92 -10.50 3.17
C LEU A 7 1.63 -10.78 2.42
N LEU A 8 1.00 -11.91 2.74
CA LEU A 8 -0.26 -12.29 2.10
C LEU A 8 -1.16 -11.08 1.93
N PHE A 9 -1.09 -10.16 2.89
CA PHE A 9 -1.92 -8.95 2.84
C PHE A 9 -1.75 -8.25 1.50
N GLY A 10 -0.52 -8.22 0.99
CA GLY A 10 -0.24 -7.57 -0.28
C GLY A 10 -1.27 -7.97 -1.34
N SER A 11 -1.64 -9.25 -1.34
CA SER A 11 -2.61 -9.74 -2.30
C SER A 11 -3.89 -8.91 -2.24
N ILE A 12 -4.21 -8.41 -1.06
CA ILE A 12 -5.39 -7.59 -0.87
C ILE A 12 -5.07 -6.11 -1.06
N ILE A 13 -4.12 -5.63 -0.28
CA ILE A 13 -3.72 -4.22 -0.36
C ILE A 13 -3.14 -3.91 -1.75
N SER A 14 -2.06 -4.59 -2.10
CA SER A 14 -1.42 -4.38 -3.40
C SER A 14 -2.45 -4.49 -4.52
N ALA A 15 -3.59 -5.11 -4.21
CA ALA A 15 -4.64 -5.28 -5.21
C ALA A 15 -5.61 -4.10 -5.16
N VAL A 16 -5.82 -3.55 -3.97
CA VAL A 16 -6.73 -2.42 -3.80
C VAL A 16 -6.42 -1.34 -4.84
N ASP A 17 -7.34 -0.39 -4.97
CA ASP A 17 -7.15 0.69 -5.94
C ASP A 17 -6.44 1.89 -5.29
N PRO A 18 -5.69 2.67 -6.05
CA PRO A 18 -4.98 3.86 -5.51
C PRO A 18 -5.83 4.67 -4.53
N VAL A 19 -7.05 5.00 -4.95
CA VAL A 19 -7.96 5.77 -4.11
C VAL A 19 -7.91 5.28 -2.68
N ALA A 20 -7.66 3.99 -2.50
CA ALA A 20 -7.59 3.41 -1.17
C ALA A 20 -6.18 3.58 -0.59
N VAL A 21 -5.18 3.59 -1.47
CA VAL A 21 -3.80 3.75 -1.04
C VAL A 21 -3.46 5.23 -0.87
N LEU A 22 -4.30 6.08 -1.46
CA LEU A 22 -4.08 7.52 -1.39
C LEU A 22 -4.23 8.01 0.05
N ALA A 23 -5.39 7.76 0.63
CA ALA A 23 -5.66 8.17 2.01
C ALA A 23 -4.45 7.89 2.90
N VAL A 24 -3.72 6.84 2.57
CA VAL A 24 -2.54 6.48 3.35
C VAL A 24 -1.29 7.15 2.77
N PHE A 25 -1.00 6.87 1.52
CA PHE A 25 0.16 7.46 0.86
C PHE A 25 0.22 8.96 1.11
N GLU A 26 -0.89 9.53 1.56
CA GLU A 26 -0.95 10.96 1.84
C GLU A 26 -0.28 11.28 3.16
N GLU A 27 -0.35 10.36 4.10
CA GLU A 27 0.26 10.55 5.42
C GLU A 27 1.69 10.02 5.43
N ILE A 28 2.11 9.45 4.30
CA ILE A 28 3.46 8.91 4.20
C ILE A 28 4.44 9.96 3.68
N HIS A 29 4.31 10.29 2.40
CA HIS A 29 5.18 11.27 1.79
C HIS A 29 5.18 12.57 2.60
N LYS A 30 4.17 12.73 3.45
CA LYS A 30 4.05 13.92 4.27
C LYS A 30 4.75 13.71 5.62
N LYS A 31 4.97 12.44 5.96
CA LYS A 31 5.62 12.11 7.23
C LYS A 31 7.09 11.76 6.99
N LYS A 32 7.37 11.20 5.82
CA LYS A 32 8.74 10.82 5.48
C LYS A 32 9.67 12.03 5.54
N NH2 A 33 9.19 13.19 5.90
HN1 NH2 A 33 8.24 13.27 6.14
HN2 NH2 A 33 9.78 13.97 5.94
C ACE A 1 14.28 -22.62 -3.48
O ACE A 1 14.34 -22.95 -2.30
CH3 ACE A 1 15.47 -21.94 -4.16
H1 ACE A 1 16.35 -22.57 -4.07
H2 ACE A 1 15.66 -20.98 -3.69
H3 ACE A 1 15.25 -21.79 -5.21
N LYS A 2 13.22 -22.83 -4.24
CA LYS A 2 12.02 -23.47 -3.70
C LYS A 2 11.56 -22.76 -2.43
N LYS A 3 10.52 -21.93 -2.58
CA LYS A 3 9.99 -21.20 -1.44
C LYS A 3 8.46 -21.16 -1.49
N LYS A 4 7.83 -21.72 -0.46
CA LYS A 4 6.37 -21.75 -0.41
C LYS A 4 5.84 -20.46 0.21
N ASP A 5 6.26 -19.33 -0.34
CA ASP A 5 5.82 -18.03 0.17
C ASP A 5 4.49 -17.63 -0.48
N ASN A 6 3.53 -18.53 -0.44
CA ASN A 6 2.22 -18.26 -1.03
C ASN A 6 1.72 -16.89 -0.60
N LEU A 7 1.08 -16.18 -1.53
CA LEU A 7 0.56 -14.85 -1.25
C LEU A 7 -0.85 -14.70 -1.82
N LEU A 8 -1.71 -15.67 -1.53
CA LEU A 8 -3.08 -15.63 -2.03
C LEU A 8 -3.73 -14.29 -1.70
N PHE A 9 -3.35 -13.71 -0.57
CA PHE A 9 -3.90 -12.43 -0.15
C PHE A 9 -3.75 -11.40 -1.27
N GLY A 10 -2.69 -11.53 -2.06
CA GLY A 10 -2.45 -10.62 -3.16
C GLY A 10 -3.73 -10.33 -3.94
N SER A 11 -4.48 -11.39 -4.23
CA SER A 11 -5.73 -11.25 -4.97
C SER A 11 -6.65 -10.26 -4.28
N ILE A 12 -6.52 -10.17 -2.96
CA ILE A 12 -7.36 -9.26 -2.18
C ILE A 12 -6.68 -7.90 -2.05
N ILE A 13 -5.43 -7.90 -1.59
CA ILE A 13 -4.69 -6.66 -1.42
C ILE A 13 -4.32 -6.07 -2.78
N SER A 14 -3.58 -6.82 -3.57
CA SER A 14 -3.18 -6.36 -4.90
C SER A 14 -4.39 -5.83 -5.67
N ALA A 15 -5.58 -6.13 -5.18
CA ALA A 15 -6.80 -5.68 -5.83
C ALA A 15 -7.07 -4.21 -5.51
N VAL A 16 -6.65 -3.78 -4.32
CA VAL A 16 -6.85 -2.40 -3.91
C VAL A 16 -6.42 -1.44 -5.03
N ASP A 17 -6.82 -0.17 -4.90
CA ASP A 17 -6.47 0.83 -5.90
C ASP A 17 -5.88 2.07 -5.23
N PRO A 18 -5.04 2.81 -5.91
CA PRO A 18 -4.42 4.05 -5.35
C PRO A 18 -5.41 4.88 -4.55
N VAL A 19 -6.63 5.00 -5.07
CA VAL A 19 -7.67 5.78 -4.40
C VAL A 19 -7.82 5.33 -2.94
N ALA A 20 -7.66 4.03 -2.71
CA ALA A 20 -7.78 3.49 -1.37
C ALA A 20 -6.47 3.66 -0.61
N VAL A 21 -5.36 3.61 -1.34
CA VAL A 21 -4.05 3.76 -0.73
C VAL A 21 -3.73 5.23 -0.50
N LEU A 22 -4.43 6.09 -1.23
CA LEU A 22 -4.24 7.53 -1.09
C LEU A 22 -4.36 7.97 0.36
N ALA A 23 -5.52 7.72 0.96
CA ALA A 23 -5.75 8.09 2.35
C ALA A 23 -4.52 7.78 3.20
N VAL A 24 -3.76 6.79 2.77
CA VAL A 24 -2.54 6.42 3.50
C VAL A 24 -1.32 7.11 2.92
N PHE A 25 -1.02 6.80 1.67
CA PHE A 25 0.13 7.40 1.00
C PHE A 25 0.14 8.92 1.19
N GLU A 26 -1.00 9.46 1.62
CA GLU A 26 -1.12 10.90 1.82
C GLU A 26 -0.40 11.32 3.10
N GLU A 27 -0.34 10.42 4.07
CA GLU A 27 0.33 10.71 5.33
C GLU A 27 1.79 10.31 5.28
N ILE A 28 2.10 9.32 4.44
CA ILE A 28 3.47 8.85 4.30
C ILE A 28 4.36 9.94 3.70
N HIS A 29 4.18 10.20 2.41
CA HIS A 29 4.97 11.22 1.73
C HIS A 29 4.97 12.52 2.52
N LYS A 30 4.00 12.65 3.42
CA LYS A 30 3.89 13.86 4.23
C LYS A 30 4.74 13.73 5.49
N LYS A 31 4.99 12.48 5.89
CA LYS A 31 5.79 12.23 7.08
C LYS A 31 7.23 11.91 6.68
N LYS A 32 7.37 10.99 5.72
CA LYS A 32 8.70 10.59 5.25
C LYS A 32 9.39 11.77 4.56
N NH2 A 33 10.65 11.66 4.21
HN1 NH2 A 33 11.14 10.83 4.40
HN2 NH2 A 33 11.10 12.41 3.77
C ACE A 1 -0.85 -8.29 12.95
O ACE A 1 -0.51 -8.63 14.08
CH3 ACE A 1 -1.70 -7.04 12.74
H1 ACE A 1 -1.14 -6.16 13.04
H2 ACE A 1 -2.60 -7.12 13.32
H3 ACE A 1 -1.96 -6.96 11.69
N LYS A 2 -0.50 -8.95 11.86
CA LYS A 2 0.32 -10.16 11.93
C LYS A 2 1.34 -10.19 10.81
N LYS A 3 2.60 -9.94 11.14
CA LYS A 3 3.67 -9.94 10.15
C LYS A 3 3.40 -8.88 9.08
N LYS A 4 4.47 -8.33 8.52
CA LYS A 4 4.34 -7.31 7.49
C LYS A 4 5.49 -7.40 6.50
N ASP A 5 5.43 -8.38 5.61
CA ASP A 5 6.47 -8.57 4.61
C ASP A 5 5.89 -9.20 3.35
N ASN A 6 4.91 -8.53 2.75
CA ASN A 6 4.28 -9.03 1.54
C ASN A 6 3.82 -10.47 1.73
N LEU A 7 2.56 -10.64 2.11
CA LEU A 7 1.99 -11.96 2.34
C LEU A 7 0.61 -12.06 1.71
N LEU A 8 -0.11 -13.14 2.01
CA LEU A 8 -1.45 -13.35 1.47
C LEU A 8 -2.23 -12.03 1.41
N PHE A 9 -1.95 -11.14 2.37
CA PHE A 9 -2.62 -9.86 2.42
C PHE A 9 -2.37 -9.07 1.14
N GLY A 10 -1.13 -9.11 0.66
CA GLY A 10 -0.75 -8.40 -0.55
C GLY A 10 -1.81 -8.59 -1.63
N SER A 11 -2.27 -9.82 -1.80
CA SER A 11 -3.28 -10.13 -2.81
C SER A 11 -4.48 -9.19 -2.66
N ILE A 12 -4.72 -8.75 -1.44
CA ILE A 12 -5.85 -7.86 -1.17
C ILE A 12 -5.40 -6.40 -1.28
N ILE A 13 -4.36 -6.05 -0.53
CA ILE A 13 -3.84 -4.69 -0.55
C ILE A 13 -3.26 -4.36 -1.91
N SER A 14 -2.26 -5.14 -2.33
CA SER A 14 -1.63 -4.91 -3.63
C SER A 14 -2.68 -4.86 -4.73
N ALA A 15 -3.86 -5.40 -4.45
CA ALA A 15 -4.94 -5.40 -5.42
C ALA A 15 -5.80 -4.15 -5.27
N VAL A 16 -5.91 -3.67 -4.03
CA VAL A 16 -6.71 -2.48 -3.76
C VAL A 16 -6.46 -1.41 -4.83
N ASP A 17 -7.33 -0.40 -4.87
CA ASP A 17 -7.19 0.67 -5.85
C ASP A 17 -6.47 1.88 -5.25
N PRO A 18 -5.78 2.66 -6.05
CA PRO A 18 -5.06 3.87 -5.56
C PRO A 18 -5.88 4.68 -4.56
N VAL A 19 -7.10 5.00 -4.93
CA VAL A 19 -7.98 5.77 -4.06
C VAL A 19 -7.88 5.29 -2.62
N ALA A 20 -7.62 3.99 -2.46
CA ALA A 20 -7.50 3.40 -1.13
C ALA A 20 -6.09 3.58 -0.60
N VAL A 21 -5.12 3.60 -1.51
CA VAL A 21 -3.73 3.78 -1.11
C VAL A 21 -3.40 5.25 -0.94
N LEU A 22 -4.24 6.11 -1.52
CA LEU A 22 -4.03 7.55 -1.42
C LEU A 22 -4.19 8.02 0.02
N ALA A 23 -5.36 7.74 0.60
CA ALA A 23 -5.63 8.15 1.97
C ALA A 23 -4.42 7.86 2.85
N VAL A 24 -3.68 6.83 2.51
CA VAL A 24 -2.49 6.46 3.29
C VAL A 24 -1.25 7.16 2.74
N PHE A 25 -0.95 6.92 1.47
CA PHE A 25 0.21 7.53 0.84
C PHE A 25 0.25 9.03 1.12
N GLU A 26 -0.88 9.57 1.58
CA GLU A 26 -0.96 10.99 1.88
C GLU A 26 -0.29 11.30 3.20
N GLU A 27 -0.35 10.35 4.13
CA GLU A 27 0.26 10.54 5.44
C GLU A 27 1.70 10.04 5.44
N ILE A 28 2.13 9.48 4.31
CA ILE A 28 3.49 8.97 4.20
C ILE A 28 4.43 10.04 3.67
N HIS A 29 4.28 10.37 2.39
CA HIS A 29 5.13 11.39 1.77
C HIS A 29 5.12 12.67 2.61
N LYS A 30 4.12 12.80 3.47
CA LYS A 30 4.02 13.98 4.32
C LYS A 30 4.73 13.76 5.65
N LYS A 31 4.95 12.50 5.98
CA LYS A 31 5.63 12.15 7.23
C LYS A 31 7.09 11.80 6.97
N LYS A 32 7.33 10.95 5.98
CA LYS A 32 8.67 10.53 5.64
C LYS A 32 9.54 11.76 5.31
N NH2 A 33 9.63 12.17 4.08
HN1 NH2 A 33 9.14 11.70 3.37
HN2 NH2 A 33 10.18 12.94 3.86
C ACE A 1 -1.74 -29.05 -0.66
O ACE A 1 -2.46 -28.10 -0.97
CH3 ACE A 1 -0.24 -29.00 -0.95
H1 ACE A 1 0.26 -28.43 -0.18
H2 ACE A 1 -0.07 -28.53 -1.91
H3 ACE A 1 0.15 -30.01 -0.97
N LYS A 2 -2.19 -30.14 -0.06
CA LYS A 2 -3.61 -30.29 0.27
C LYS A 2 -3.88 -29.83 1.69
N LYS A 3 -3.82 -28.52 1.90
CA LYS A 3 -4.06 -27.96 3.23
C LYS A 3 -4.86 -26.67 3.12
N LYS A 4 -4.62 -25.75 4.04
CA LYS A 4 -5.33 -24.47 4.05
C LYS A 4 -4.52 -23.41 4.79
N ASP A 5 -3.53 -22.84 4.10
CA ASP A 5 -2.69 -21.82 4.70
C ASP A 5 -2.36 -20.73 3.68
N ASN A 6 -3.34 -19.88 3.39
CA ASN A 6 -3.15 -18.80 2.43
C ASN A 6 -3.87 -17.55 2.88
N LEU A 7 -4.15 -16.66 1.92
CA LEU A 7 -4.85 -15.41 2.24
C LEU A 7 -5.86 -15.09 1.15
N LEU A 8 -7.12 -15.48 1.39
CA LEU A 8 -8.18 -15.23 0.41
C LEU A 8 -8.48 -13.73 0.35
N PHE A 9 -7.95 -12.98 1.30
CA PHE A 9 -8.18 -11.54 1.34
C PHE A 9 -7.85 -10.92 -0.01
N GLY A 10 -7.00 -11.60 -0.79
CA GLY A 10 -6.62 -11.10 -2.09
C GLY A 10 -7.80 -10.49 -2.83
N SER A 11 -8.89 -11.25 -2.93
CA SER A 11 -10.09 -10.76 -3.59
C SER A 11 -10.42 -9.34 -3.15
N ILE A 12 -10.13 -9.06 -1.88
CA ILE A 12 -10.38 -7.74 -1.32
C ILE A 12 -9.13 -6.88 -1.42
N ILE A 13 -8.05 -7.33 -0.79
CA ILE A 13 -6.79 -6.59 -0.82
C ILE A 13 -6.32 -6.38 -2.25
N SER A 14 -6.26 -7.45 -3.02
CA SER A 14 -5.82 -7.37 -4.41
C SER A 14 -6.71 -6.40 -5.19
N ALA A 15 -7.87 -6.08 -4.61
CA ALA A 15 -8.80 -5.16 -5.27
C ALA A 15 -8.45 -3.72 -4.94
N VAL A 16 -7.61 -3.53 -3.94
CA VAL A 16 -7.20 -2.19 -3.52
C VAL A 16 -6.93 -1.31 -4.76
N ASP A 17 -7.16 -0.02 -4.61
CA ASP A 17 -6.94 0.92 -5.71
C ASP A 17 -6.26 2.18 -5.21
N PRO A 18 -5.63 2.93 -6.07
CA PRO A 18 -4.93 4.19 -5.69
C PRO A 18 -5.73 5.00 -4.67
N VAL A 19 -7.05 4.99 -4.82
CA VAL A 19 -7.91 5.72 -3.90
C VAL A 19 -7.75 5.19 -2.48
N ALA A 20 -7.54 3.88 -2.38
CA ALA A 20 -7.36 3.24 -1.09
C ALA A 20 -5.91 3.41 -0.62
N VAL A 21 -5.00 3.47 -1.58
CA VAL A 21 -3.59 3.63 -1.28
C VAL A 21 -3.26 5.10 -1.04
N LEU A 22 -4.08 5.98 -1.61
CA LEU A 22 -3.88 7.41 -1.46
C LEU A 22 -4.10 7.84 -0.01
N ALA A 23 -5.28 7.56 0.51
CA ALA A 23 -5.61 7.92 1.88
C ALA A 23 -4.44 7.63 2.81
N VAL A 24 -3.62 6.66 2.42
CA VAL A 24 -2.45 6.29 3.22
C VAL A 24 -1.20 7.01 2.69
N PHE A 25 -0.88 6.77 1.43
CA PHE A 25 0.29 7.39 0.81
C PHE A 25 0.26 8.90 1.01
N GLU A 26 -0.88 9.42 1.46
CA GLU A 26 -1.02 10.85 1.67
C GLU A 26 -0.36 11.26 2.99
N GLU A 27 -0.34 10.35 3.95
CA GLU A 27 0.27 10.62 5.25
C GLU A 27 1.72 10.17 5.27
N ILE A 28 2.06 9.24 4.39
CA ILE A 28 3.43 8.74 4.32
C ILE A 28 4.38 9.81 3.80
N HIS A 29 4.30 10.09 2.51
CA HIS A 29 5.16 11.10 1.90
C HIS A 29 5.09 12.41 2.68
N LYS A 30 4.04 12.55 3.49
CA LYS A 30 3.86 13.75 4.29
C LYS A 30 4.62 13.62 5.61
N LYS A 31 4.86 12.38 6.03
CA LYS A 31 5.58 12.12 7.26
C LYS A 31 7.08 12.11 7.02
N LYS A 32 7.49 11.61 5.86
CA LYS A 32 8.90 11.55 5.51
C LYS A 32 9.61 12.84 5.90
N NH2 A 33 10.15 12.93 7.09
HN1 NH2 A 33 10.09 12.18 7.72
HN2 NH2 A 33 10.61 13.75 7.35
C ACE A 1 17.52 4.58 6.21
O ACE A 1 17.12 3.83 7.11
CH3 ACE A 1 18.65 5.57 6.47
H1 ACE A 1 19.53 5.26 5.91
H2 ACE A 1 18.89 5.59 7.52
H3 ACE A 1 18.34 6.56 6.15
N LYS A 2 17.01 4.58 4.99
CA LYS A 2 15.91 3.68 4.62
C LYS A 2 16.13 3.12 3.22
N LYS A 3 16.45 1.84 3.13
CA LYS A 3 16.67 1.20 1.84
C LYS A 3 15.36 1.07 1.07
N LYS A 4 15.42 0.46 -0.10
CA LYS A 4 14.23 0.28 -0.94
C LYS A 4 14.41 -0.90 -1.88
N ASP A 5 15.39 -1.76 -1.58
CA ASP A 5 15.66 -2.91 -2.42
C ASP A 5 14.57 -3.97 -2.23
N ASN A 6 13.50 -3.60 -1.53
CA ASN A 6 12.40 -4.52 -1.29
C ASN A 6 11.10 -3.76 -1.10
N LEU A 7 10.15 -3.99 -1.99
CA LEU A 7 8.86 -3.31 -1.92
C LEU A 7 7.81 -4.07 -2.75
N LEU A 8 8.11 -5.32 -3.07
CA LEU A 8 7.19 -6.13 -3.85
C LEU A 8 5.77 -5.98 -3.33
N PHE A 9 5.63 -5.78 -2.02
CA PHE A 9 4.32 -5.62 -1.41
C PHE A 9 3.54 -4.52 -2.11
N GLY A 10 4.24 -3.49 -2.55
CA GLY A 10 3.60 -2.36 -3.24
C GLY A 10 2.82 -2.85 -4.45
N SER A 11 3.43 -3.74 -5.23
CA SER A 11 2.77 -4.27 -6.41
C SER A 11 1.36 -4.72 -6.08
N ILE A 12 1.18 -5.23 -4.87
CA ILE A 12 -0.13 -5.69 -4.43
C ILE A 12 -0.86 -4.60 -3.66
N ILE A 13 -0.27 -4.17 -2.54
CA ILE A 13 -0.88 -3.13 -1.72
C ILE A 13 -1.22 -1.90 -2.55
N SER A 14 -0.36 -1.59 -3.51
CA SER A 14 -0.58 -0.42 -4.36
C SER A 14 -1.57 -0.76 -5.48
N ALA A 15 -2.05 -2.01 -5.49
CA ALA A 15 -2.99 -2.43 -6.51
C ALA A 15 -4.43 -2.21 -6.05
N VAL A 16 -4.66 -2.36 -4.75
CA VAL A 16 -6.00 -2.18 -4.19
C VAL A 16 -6.49 -0.75 -4.44
N ASP A 17 -6.84 -0.46 -5.69
CA ASP A 17 -7.34 0.87 -6.04
C ASP A 17 -6.51 1.95 -5.33
N PRO A 18 -5.47 2.46 -5.96
CA PRO A 18 -4.62 3.51 -5.34
C PRO A 18 -5.44 4.60 -4.66
N VAL A 19 -6.75 4.61 -4.95
CA VAL A 19 -7.64 5.59 -4.35
C VAL A 19 -7.85 5.27 -2.88
N ALA A 20 -7.87 3.98 -2.57
CA ALA A 20 -8.05 3.53 -1.20
C ALA A 20 -6.73 3.63 -0.44
N VAL A 21 -5.64 3.57 -1.18
CA VAL A 21 -4.31 3.65 -0.57
C VAL A 21 -3.88 5.11 -0.43
N LEU A 22 -4.44 5.97 -1.27
CA LEU A 22 -4.11 7.39 -1.21
C LEU A 22 -4.31 7.94 0.19
N ALA A 23 -5.52 7.81 0.71
CA ALA A 23 -5.84 8.29 2.05
C ALA A 23 -4.70 7.98 3.01
N VAL A 24 -3.95 6.92 2.71
CA VAL A 24 -2.83 6.53 3.55
C VAL A 24 -1.53 7.12 3.01
N PHE A 25 -1.17 6.72 1.79
CA PHE A 25 0.06 7.19 1.18
C PHE A 25 0.16 8.72 1.27
N GLU A 26 -0.95 9.35 1.62
CA GLU A 26 -0.98 10.80 1.74
C GLU A 26 -0.32 11.26 3.05
N GLU A 27 -0.41 10.41 4.08
CA GLU A 27 0.17 10.74 5.37
C GLU A 27 1.61 10.22 5.46
N ILE A 28 2.00 9.41 4.49
CA ILE A 28 3.35 8.85 4.48
C ILE A 28 4.34 9.84 3.88
N HIS A 29 4.21 10.08 2.58
CA HIS A 29 5.11 11.02 1.90
C HIS A 29 5.08 12.38 2.58
N LYS A 30 4.12 12.56 3.49
CA LYS A 30 3.99 13.82 4.21
C LYS A 30 4.90 13.82 5.44
N LYS A 31 5.26 12.62 5.89
CA LYS A 31 6.12 12.49 7.06
C LYS A 31 7.54 12.12 6.64
N LYS A 32 7.65 11.17 5.72
CA LYS A 32 8.95 10.73 5.24
C LYS A 32 9.68 11.87 4.55
N NH2 A 33 9.02 12.64 3.72
HN1 NH2 A 33 8.07 12.48 3.55
HN2 NH2 A 33 9.48 13.38 3.26
C ACE A 1 18.71 -17.89 -10.86
O ACE A 1 18.75 -17.17 -11.86
CH3 ACE A 1 19.99 -18.49 -10.29
H1 ACE A 1 20.72 -17.71 -10.14
H2 ACE A 1 20.39 -19.22 -10.98
H3 ACE A 1 19.77 -18.98 -9.36
N LYS A 2 17.58 -18.20 -10.23
CA LYS A 2 16.30 -17.68 -10.69
C LYS A 2 16.17 -16.20 -10.34
N LYS A 3 16.22 -15.36 -11.37
CA LYS A 3 16.10 -13.92 -11.16
C LYS A 3 14.66 -13.47 -11.35
N LYS A 4 13.79 -13.93 -10.46
CA LYS A 4 12.37 -13.57 -10.54
C LYS A 4 11.76 -13.51 -9.14
N ASP A 5 12.02 -12.41 -8.43
CA ASP A 5 11.49 -12.24 -7.09
C ASP A 5 9.97 -12.10 -7.12
N ASN A 6 9.40 -12.24 -8.31
CA ASN A 6 7.96 -12.12 -8.47
C ASN A 6 7.45 -10.81 -7.88
N LEU A 7 6.20 -10.49 -8.14
CA LEU A 7 5.60 -9.26 -7.64
C LEU A 7 4.08 -9.31 -7.74
N LEU A 8 3.55 -10.51 -7.88
CA LEU A 8 2.09 -10.69 -7.98
C LEU A 8 1.38 -9.87 -6.92
N PHE A 9 2.01 -9.73 -5.76
CA PHE A 9 1.43 -8.96 -4.67
C PHE A 9 1.01 -7.57 -5.15
N GLY A 10 1.76 -7.02 -6.11
CA GLY A 10 1.47 -5.71 -6.65
C GLY A 10 0.19 -5.74 -7.49
N SER A 11 0.12 -6.68 -8.43
CA SER A 11 -1.04 -6.79 -9.29
C SER A 11 -2.31 -6.78 -8.47
N ILE A 12 -2.24 -7.33 -7.26
CA ILE A 12 -3.39 -7.37 -6.38
C ILE A 12 -3.42 -6.14 -5.47
N ILE A 13 -2.35 -5.95 -4.71
CA ILE A 13 -2.26 -4.82 -3.80
C ILE A 13 -2.34 -3.51 -4.58
N SER A 14 -1.46 -3.34 -5.55
CA SER A 14 -1.44 -2.14 -6.37
C SER A 14 -2.80 -1.91 -7.03
N ALA A 15 -3.57 -2.99 -7.15
CA ALA A 15 -4.90 -2.90 -7.75
C ALA A 15 -5.97 -2.66 -6.70
N VAL A 16 -5.55 -2.54 -5.45
CA VAL A 16 -6.48 -2.31 -4.35
C VAL A 16 -7.04 -0.90 -4.42
N ASP A 17 -7.36 -0.44 -5.63
CA ASP A 17 -7.91 0.90 -5.80
C ASP A 17 -6.96 1.94 -5.20
N PRO A 18 -6.09 2.54 -5.99
CA PRO A 18 -5.13 3.56 -5.47
C PRO A 18 -5.81 4.57 -4.56
N VAL A 19 -7.13 4.63 -4.62
CA VAL A 19 -7.89 5.56 -3.79
C VAL A 19 -7.79 5.14 -2.33
N ALA A 20 -7.69 3.84 -2.11
CA ALA A 20 -7.58 3.29 -0.77
C ALA A 20 -6.14 3.39 -0.28
N VAL A 21 -5.21 3.40 -1.23
CA VAL A 21 -3.79 3.48 -0.91
C VAL A 21 -3.36 4.94 -0.79
N LEU A 22 -4.00 5.80 -1.58
CA LEU A 22 -3.67 7.23 -1.55
C LEU A 22 -3.97 7.82 -0.18
N ALA A 23 -5.21 7.70 0.25
CA ALA A 23 -5.62 8.24 1.55
C ALA A 23 -4.55 7.96 2.59
N VAL A 24 -3.77 6.91 2.36
CA VAL A 24 -2.70 6.55 3.28
C VAL A 24 -1.38 7.13 2.83
N PHE A 25 -0.94 6.75 1.64
CA PHE A 25 0.31 7.25 1.09
C PHE A 25 0.38 8.76 1.18
N GLU A 26 -0.76 9.39 1.47
CA GLU A 26 -0.82 10.84 1.57
C GLU A 26 -0.27 11.31 2.92
N GLU A 27 -0.39 10.46 3.93
CA GLU A 27 0.10 10.81 5.26
C GLU A 27 1.53 10.30 5.46
N ILE A 28 1.99 9.50 4.51
CA ILE A 28 3.35 8.95 4.58
C ILE A 28 4.36 9.94 4.03
N HIS A 29 4.32 10.16 2.72
CA HIS A 29 5.25 11.09 2.09
C HIS A 29 5.17 12.46 2.75
N LYS A 30 4.14 12.66 3.57
CA LYS A 30 3.98 13.93 4.27
C LYS A 30 4.79 13.95 5.55
N LYS A 31 5.14 12.76 6.05
CA LYS A 31 5.92 12.65 7.27
C LYS A 31 7.37 12.28 6.95
N LYS A 32 7.54 11.32 6.07
CA LYS A 32 8.87 10.87 5.67
C LYS A 32 9.62 12.01 4.98
N NH2 A 33 10.19 12.94 5.70
HN1 NH2 A 33 10.13 12.91 6.68
HN2 NH2 A 33 10.67 13.67 5.26
C ACE A 1 11.20 -20.85 13.01
O ACE A 1 10.23 -21.25 12.36
CH3 ACE A 1 12.53 -21.60 12.95
H1 ACE A 1 12.43 -22.46 12.31
H2 ACE A 1 12.80 -21.93 13.95
H3 ACE A 1 13.29 -20.95 12.57
N LYS A 2 11.16 -19.78 13.78
CA LYS A 2 9.95 -18.97 13.91
C LYS A 2 9.84 -17.98 12.76
N LYS A 3 10.13 -18.45 11.56
CA LYS A 3 10.06 -17.58 10.38
C LYS A 3 8.77 -17.82 9.61
N LYS A 4 7.69 -17.15 10.02
CA LYS A 4 6.41 -17.31 9.36
C LYS A 4 6.33 -16.43 8.12
N ASP A 5 6.32 -15.12 8.32
CA ASP A 5 6.26 -14.18 7.21
C ASP A 5 5.05 -14.48 6.33
N ASN A 6 3.90 -13.93 6.70
CA ASN A 6 2.67 -14.15 5.94
C ASN A 6 1.87 -12.85 5.84
N LEU A 7 1.72 -12.35 4.62
CA LEU A 7 0.97 -11.11 4.39
C LEU A 7 -0.11 -11.34 3.33
N LEU A 8 -0.79 -12.47 3.41
CA LEU A 8 -1.84 -12.80 2.46
C LEU A 8 -2.69 -11.56 2.15
N PHE A 9 -2.85 -10.71 3.16
CA PHE A 9 -3.63 -9.50 3.00
C PHE A 9 -3.15 -8.69 1.80
N GLY A 10 -1.84 -8.63 1.62
CA GLY A 10 -1.25 -7.89 0.52
C GLY A 10 -2.00 -8.18 -0.78
N SER A 11 -2.39 -9.43 -0.98
CA SER A 11 -3.12 -9.82 -2.18
C SER A 11 -4.33 -8.92 -2.38
N ILE A 12 -4.92 -8.50 -1.28
CA ILE A 12 -6.09 -7.63 -1.33
C ILE A 12 -5.68 -6.16 -1.29
N ILE A 13 -4.95 -5.79 -0.26
CA ILE A 13 -4.49 -4.41 -0.11
C ILE A 13 -3.64 -4.01 -1.31
N SER A 14 -2.56 -4.74 -1.55
CA SER A 14 -1.68 -4.43 -2.68
C SER A 14 -2.47 -4.42 -3.98
N ALA A 15 -3.64 -5.05 -3.97
CA ALA A 15 -4.48 -5.10 -5.15
C ALA A 15 -5.44 -3.92 -5.18
N VAL A 16 -5.85 -3.47 -3.99
CA VAL A 16 -6.78 -2.34 -3.89
C VAL A 16 -6.39 -1.25 -4.88
N ASP A 17 -7.29 -0.31 -5.11
CA ASP A 17 -7.03 0.79 -6.04
C ASP A 17 -6.35 1.96 -5.34
N PRO A 18 -5.54 2.72 -6.04
CA PRO A 18 -4.83 3.89 -5.44
C PRO A 18 -5.71 4.70 -4.50
N VAL A 19 -6.90 5.06 -4.98
CA VAL A 19 -7.84 5.84 -4.17
C VAL A 19 -7.87 5.34 -2.75
N ALA A 20 -7.65 4.04 -2.57
CA ALA A 20 -7.66 3.44 -1.25
C ALA A 20 -6.29 3.58 -0.60
N VAL A 21 -5.25 3.57 -1.42
CA VAL A 21 -3.88 3.69 -0.92
C VAL A 21 -3.52 5.16 -0.75
N LEU A 22 -4.31 6.04 -1.35
CA LEU A 22 -4.07 7.47 -1.26
C LEU A 22 -4.25 7.96 0.18
N ALA A 23 -5.43 7.72 0.73
CA ALA A 23 -5.73 8.14 2.09
C ALA A 23 -4.56 7.83 3.01
N VAL A 24 -3.78 6.82 2.65
CA VAL A 24 -2.61 6.43 3.44
C VAL A 24 -1.35 7.08 2.91
N PHE A 25 -1.03 6.76 1.65
CA PHE A 25 0.17 7.31 1.03
C PHE A 25 0.20 8.83 1.19
N GLU A 26 -0.92 9.41 1.59
CA GLU A 26 -1.00 10.85 1.77
C GLU A 26 -0.32 11.27 3.07
N GLU A 27 -0.35 10.37 4.06
CA GLU A 27 0.27 10.67 5.35
C GLU A 27 1.72 10.17 5.39
N ILE A 28 2.11 9.44 4.36
CA ILE A 28 3.46 8.90 4.29
C ILE A 28 4.42 9.93 3.72
N HIS A 29 4.28 10.21 2.42
CA HIS A 29 5.13 11.18 1.75
C HIS A 29 5.14 12.50 2.52
N LYS A 30 4.14 12.68 3.38
CA LYS A 30 4.04 13.90 4.17
C LYS A 30 4.76 13.74 5.50
N LYS A 31 4.99 12.50 5.90
CA LYS A 31 5.67 12.22 7.16
C LYS A 31 7.13 11.85 6.91
N LYS A 32 7.40 11.25 5.75
CA LYS A 32 8.75 10.86 5.40
C LYS A 32 9.69 12.06 5.42
N NH2 A 33 10.97 11.87 5.40
HN1 NH2 A 33 11.34 10.97 5.39
HN2 NH2 A 33 11.59 12.64 5.42
C ACE A 1 -5.43 3.63 7.29
O ACE A 1 -4.73 4.60 7.00
CH3 ACE A 1 -6.76 3.38 6.59
H1 ACE A 1 -7.14 4.32 6.20
H2 ACE A 1 -7.47 2.97 7.29
H3 ACE A 1 -6.61 2.70 5.77
N LYS A 2 -5.09 2.74 8.22
CA LYS A 2 -3.84 2.87 8.97
C LYS A 2 -3.18 1.50 9.13
N LYS A 3 -2.24 1.18 8.25
CA LYS A 3 -1.55 -0.10 8.32
C LYS A 3 -0.27 -0.05 7.48
N LYS A 4 0.79 -0.65 8.01
CA LYS A 4 2.07 -0.67 7.30
C LYS A 4 2.86 -1.92 7.67
N ASP A 5 2.24 -3.09 7.48
CA ASP A 5 2.91 -4.34 7.79
C ASP A 5 1.92 -5.50 7.67
N ASN A 6 1.98 -6.21 6.54
CA ASN A 6 1.10 -7.35 6.32
C ASN A 6 1.85 -8.51 5.69
N LEU A 7 1.16 -9.60 5.44
CA LEU A 7 1.77 -10.78 4.85
C LEU A 7 0.96 -11.25 3.64
N LEU A 8 -0.18 -11.88 3.89
CA LEU A 8 -1.03 -12.36 2.82
C LEU A 8 -2.03 -11.29 2.40
N PHE A 9 -2.46 -10.48 3.36
CA PHE A 9 -3.42 -9.42 3.07
C PHE A 9 -2.96 -8.58 1.89
N GLY A 10 -1.64 -8.45 1.74
CA GLY A 10 -1.08 -7.67 0.65
C GLY A 10 -1.78 -8.00 -0.66
N SER A 11 -2.08 -9.28 -0.87
CA SER A 11 -2.74 -9.70 -2.09
C SER A 11 -4.00 -8.87 -2.34
N ILE A 12 -4.65 -8.48 -1.25
CA ILE A 12 -5.87 -7.68 -1.34
C ILE A 12 -5.53 -6.19 -1.28
N ILE A 13 -4.85 -5.79 -0.20
CA ILE A 13 -4.47 -4.39 -0.04
C ILE A 13 -3.60 -3.93 -1.20
N SER A 14 -2.48 -4.63 -1.40
CA SER A 14 -1.56 -4.28 -2.47
C SER A 14 -2.29 -4.28 -3.82
N ALA A 15 -3.43 -4.95 -3.87
CA ALA A 15 -4.21 -5.01 -5.10
C ALA A 15 -5.22 -3.86 -5.14
N VAL A 16 -5.68 -3.45 -3.98
CA VAL A 16 -6.65 -2.35 -3.89
C VAL A 16 -6.28 -1.24 -4.87
N ASP A 17 -7.22 -0.35 -5.13
CA ASP A 17 -6.97 0.76 -6.07
C ASP A 17 -6.30 1.93 -5.35
N PRO A 18 -5.50 2.72 -6.03
CA PRO A 18 -4.81 3.89 -5.43
C PRO A 18 -5.72 4.68 -4.50
N VAL A 19 -6.91 5.03 -4.99
CA VAL A 19 -7.87 5.79 -4.21
C VAL A 19 -7.91 5.30 -2.78
N ALA A 20 -7.68 4.01 -2.60
CA ALA A 20 -7.70 3.41 -1.28
C ALA A 20 -6.34 3.58 -0.60
N VAL A 21 -5.29 3.56 -1.41
CA VAL A 21 -3.93 3.71 -0.89
C VAL A 21 -3.58 5.18 -0.71
N LEU A 22 -4.38 6.05 -1.33
CA LEU A 22 -4.15 7.49 -1.24
C LEU A 22 -4.35 7.97 0.19
N ALA A 23 -5.53 7.71 0.75
CA ALA A 23 -5.83 8.12 2.11
C ALA A 23 -4.64 7.87 3.03
N VAL A 24 -3.83 6.88 2.68
CA VAL A 24 -2.66 6.54 3.47
C VAL A 24 -1.42 7.20 2.89
N PHE A 25 -1.10 6.85 1.64
CA PHE A 25 0.07 7.42 0.98
C PHE A 25 0.12 8.93 1.14
N GLU A 26 -1.01 9.52 1.54
CA GLU A 26 -1.08 10.96 1.73
C GLU A 26 -0.34 11.37 3.00
N GLU A 27 -0.35 10.50 4.00
CA GLU A 27 0.31 10.80 5.26
C GLU A 27 1.75 10.29 5.25
N ILE A 28 2.02 9.29 4.42
CA ILE A 28 3.36 8.72 4.33
C ILE A 28 4.34 9.74 3.77
N HIS A 29 4.22 10.02 2.48
CA HIS A 29 5.11 10.99 1.83
C HIS A 29 5.11 12.31 2.60
N LYS A 30 4.13 12.48 3.48
CA LYS A 30 4.03 13.69 4.27
C LYS A 30 4.84 13.56 5.55
N LYS A 31 5.08 12.32 5.96
CA LYS A 31 5.84 12.06 7.17
C LYS A 31 7.33 11.91 6.86
N LYS A 32 7.62 11.40 5.65
CA LYS A 32 9.01 11.20 5.24
C LYS A 32 9.83 12.45 5.54
N NH2 A 33 11.14 12.35 5.62
HN1 NH2 A 33 11.57 11.48 5.49
HN2 NH2 A 33 11.67 13.14 5.82
C ACE A 1 10.57 -18.70 -2.91
O ACE A 1 9.97 -17.87 -2.23
CH3 ACE A 1 9.95 -20.07 -3.19
H1 ACE A 1 9.51 -20.46 -2.30
H2 ACE A 1 10.72 -20.74 -3.54
H3 ACE A 1 9.19 -19.97 -3.95
N LYS A 2 11.76 -18.47 -3.44
CA LYS A 2 12.45 -17.20 -3.25
C LYS A 2 11.90 -16.14 -4.20
N LYS A 3 10.93 -15.36 -3.73
CA LYS A 3 10.33 -14.32 -4.55
C LYS A 3 9.66 -13.27 -3.68
N LYS A 4 8.83 -12.43 -4.29
CA LYS A 4 8.12 -11.39 -3.56
C LYS A 4 6.87 -10.95 -4.31
N ASP A 5 6.14 -11.92 -4.85
CA ASP A 5 4.93 -11.63 -5.59
C ASP A 5 3.69 -11.90 -4.74
N ASN A 6 3.90 -12.01 -3.43
CA ASN A 6 2.80 -12.28 -2.52
C ASN A 6 2.23 -13.67 -2.74
N LEU A 7 1.40 -14.13 -1.80
CA LEU A 7 0.79 -15.45 -1.92
C LEU A 7 -0.67 -15.32 -2.35
N LEU A 8 -1.58 -15.55 -1.42
CA LEU A 8 -3.01 -15.45 -1.71
C LEU A 8 -3.50 -14.04 -1.42
N PHE A 9 -2.95 -13.45 -0.37
CA PHE A 9 -3.32 -12.11 0.03
C PHE A 9 -3.29 -11.17 -1.17
N GLY A 10 -2.30 -11.35 -2.03
CA GLY A 10 -2.15 -10.51 -3.21
C GLY A 10 -3.49 -10.34 -3.92
N SER A 11 -4.17 -11.45 -4.18
CA SER A 11 -5.46 -11.41 -4.85
C SER A 11 -6.39 -10.41 -4.18
N ILE A 12 -6.24 -10.26 -2.87
CA ILE A 12 -7.06 -9.35 -2.11
C ILE A 12 -6.42 -7.96 -2.03
N ILE A 13 -5.21 -7.92 -1.49
CA ILE A 13 -4.49 -6.66 -1.36
C ILE A 13 -4.13 -6.10 -2.73
N SER A 14 -3.38 -6.87 -3.50
CA SER A 14 -2.98 -6.43 -4.84
C SER A 14 -4.19 -5.93 -5.63
N ALA A 15 -5.38 -6.18 -5.09
CA ALA A 15 -6.61 -5.74 -5.75
C ALA A 15 -6.90 -4.28 -5.43
N VAL A 16 -6.49 -3.85 -4.24
CA VAL A 16 -6.72 -2.47 -3.81
C VAL A 16 -6.45 -1.50 -4.96
N ASP A 17 -6.91 -0.26 -4.81
CA ASP A 17 -6.69 0.75 -5.83
C ASP A 17 -6.09 2.02 -5.23
N PRO A 18 -5.34 2.78 -5.99
CA PRO A 18 -4.71 4.04 -5.49
C PRO A 18 -5.64 4.84 -4.59
N VAL A 19 -6.90 4.93 -4.99
CA VAL A 19 -7.89 5.68 -4.21
C VAL A 19 -7.89 5.23 -2.76
N ALA A 20 -7.65 3.94 -2.55
CA ALA A 20 -7.62 3.40 -1.20
C ALA A 20 -6.24 3.62 -0.58
N VAL A 21 -5.21 3.59 -1.41
CA VAL A 21 -3.84 3.79 -0.95
C VAL A 21 -3.55 5.27 -0.77
N LEU A 22 -4.38 6.10 -1.39
CA LEU A 22 -4.20 7.55 -1.30
C LEU A 22 -4.35 8.03 0.13
N ALA A 23 -5.51 7.74 0.72
CA ALA A 23 -5.78 8.15 2.11
C ALA A 23 -4.56 7.91 2.99
N VAL A 24 -3.78 6.89 2.64
CA VAL A 24 -2.57 6.57 3.40
C VAL A 24 -1.36 7.27 2.82
N PHE A 25 -1.07 6.99 1.55
CA PHE A 25 0.07 7.60 0.88
C PHE A 25 0.10 9.10 1.14
N GLU A 26 -1.03 9.64 1.61
CA GLU A 26 -1.12 11.07 1.89
C GLU A 26 -0.36 11.41 3.17
N GLU A 27 -0.37 10.48 4.12
CA GLU A 27 0.31 10.70 5.39
C GLU A 27 1.74 10.19 5.33
N ILE A 28 1.99 9.27 4.40
CA ILE A 28 3.33 8.69 4.25
C ILE A 28 4.30 9.73 3.70
N HIS A 29 4.15 10.05 2.41
CA HIS A 29 5.03 11.02 1.78
C HIS A 29 5.06 12.32 2.59
N LYS A 30 4.08 12.48 3.46
CA LYS A 30 4.01 13.67 4.30
C LYS A 30 4.83 13.48 5.57
N LYS A 31 5.03 12.22 5.94
CA LYS A 31 5.81 11.89 7.14
C LYS A 31 7.28 11.80 6.80
N LYS A 32 7.59 11.33 5.60
CA LYS A 32 8.98 11.19 5.17
C LYS A 32 9.78 12.44 5.53
N NH2 A 33 9.38 13.60 5.07
HN1 NH2 A 33 8.58 13.66 4.51
HN2 NH2 A 33 9.89 14.41 5.30
C ACE A 1 24.56 -2.37 -5.53
O ACE A 1 24.52 -3.60 -5.63
CH3 ACE A 1 25.89 -1.64 -5.40
H1 ACE A 1 26.49 -1.83 -6.28
H2 ACE A 1 26.41 -2.00 -4.52
H3 ACE A 1 25.71 -0.58 -5.31
N LYS A 2 23.46 -1.61 -5.53
CA LYS A 2 22.14 -2.20 -5.65
C LYS A 2 22.01 -3.44 -4.76
N LYS A 3 20.99 -4.24 -5.02
CA LYS A 3 20.76 -5.45 -4.23
C LYS A 3 19.73 -6.34 -4.90
N LYS A 4 18.62 -5.73 -5.32
CA LYS A 4 17.56 -6.49 -5.99
C LYS A 4 17.14 -7.67 -5.13
N ASP A 5 16.20 -7.44 -4.21
CA ASP A 5 15.72 -8.49 -3.33
C ASP A 5 14.46 -9.13 -3.91
N ASN A 6 13.31 -8.76 -3.35
CA ASN A 6 12.04 -9.30 -3.82
C ASN A 6 10.91 -8.33 -3.54
N LEU A 7 9.87 -8.37 -4.37
CA LEU A 7 8.72 -7.49 -4.19
C LEU A 7 7.52 -8.00 -5.00
N LEU A 8 7.58 -9.27 -5.39
CA LEU A 8 6.49 -9.87 -6.17
C LEU A 8 5.15 -9.50 -5.56
N PHE A 9 5.11 -9.35 -4.25
CA PHE A 9 3.87 -8.99 -3.56
C PHE A 9 3.27 -7.73 -4.17
N GLY A 10 4.13 -6.80 -4.59
CA GLY A 10 3.66 -5.56 -5.19
C GLY A 10 2.56 -5.83 -6.21
N SER A 11 2.73 -6.90 -6.99
CA SER A 11 1.74 -7.25 -8.00
C SER A 11 0.34 -7.31 -7.38
N ILE A 12 0.28 -7.73 -6.13
CA ILE A 12 -1.00 -7.83 -5.43
C ILE A 12 -1.29 -6.54 -4.67
N ILE A 13 -0.38 -6.16 -3.78
CA ILE A 13 -0.55 -4.95 -2.99
C ILE A 13 -0.69 -3.74 -3.91
N SER A 14 0.35 -3.48 -4.71
CA SER A 14 0.33 -2.35 -5.62
C SER A 14 -0.95 -2.36 -6.46
N ALA A 15 -1.70 -3.45 -6.38
CA ALA A 15 -2.94 -3.57 -7.14
C ALA A 15 -4.07 -2.83 -6.42
N VAL A 16 -4.03 -2.84 -5.09
CA VAL A 16 -5.05 -2.17 -4.31
C VAL A 16 -5.36 -0.78 -4.89
N ASP A 17 -6.63 -0.57 -5.26
CA ASP A 17 -7.05 0.70 -5.83
C ASP A 17 -6.36 1.87 -5.10
N PRO A 18 -5.37 2.50 -5.68
CA PRO A 18 -4.65 3.63 -5.03
C PRO A 18 -5.62 4.63 -4.41
N VAL A 19 -6.87 4.60 -4.87
CA VAL A 19 -7.88 5.52 -4.36
C VAL A 19 -8.15 5.22 -2.89
N ALA A 20 -8.04 3.94 -2.52
CA ALA A 20 -8.26 3.53 -1.14
C ALA A 20 -6.99 3.73 -0.31
N VAL A 21 -5.85 3.70 -0.99
CA VAL A 21 -4.57 3.88 -0.31
C VAL A 21 -4.22 5.36 -0.23
N LEU A 22 -4.72 6.13 -1.18
CA LEU A 22 -4.45 7.57 -1.21
C LEU A 22 -4.53 8.15 0.20
N ALA A 23 -5.73 8.13 0.78
CA ALA A 23 -5.93 8.66 2.12
C ALA A 23 -4.76 8.30 3.03
N VAL A 24 -4.10 7.20 2.71
CA VAL A 24 -2.96 6.75 3.50
C VAL A 24 -1.67 7.28 2.91
N PHE A 25 -1.37 6.87 1.68
CA PHE A 25 -0.16 7.31 1.01
C PHE A 25 0.00 8.83 1.13
N GLU A 26 -1.06 9.50 1.54
CA GLU A 26 -1.03 10.95 1.67
C GLU A 26 -0.28 11.36 2.94
N GLU A 27 -0.32 10.51 3.96
CA GLU A 27 0.36 10.80 5.21
C GLU A 27 1.79 10.25 5.19
N ILE A 28 2.02 9.23 4.37
CA ILE A 28 3.33 8.62 4.26
C ILE A 28 4.35 9.60 3.69
N HIS A 29 4.26 9.86 2.39
CA HIS A 29 5.18 10.77 1.73
C HIS A 29 5.22 12.10 2.47
N LYS A 30 4.24 12.32 3.34
CA LYS A 30 4.18 13.56 4.11
C LYS A 30 4.99 13.41 5.40
N LYS A 31 5.17 12.18 5.84
CA LYS A 31 5.93 11.91 7.05
C LYS A 31 7.41 11.73 6.73
N LYS A 32 7.69 11.23 5.53
CA LYS A 32 9.07 11.01 5.12
C LYS A 32 9.94 12.21 5.48
N NH2 A 33 10.62 12.21 6.60
HN1 NH2 A 33 10.57 11.43 7.19
HN2 NH2 A 33 11.18 12.98 6.84
C ACE A 1 9.06 -20.47 -13.24
O ACE A 1 8.77 -19.45 -12.63
CH3 ACE A 1 10.37 -20.56 -14.03
H1 ACE A 1 10.14 -20.57 -15.09
H2 ACE A 1 10.89 -21.47 -13.77
H3 ACE A 1 10.99 -19.71 -13.80
N LYS A 2 8.30 -21.56 -13.25
CA LYS A 2 7.03 -21.59 -12.53
C LYS A 2 7.26 -21.95 -11.07
N LYS A 3 8.20 -21.28 -10.43
CA LYS A 3 8.51 -21.54 -9.03
C LYS A 3 7.86 -20.49 -8.14
N LYS A 4 7.38 -20.91 -6.97
CA LYS A 4 6.74 -20.00 -6.04
C LYS A 4 5.66 -19.17 -6.74
N ASP A 5 4.47 -19.76 -6.87
CA ASP A 5 3.36 -19.06 -7.51
C ASP A 5 2.40 -18.49 -6.48
N ASN A 6 1.24 -19.11 -6.35
CA ASN A 6 0.25 -18.64 -5.39
C ASN A 6 -0.07 -17.17 -5.61
N LEU A 7 -0.84 -16.89 -6.66
CA LEU A 7 -1.20 -15.51 -6.96
C LEU A 7 -2.62 -15.22 -6.50
N LEU A 8 -3.27 -16.22 -5.89
CA LEU A 8 -4.63 -16.06 -5.40
C LEU A 8 -4.78 -14.72 -4.68
N PHE A 9 -3.71 -14.27 -4.03
CA PHE A 9 -3.73 -13.02 -3.30
C PHE A 9 -4.29 -11.90 -4.18
N GLY A 10 -4.00 -11.96 -5.47
CA GLY A 10 -4.48 -10.96 -6.40
C GLY A 10 -5.95 -10.61 -6.13
N SER A 11 -6.75 -11.64 -5.88
CA SER A 11 -8.17 -11.43 -5.61
C SER A 11 -8.36 -10.33 -4.57
N ILE A 12 -7.41 -10.25 -3.65
CA ILE A 12 -7.47 -9.24 -2.60
C ILE A 12 -6.68 -8.00 -3.01
N ILE A 13 -5.40 -8.19 -3.29
CA ILE A 13 -4.54 -7.08 -3.69
C ILE A 13 -5.10 -6.40 -4.94
N SER A 14 -5.43 -7.19 -5.95
CA SER A 14 -5.96 -6.65 -7.19
C SER A 14 -7.28 -5.93 -6.92
N ALA A 15 -7.70 -5.91 -5.66
CA ALA A 15 -8.95 -5.25 -5.29
C ALA A 15 -8.69 -3.79 -4.92
N VAL A 16 -7.66 -3.56 -4.11
CA VAL A 16 -7.33 -2.21 -3.70
C VAL A 16 -6.85 -1.37 -4.87
N ASP A 17 -7.02 -0.07 -4.77
CA ASP A 17 -6.59 0.84 -5.84
C ASP A 17 -5.96 2.10 -5.24
N PRO A 18 -5.12 2.79 -5.98
CA PRO A 18 -4.47 4.04 -5.51
C PRO A 18 -5.41 4.91 -4.69
N VAL A 19 -6.67 4.99 -5.13
CA VAL A 19 -7.66 5.79 -4.43
C VAL A 19 -7.79 5.33 -2.99
N ALA A 20 -7.68 4.02 -2.78
CA ALA A 20 -7.78 3.45 -1.45
C ALA A 20 -6.46 3.59 -0.72
N VAL A 21 -5.37 3.53 -1.48
CA VAL A 21 -4.03 3.64 -0.91
C VAL A 21 -3.69 5.10 -0.66
N LEU A 22 -4.37 6.00 -1.37
CA LEU A 22 -4.13 7.43 -1.23
C LEU A 22 -4.27 7.86 0.23
N ALA A 23 -5.45 7.64 0.79
CA ALA A 23 -5.72 8.00 2.17
C ALA A 23 -4.52 7.66 3.06
N VAL A 24 -3.75 6.66 2.63
CA VAL A 24 -2.57 6.24 3.39
C VAL A 24 -1.32 6.93 2.85
N PHE A 25 -0.99 6.62 1.60
CA PHE A 25 0.20 7.19 0.96
C PHE A 25 0.22 8.71 1.15
N GLU A 26 -0.89 9.27 1.60
CA GLU A 26 -0.99 10.71 1.82
C GLU A 26 -0.30 11.10 3.12
N GLU A 27 -0.32 10.19 4.09
CA GLU A 27 0.30 10.46 5.39
C GLU A 27 1.75 10.00 5.39
N ILE A 28 2.14 9.24 4.38
CA ILE A 28 3.51 8.76 4.29
C ILE A 28 4.44 9.84 3.76
N HIS A 29 4.30 10.15 2.48
CA HIS A 29 5.12 11.19 1.85
C HIS A 29 5.02 12.50 2.64
N LYS A 30 4.02 12.57 3.52
CA LYS A 30 3.82 13.77 4.33
C LYS A 30 4.66 13.70 5.59
N LYS A 31 5.06 12.49 5.97
CA LYS A 31 5.87 12.30 7.16
C LYS A 31 7.35 12.27 6.81
N LYS A 32 7.66 11.76 5.62
CA LYS A 32 9.05 11.68 5.17
C LYS A 32 9.80 12.95 5.52
N NH2 A 33 11.05 12.88 5.89
HN1 NH2 A 33 11.50 12.01 5.91
HN2 NH2 A 33 11.55 13.70 6.11
C ACE A 1 9.54 -22.61 13.94
O ACE A 1 9.94 -23.18 12.93
CH3 ACE A 1 10.23 -22.83 15.29
H1 ACE A 1 10.33 -23.90 15.47
H2 ACE A 1 9.63 -22.39 16.07
H3 ACE A 1 11.21 -22.37 15.28
N LYS A 2 8.52 -21.77 13.94
CA LYS A 2 7.78 -21.47 12.72
C LYS A 2 8.60 -20.54 11.81
N LYS A 3 7.98 -20.09 10.73
CA LYS A 3 8.66 -19.19 9.81
C LYS A 3 8.21 -17.75 10.03
N LYS A 4 8.61 -16.87 9.11
CA LYS A 4 8.24 -15.46 9.23
C LYS A 4 8.34 -14.78 7.86
N ASP A 5 7.30 -14.96 7.05
CA ASP A 5 7.28 -14.35 5.72
C ASP A 5 6.01 -14.75 4.98
N ASN A 6 5.01 -13.86 5.03
CA ASN A 6 3.74 -14.12 4.36
C ASN A 6 2.75 -13.00 4.63
N LEU A 7 2.69 -12.04 3.73
CA LEU A 7 1.77 -10.91 3.88
C LEU A 7 0.53 -11.10 3.00
N LEU A 8 -0.21 -12.16 3.27
CA LEU A 8 -1.42 -12.45 2.50
C LEU A 8 -2.20 -11.16 2.23
N PHE A 9 -1.96 -10.15 3.06
CA PHE A 9 -2.65 -8.87 2.90
C PHE A 9 -2.30 -8.22 1.57
N GLY A 10 -1.02 -8.31 1.21
CA GLY A 10 -0.55 -7.73 -0.05
C GLY A 10 -1.51 -8.04 -1.19
N SER A 11 -1.95 -9.31 -1.26
CA SER A 11 -2.86 -9.72 -2.31
C SER A 11 -4.15 -8.91 -2.25
N ILE A 12 -4.49 -8.43 -1.06
CA ILE A 12 -5.69 -7.63 -0.88
C ILE A 12 -5.38 -6.14 -1.03
N ILE A 13 -4.40 -5.67 -0.27
CA ILE A 13 -4.01 -4.27 -0.33
C ILE A 13 -3.34 -3.95 -1.67
N SER A 14 -2.21 -4.59 -1.93
CA SER A 14 -1.49 -4.38 -3.17
C SER A 14 -2.44 -4.48 -4.37
N ALA A 15 -3.59 -5.09 -4.15
CA ALA A 15 -4.58 -5.26 -5.21
C ALA A 15 -5.54 -4.07 -5.22
N VAL A 16 -5.78 -3.50 -4.04
CA VAL A 16 -6.68 -2.36 -3.94
C VAL A 16 -6.29 -1.27 -4.93
N ASP A 17 -7.18 -0.30 -5.14
CA ASP A 17 -6.90 0.78 -6.07
C ASP A 17 -6.22 1.96 -5.35
N PRO A 18 -5.41 2.74 -6.04
CA PRO A 18 -4.71 3.91 -5.43
C PRO A 18 -5.62 4.72 -4.50
N VAL A 19 -6.80 5.07 -5.01
CA VAL A 19 -7.75 5.85 -4.23
C VAL A 19 -7.82 5.34 -2.79
N ALA A 20 -7.60 4.05 -2.62
CA ALA A 20 -7.63 3.45 -1.30
C ALA A 20 -6.28 3.58 -0.61
N VAL A 21 -5.23 3.58 -1.41
CA VAL A 21 -3.87 3.71 -0.87
C VAL A 21 -3.52 5.18 -0.67
N LEU A 22 -4.30 6.06 -1.31
CA LEU A 22 -4.06 7.49 -1.19
C LEU A 22 -4.27 7.96 0.25
N ALA A 23 -5.46 7.70 0.78
CA ALA A 23 -5.78 8.09 2.15
C ALA A 23 -4.60 7.81 3.08
N VAL A 24 -3.80 6.82 2.71
CA VAL A 24 -2.64 6.45 3.52
C VAL A 24 -1.38 7.14 2.97
N PHE A 25 -1.04 6.81 1.74
CA PHE A 25 0.14 7.38 1.10
C PHE A 25 0.14 8.90 1.27
N GLU A 26 -1.00 9.46 1.65
CA GLU A 26 -1.10 10.90 1.83
C GLU A 26 -0.43 11.34 3.12
N GLU A 27 -0.42 10.46 4.11
CA GLU A 27 0.20 10.77 5.39
C GLU A 27 1.66 10.30 5.42
N ILE A 28 2.03 9.49 4.45
CA ILE A 28 3.39 8.97 4.38
C ILE A 28 4.33 9.99 3.74
N HIS A 29 4.14 10.23 2.45
CA HIS A 29 4.97 11.19 1.74
C HIS A 29 5.01 12.52 2.49
N LYS A 30 4.08 12.70 3.42
CA LYS A 30 4.02 13.93 4.20
C LYS A 30 4.87 13.79 5.47
N LYS A 31 5.08 12.54 5.88
CA LYS A 31 5.87 12.28 7.08
C LYS A 31 7.28 11.85 6.69
N LYS A 32 7.37 10.91 5.77
CA LYS A 32 8.67 10.42 5.31
C LYS A 32 9.49 11.56 4.70
N NH2 A 33 10.75 11.69 5.01
HN1 NH2 A 33 11.17 11.04 5.62
HN2 NH2 A 33 11.28 12.42 4.63
C ACE A 1 14.97 -5.36 -2.28
O ACE A 1 14.90 -6.19 -3.18
CH3 ACE A 1 15.60 -4.00 -2.53
H1 ACE A 1 15.30 -3.63 -3.50
H2 ACE A 1 16.68 -4.09 -2.50
H3 ACE A 1 15.28 -3.30 -1.76
N LYS A 2 14.51 -5.58 -1.05
CA LYS A 2 13.88 -6.84 -0.69
C LYS A 2 12.36 -6.73 -0.80
N LYS A 3 11.81 -7.25 -1.89
CA LYS A 3 10.37 -7.20 -2.09
C LYS A 3 9.85 -8.55 -2.60
N LYS A 4 10.78 -9.41 -3.01
CA LYS A 4 10.42 -10.73 -3.51
C LYS A 4 10.18 -11.70 -2.36
N ASP A 5 9.37 -11.28 -1.39
CA ASP A 5 9.07 -12.12 -0.24
C ASP A 5 7.72 -12.83 -0.42
N ASN A 6 6.70 -12.31 0.24
CA ASN A 6 5.37 -12.90 0.14
C ASN A 6 4.30 -11.85 0.41
N LEU A 7 4.34 -11.27 1.61
CA LEU A 7 3.37 -10.24 1.97
C LEU A 7 1.94 -10.78 1.83
N LEU A 8 1.60 -11.76 2.66
CA LEU A 8 0.27 -12.36 2.61
C LEU A 8 -0.80 -11.27 2.43
N PHE A 9 -0.44 -10.04 2.81
CA PHE A 9 -1.39 -8.93 2.68
C PHE A 9 -1.26 -8.27 1.31
N GLY A 10 -0.03 -8.13 0.84
CA GLY A 10 0.22 -7.52 -0.46
C GLY A 10 -0.76 -8.04 -1.50
N SER A 11 -1.01 -9.34 -1.47
CA SER A 11 -1.94 -9.94 -2.43
C SER A 11 -3.26 -9.19 -2.44
N ILE A 12 -3.64 -8.68 -1.27
CA ILE A 12 -4.88 -7.92 -1.14
C ILE A 12 -4.62 -6.43 -1.34
N ILE A 13 -3.76 -5.87 -0.50
CA ILE A 13 -3.45 -4.45 -0.60
C ILE A 13 -2.92 -4.11 -1.99
N SER A 14 -1.78 -4.71 -2.35
CA SER A 14 -1.18 -4.46 -3.66
C SER A 14 -2.23 -4.54 -4.75
N ALA A 15 -3.37 -5.16 -4.43
CA ALA A 15 -4.46 -5.29 -5.40
C ALA A 15 -5.41 -4.11 -5.29
N VAL A 16 -5.55 -3.58 -4.09
CA VAL A 16 -6.44 -2.44 -3.87
C VAL A 16 -6.16 -1.35 -4.89
N ASP A 17 -7.07 -0.38 -4.99
CA ASP A 17 -6.91 0.71 -5.95
C ASP A 17 -6.24 1.92 -5.30
N PRO A 18 -5.50 2.72 -6.04
CA PRO A 18 -4.82 3.93 -5.50
C PRO A 18 -5.72 4.72 -4.54
N VAL A 19 -6.92 5.05 -5.01
CA VAL A 19 -7.86 5.80 -4.19
C VAL A 19 -7.88 5.29 -2.77
N ALA A 20 -7.63 3.99 -2.61
CA ALA A 20 -7.62 3.39 -1.29
C ALA A 20 -6.26 3.57 -0.63
N VAL A 21 -5.22 3.65 -1.45
CA VAL A 21 -3.86 3.82 -0.94
C VAL A 21 -3.57 5.30 -0.69
N LEU A 22 -4.34 6.17 -1.36
CA LEU A 22 -4.16 7.60 -1.21
C LEU A 22 -4.37 8.03 0.25
N ALA A 23 -5.54 7.71 0.77
CA ALA A 23 -5.86 8.07 2.16
C ALA A 23 -4.67 7.83 3.07
N VAL A 24 -3.83 6.88 2.68
CA VAL A 24 -2.63 6.56 3.47
C VAL A 24 -1.41 7.28 2.91
N PHE A 25 -1.07 6.96 1.67
CA PHE A 25 0.08 7.58 1.03
C PHE A 25 0.07 9.09 1.23
N GLU A 26 -1.08 9.63 1.62
CA GLU A 26 -1.20 11.06 1.84
C GLU A 26 -0.44 11.47 3.10
N GLU A 27 -0.42 10.58 4.08
CA GLU A 27 0.27 10.87 5.33
C GLU A 27 1.72 10.37 5.28
N ILE A 28 1.96 9.32 4.48
CA ILE A 28 3.29 8.76 4.36
C ILE A 28 4.26 9.78 3.77
N HIS A 29 4.13 10.02 2.47
CA HIS A 29 5.01 10.97 1.79
C HIS A 29 5.11 12.26 2.59
N LYS A 30 4.09 12.54 3.39
CA LYS A 30 4.08 13.75 4.22
C LYS A 30 4.95 13.54 5.45
N LYS A 31 5.03 12.29 5.89
CA LYS A 31 5.82 11.96 7.06
C LYS A 31 7.30 11.83 6.69
N LYS A 32 7.58 10.97 5.73
CA LYS A 32 8.95 10.75 5.27
C LYS A 32 9.68 12.09 5.14
N NH2 A 33 9.07 13.09 4.58
HN1 NH2 A 33 8.15 13.00 4.26
HN2 NH2 A 33 9.53 13.95 4.49
C ACE A 1 10.61 -9.71 -1.88
O ACE A 1 10.93 -9.97 -3.03
CH3 ACE A 1 9.47 -8.75 -1.57
H1 ACE A 1 9.62 -8.33 -0.58
H2 ACE A 1 8.54 -9.28 -1.60
H3 ACE A 1 9.47 -7.95 -2.29
N LYS A 2 11.23 -10.25 -0.82
CA LYS A 2 12.34 -11.18 -1.00
C LYS A 2 11.81 -12.56 -1.37
N LYS A 3 11.78 -12.85 -2.66
CA LYS A 3 11.30 -14.14 -3.14
C LYS A 3 9.93 -14.44 -2.57
N LYS A 4 9.26 -13.42 -2.05
CA LYS A 4 7.95 -13.59 -1.47
C LYS A 4 7.98 -14.63 -0.36
N ASP A 5 8.16 -14.17 0.87
CA ASP A 5 8.22 -15.07 2.02
C ASP A 5 6.90 -15.06 2.77
N ASN A 6 6.00 -14.16 2.38
CA ASN A 6 4.70 -14.06 3.03
C ASN A 6 3.73 -13.28 2.15
N LEU A 7 3.55 -12.00 2.47
CA LEU A 7 2.64 -11.16 1.70
C LEU A 7 1.28 -11.84 1.52
N LEU A 8 0.57 -12.03 2.63
CA LEU A 8 -0.73 -12.69 2.58
C LEU A 8 -1.83 -11.66 2.34
N PHE A 9 -1.62 -10.44 2.83
CA PHE A 9 -2.60 -9.38 2.66
C PHE A 9 -2.40 -8.67 1.32
N GLY A 10 -1.28 -8.96 0.66
CA GLY A 10 -0.97 -8.34 -0.62
C GLY A 10 -2.10 -8.57 -1.62
N SER A 11 -2.62 -9.80 -1.63
CA SER A 11 -3.71 -10.13 -2.55
C SER A 11 -4.89 -9.20 -2.34
N ILE A 12 -5.04 -8.69 -1.13
CA ILE A 12 -6.12 -7.78 -0.81
C ILE A 12 -5.69 -6.33 -1.04
N ILE A 13 -4.57 -5.95 -0.44
CA ILE A 13 -4.07 -4.58 -0.60
C ILE A 13 -3.55 -4.36 -2.01
N SER A 14 -2.50 -5.08 -2.38
CA SER A 14 -1.92 -4.94 -3.71
C SER A 14 -3.02 -4.98 -4.78
N ALA A 15 -4.19 -5.46 -4.38
CA ALA A 15 -5.32 -5.54 -5.31
C ALA A 15 -6.15 -4.26 -5.25
N VAL A 16 -6.21 -3.66 -4.06
CA VAL A 16 -6.98 -2.43 -3.89
C VAL A 16 -6.55 -1.39 -4.91
N ASP A 17 -7.34 -0.33 -5.05
CA ASP A 17 -7.03 0.72 -6.02
C ASP A 17 -6.34 1.91 -5.33
N PRO A 18 -5.51 2.65 -6.05
CA PRO A 18 -4.79 3.83 -5.47
C PRO A 18 -5.68 4.68 -4.57
N VAL A 19 -6.84 5.05 -5.09
CA VAL A 19 -7.78 5.87 -4.34
C VAL A 19 -7.89 5.39 -2.89
N ALA A 20 -7.72 4.09 -2.71
CA ALA A 20 -7.79 3.50 -1.38
C ALA A 20 -6.44 3.61 -0.67
N VAL A 21 -5.37 3.61 -1.45
CA VAL A 21 -4.03 3.71 -0.90
C VAL A 21 -3.65 5.17 -0.69
N LEU A 22 -4.37 6.06 -1.37
CA LEU A 22 -4.10 7.49 -1.26
C LEU A 22 -4.26 7.96 0.19
N ALA A 23 -5.46 7.78 0.73
CA ALA A 23 -5.74 8.18 2.10
C ALA A 23 -4.58 7.83 3.01
N VAL A 24 -3.81 6.82 2.63
CA VAL A 24 -2.66 6.39 3.41
C VAL A 24 -1.39 7.04 2.89
N PHE A 25 -1.03 6.71 1.65
CA PHE A 25 0.18 7.27 1.05
C PHE A 25 0.22 8.78 1.22
N GLU A 26 -0.91 9.36 1.61
CA GLU A 26 -0.99 10.80 1.81
C GLU A 26 -0.27 11.22 3.09
N GLU A 27 -0.25 10.32 4.07
CA GLU A 27 0.40 10.62 5.35
C GLU A 27 1.87 10.19 5.31
N ILE A 28 2.18 9.25 4.43
CA ILE A 28 3.55 8.75 4.31
C ILE A 28 4.47 9.83 3.74
N HIS A 29 4.34 10.10 2.46
CA HIS A 29 5.17 11.11 1.81
C HIS A 29 5.14 12.41 2.60
N LYS A 30 4.14 12.55 3.46
CA LYS A 30 4.01 13.75 4.27
C LYS A 30 4.81 13.60 5.57
N LYS A 31 5.01 12.35 5.97
CA LYS A 31 5.76 12.07 7.19
C LYS A 31 7.27 12.06 6.90
N LYS A 32 7.63 11.66 5.69
CA LYS A 32 9.03 11.59 5.30
C LYS A 32 9.76 12.87 5.73
N NH2 A 33 10.55 12.84 6.77
HN1 NH2 A 33 10.67 12.00 7.26
HN2 NH2 A 33 11.02 13.65 7.05
C ACE A 1 5.81 -14.98 11.91
O ACE A 1 5.51 -15.42 10.79
CH3 ACE A 1 7.00 -15.55 12.67
H1 ACE A 1 7.84 -15.68 12.00
H2 ACE A 1 6.73 -16.52 13.09
H3 ACE A 1 7.27 -14.88 13.48
N LYS A 2 5.13 -14.03 12.53
CA LYS A 2 3.96 -13.40 11.89
C LYS A 2 4.36 -12.09 11.23
N LYS A 3 5.44 -12.11 10.46
CA LYS A 3 5.91 -10.91 9.78
C LYS A 3 5.48 -10.92 8.31
N LYS A 4 6.23 -10.22 7.48
CA LYS A 4 5.92 -10.15 6.06
C LYS A 4 5.88 -11.56 5.46
N ASP A 5 7.05 -12.06 5.06
CA ASP A 5 7.13 -13.39 4.47
C ASP A 5 6.26 -13.47 3.22
N ASN A 6 6.83 -13.08 2.08
CA ASN A 6 6.11 -13.11 0.82
C ASN A 6 5.11 -11.96 0.75
N LEU A 7 4.04 -12.16 -0.02
CA LEU A 7 3.03 -11.13 -0.18
C LEU A 7 1.63 -11.74 -0.06
N LEU A 8 1.36 -12.40 1.06
CA LEU A 8 0.07 -13.01 1.28
C LEU A 8 -1.03 -11.95 1.35
N PHE A 9 -0.64 -10.76 1.75
CA PHE A 9 -1.60 -9.65 1.85
C PHE A 9 -1.69 -8.90 0.53
N GLY A 10 -0.68 -9.08 -0.31
CA GLY A 10 -0.66 -8.41 -1.60
C GLY A 10 -1.97 -8.62 -2.35
N SER A 11 -2.61 -9.76 -2.11
CA SER A 11 -3.87 -10.06 -2.76
C SER A 11 -4.96 -9.11 -2.30
N ILE A 12 -4.76 -8.54 -1.11
CA ILE A 12 -5.73 -7.60 -0.55
C ILE A 12 -5.36 -6.17 -0.92
N ILE A 13 -4.09 -5.82 -0.72
CA ILE A 13 -3.62 -4.46 -1.03
C ILE A 13 -3.41 -4.32 -2.54
N SER A 14 -2.44 -5.06 -3.07
CA SER A 14 -2.15 -4.99 -4.50
C SER A 14 -3.44 -5.08 -5.31
N ALA A 15 -4.52 -5.51 -4.67
CA ALA A 15 -5.80 -5.63 -5.34
C ALA A 15 -6.59 -4.34 -5.24
N VAL A 16 -6.47 -3.66 -4.10
CA VAL A 16 -7.17 -2.41 -3.89
C VAL A 16 -6.74 -1.37 -4.93
N ASP A 17 -7.50 -0.28 -5.03
CA ASP A 17 -7.19 0.77 -6.00
C ASP A 17 -6.45 1.94 -5.33
N PRO A 18 -5.63 2.66 -6.08
CA PRO A 18 -4.87 3.82 -5.53
C PRO A 18 -5.72 4.69 -4.59
N VAL A 19 -6.88 5.10 -5.07
CA VAL A 19 -7.78 5.93 -4.27
C VAL A 19 -7.85 5.43 -2.84
N ALA A 20 -7.70 4.13 -2.68
CA ALA A 20 -7.75 3.52 -1.35
C ALA A 20 -6.37 3.59 -0.68
N VAL A 21 -5.33 3.56 -1.50
CA VAL A 21 -3.97 3.63 -0.98
C VAL A 21 -3.55 5.07 -0.75
N LEU A 22 -4.26 5.99 -1.41
CA LEU A 22 -3.97 7.41 -1.27
C LEU A 22 -4.16 7.87 0.17
N ALA A 23 -5.36 7.65 0.69
CA ALA A 23 -5.67 8.05 2.05
C ALA A 23 -4.51 7.73 2.99
N VAL A 24 -3.72 6.74 2.62
CA VAL A 24 -2.58 6.34 3.42
C VAL A 24 -1.31 7.00 2.89
N PHE A 25 -0.92 6.64 1.68
CA PHE A 25 0.28 7.21 1.07
C PHE A 25 0.30 8.73 1.22
N GLU A 26 -0.85 9.30 1.57
CA GLU A 26 -0.94 10.75 1.73
C GLU A 26 -0.26 11.20 3.02
N GLU A 27 -0.25 10.33 4.02
CA GLU A 27 0.38 10.66 5.30
C GLU A 27 1.85 10.23 5.31
N ILE A 28 2.19 9.28 4.45
CA ILE A 28 3.56 8.79 4.37
C ILE A 28 4.48 9.86 3.81
N HIS A 29 4.38 10.10 2.51
CA HIS A 29 5.22 11.10 1.85
C HIS A 29 5.16 12.41 2.61
N LYS A 30 4.15 12.57 3.45
CA LYS A 30 3.99 13.79 4.23
C LYS A 30 4.76 13.67 5.54
N LYS A 31 4.96 12.44 5.98
CA LYS A 31 5.69 12.18 7.22
C LYS A 31 7.19 12.17 6.97
N LYS A 32 7.58 11.74 5.77
CA LYS A 32 8.99 11.69 5.42
C LYS A 32 9.70 12.98 5.83
N NH2 A 33 9.41 14.09 5.22
HN1 NH2 A 33 8.74 14.10 4.51
HN2 NH2 A 33 9.86 14.92 5.48
C ACE A 1 5.04 -1.31 18.75
O ACE A 1 5.66 -2.34 18.99
CH3 ACE A 1 4.85 -0.23 19.82
H1 ACE A 1 5.70 -0.24 20.48
H2 ACE A 1 3.94 -0.43 20.38
H3 ACE A 1 4.77 0.74 19.35
N LYS A 2 4.47 -1.06 17.57
CA LYS A 2 4.58 -2.02 16.47
C LYS A 2 4.84 -1.28 15.15
N LYS A 3 5.39 -2.01 14.19
CA LYS A 3 5.69 -1.41 12.89
C LYS A 3 4.63 -1.82 11.86
N LYS A 4 5.03 -1.85 10.59
CA LYS A 4 4.11 -2.23 9.53
C LYS A 4 4.86 -2.44 8.22
N ASP A 5 5.29 -3.67 7.97
CA ASP A 5 6.02 -3.99 6.75
C ASP A 5 5.07 -4.47 5.66
N ASN A 6 5.06 -5.77 5.40
CA ASN A 6 4.20 -6.33 4.38
C ASN A 6 4.11 -7.85 4.53
N LEU A 7 2.88 -8.38 4.51
CA LEU A 7 2.68 -9.81 4.65
C LEU A 7 1.67 -10.31 3.62
N LEU A 8 1.04 -11.44 3.91
CA LEU A 8 0.05 -12.01 3.01
C LEU A 8 -0.95 -10.95 2.56
N PHE A 9 -1.24 -10.00 3.45
CA PHE A 9 -2.17 -8.93 3.13
C PHE A 9 -1.81 -8.28 1.80
N GLY A 10 -0.55 -8.41 1.41
CA GLY A 10 -0.08 -7.83 0.16
C GLY A 10 -1.03 -8.16 -0.99
N SER A 11 -1.52 -9.40 -1.01
CA SER A 11 -2.44 -9.83 -2.05
C SER A 11 -3.71 -9.00 -2.02
N ILE A 12 -4.05 -8.51 -0.84
CA ILE A 12 -5.26 -7.69 -0.68
C ILE A 12 -4.93 -6.22 -0.85
N ILE A 13 -3.95 -5.74 -0.09
CA ILE A 13 -3.56 -4.34 -0.18
C ILE A 13 -2.91 -4.05 -1.53
N SER A 14 -1.76 -4.65 -1.78
CA SER A 14 -1.07 -4.44 -3.05
C SER A 14 -2.04 -4.55 -4.22
N ALA A 15 -3.18 -5.17 -3.96
CA ALA A 15 -4.19 -5.34 -5.01
C ALA A 15 -5.16 -4.17 -5.01
N VAL A 16 -5.40 -3.61 -3.83
CA VAL A 16 -6.32 -2.47 -3.70
C VAL A 16 -5.98 -1.41 -4.75
N ASP A 17 -6.90 -0.46 -4.94
CA ASP A 17 -6.68 0.60 -5.91
C ASP A 17 -6.10 1.86 -5.25
N PRO A 18 -5.35 2.65 -5.97
CA PRO A 18 -4.75 3.92 -5.43
C PRO A 18 -5.73 4.69 -4.54
N VAL A 19 -6.91 4.96 -5.07
CA VAL A 19 -7.92 5.70 -4.33
C VAL A 19 -7.99 5.24 -2.88
N ALA A 20 -7.71 3.95 -2.68
CA ALA A 20 -7.74 3.39 -1.33
C ALA A 20 -6.42 3.62 -0.62
N VAL A 21 -5.35 3.70 -1.40
CA VAL A 21 -4.02 3.92 -0.84
C VAL A 21 -3.79 5.41 -0.59
N LEU A 22 -4.50 6.24 -1.34
CA LEU A 22 -4.38 7.68 -1.20
C LEU A 22 -4.43 8.09 0.27
N ALA A 23 -5.57 7.83 0.91
CA ALA A 23 -5.75 8.17 2.31
C ALA A 23 -4.47 7.88 3.11
N VAL A 24 -3.72 6.90 2.65
CA VAL A 24 -2.48 6.54 3.32
C VAL A 24 -1.29 7.30 2.73
N PHE A 25 -1.04 7.08 1.45
CA PHE A 25 0.06 7.76 0.77
C PHE A 25 0.06 9.25 1.09
N GLU A 26 -1.08 9.74 1.57
CA GLU A 26 -1.20 11.15 1.92
C GLU A 26 -0.41 11.48 3.18
N GLU A 27 -0.33 10.51 4.10
CA GLU A 27 0.39 10.71 5.34
C GLU A 27 1.85 10.30 5.19
N ILE A 28 2.11 9.35 4.30
CA ILE A 28 3.48 8.87 4.06
C ILE A 28 4.36 10.01 3.55
N HIS A 29 4.19 10.36 2.28
CA HIS A 29 5.00 11.43 1.69
C HIS A 29 5.01 12.65 2.59
N LYS A 30 4.08 12.70 3.53
CA LYS A 30 3.99 13.83 4.44
C LYS A 30 4.82 13.56 5.70
N LYS A 31 5.02 12.29 6.01
CA LYS A 31 5.80 11.89 7.17
C LYS A 31 7.21 11.47 6.75
N LYS A 32 7.28 10.62 5.75
CA LYS A 32 8.56 10.14 5.25
C LYS A 32 9.54 11.31 5.07
N NH2 A 33 9.13 12.40 4.49
HN1 NH2 A 33 8.20 12.47 4.18
HN2 NH2 A 33 9.74 13.15 4.38
C ACE A 1 3.78 -23.52 8.98
O ACE A 1 4.81 -23.76 8.34
CH3 ACE A 1 3.05 -24.63 9.71
H1 ACE A 1 2.89 -24.35 10.74
H2 ACE A 1 3.63 -25.54 9.67
H3 ACE A 1 2.09 -24.81 9.23
N LYS A 2 3.26 -22.30 9.07
CA LYS A 2 3.87 -21.16 8.41
C LYS A 2 3.81 -19.93 9.31
N LYS A 3 4.46 -18.85 8.87
CA LYS A 3 4.47 -17.61 9.65
C LYS A 3 3.41 -16.66 9.15
N LYS A 4 3.15 -15.60 9.92
CA LYS A 4 2.14 -14.62 9.54
C LYS A 4 2.59 -13.22 9.97
N ASP A 5 3.70 -12.76 9.39
CA ASP A 5 4.22 -11.43 9.71
C ASP A 5 3.75 -10.41 8.68
N ASN A 6 2.49 -10.52 8.27
CA ASN A 6 1.94 -9.59 7.28
C ASN A 6 2.80 -9.58 6.02
N LEU A 7 2.64 -10.61 5.19
CA LEU A 7 3.41 -10.73 3.96
C LEU A 7 2.48 -10.83 2.75
N LEU A 8 1.71 -11.90 2.70
CA LEU A 8 0.78 -12.11 1.59
C LEU A 8 -0.12 -10.89 1.43
N PHE A 9 -0.11 -10.02 2.43
CA PHE A 9 -0.93 -8.82 2.41
C PHE A 9 -0.95 -8.21 1.01
N GLY A 10 0.14 -8.38 0.28
CA GLY A 10 0.24 -7.84 -1.07
C GLY A 10 -0.99 -8.20 -1.89
N SER A 11 -1.46 -9.44 -1.74
CA SER A 11 -2.63 -9.90 -2.48
C SER A 11 -3.84 -9.03 -2.14
N ILE A 12 -3.85 -8.48 -0.94
CA ILE A 12 -4.95 -7.63 -0.50
C ILE A 12 -4.67 -6.17 -0.85
N ILE A 13 -3.51 -5.68 -0.43
CA ILE A 13 -3.13 -4.30 -0.71
C ILE A 13 -2.84 -4.10 -2.19
N SER A 14 -1.80 -4.77 -2.67
CA SER A 14 -1.42 -4.67 -4.08
C SER A 14 -2.65 -4.82 -4.97
N ALA A 15 -3.72 -5.37 -4.40
CA ALA A 15 -4.96 -5.57 -5.16
C ALA A 15 -5.86 -4.35 -5.04
N VAL A 16 -5.80 -3.67 -3.90
CA VAL A 16 -6.61 -2.49 -3.67
C VAL A 16 -6.35 -1.45 -4.76
N ASP A 17 -7.21 -0.43 -4.84
CA ASP A 17 -7.05 0.61 -5.85
C ASP A 17 -6.38 1.85 -5.25
N PRO A 18 -5.68 2.63 -6.05
CA PRO A 18 -5.00 3.87 -5.57
C PRO A 18 -5.85 4.67 -4.60
N VAL A 19 -7.07 4.98 -5.01
CA VAL A 19 -7.98 5.76 -4.18
C VAL A 19 -7.91 5.28 -2.73
N ALA A 20 -7.66 3.99 -2.55
CA ALA A 20 -7.58 3.42 -1.21
C ALA A 20 -6.18 3.63 -0.64
N VAL A 21 -5.19 3.64 -1.51
CA VAL A 21 -3.81 3.83 -1.09
C VAL A 21 -3.51 5.31 -0.88
N LEU A 22 -4.32 6.17 -1.51
CA LEU A 22 -4.14 7.61 -1.39
C LEU A 22 -4.29 8.05 0.05
N ALA A 23 -5.45 7.78 0.63
CA ALA A 23 -5.71 8.16 2.01
C ALA A 23 -4.50 7.89 2.89
N VAL A 24 -3.72 6.89 2.51
CA VAL A 24 -2.52 6.54 3.26
C VAL A 24 -1.30 7.27 2.71
N PHE A 25 -0.99 7.03 1.45
CA PHE A 25 0.15 7.68 0.80
C PHE A 25 0.15 9.17 1.11
N GLU A 26 -0.98 9.69 1.57
CA GLU A 26 -1.09 11.11 1.89
C GLU A 26 -0.35 11.42 3.19
N GLU A 27 -0.36 10.46 4.12
CA GLU A 27 0.31 10.66 5.40
C GLU A 27 1.75 10.15 5.32
N ILE A 28 2.01 9.25 4.39
CA ILE A 28 3.35 8.69 4.24
C ILE A 28 4.32 9.75 3.72
N HIS A 29 4.19 10.09 2.44
CA HIS A 29 5.06 11.09 1.84
C HIS A 29 5.09 12.36 2.68
N LYS A 30 4.09 12.50 3.56
CA LYS A 30 4.01 13.67 4.41
C LYS A 30 4.82 13.45 5.69
N LYS A 31 5.02 12.18 6.03
CA LYS A 31 5.78 11.83 7.23
C LYS A 31 7.28 11.75 6.90
N LYS A 32 7.58 11.31 5.69
CA LYS A 32 8.98 11.19 5.27
C LYS A 32 9.76 12.45 5.65
N NH2 A 33 9.58 13.54 4.98
HN1 NH2 A 33 8.94 13.56 4.23
HN2 NH2 A 33 10.08 14.36 5.21
C ACE A 1 1.05 -17.71 9.78
O ACE A 1 0.95 -16.57 10.24
CH3 ACE A 1 -0.09 -18.33 8.99
H1 ACE A 1 -0.45 -17.62 8.26
H2 ACE A 1 -0.89 -18.60 9.66
H3 ACE A 1 0.26 -19.21 8.48
N LYS A 2 2.12 -18.47 9.94
CA LYS A 2 3.28 -17.98 10.69
C LYS A 2 4.38 -17.52 9.73
N LYS A 3 5.24 -16.63 10.21
CA LYS A 3 6.33 -16.11 9.39
C LYS A 3 7.06 -17.25 8.70
N LYS A 4 7.11 -17.20 7.38
CA LYS A 4 7.79 -18.24 6.60
C LYS A 4 8.11 -17.75 5.21
N ASP A 5 8.16 -16.43 5.05
CA ASP A 5 8.46 -15.83 3.75
C ASP A 5 7.23 -15.87 2.84
N ASN A 6 6.55 -14.74 2.73
CA ASN A 6 5.36 -14.66 1.89
C ASN A 6 5.15 -13.23 1.39
N LEU A 7 3.96 -12.95 0.88
CA LEU A 7 3.65 -11.62 0.37
C LEU A 7 2.14 -11.46 0.18
N LEU A 8 1.37 -12.27 0.88
CA LEU A 8 -0.08 -12.22 0.78
C LEU A 8 -0.57 -10.77 0.84
N PHE A 9 0.15 -9.94 1.59
CA PHE A 9 -0.21 -8.54 1.72
C PHE A 9 -0.33 -7.89 0.34
N GLY A 10 0.50 -8.33 -0.60
CA GLY A 10 0.47 -7.78 -1.94
C GLY A 10 -0.83 -8.15 -2.66
N SER A 11 -1.18 -9.43 -2.62
CA SER A 11 -2.40 -9.90 -3.27
C SER A 11 -3.60 -9.05 -2.84
N ILE A 12 -3.54 -8.56 -1.61
CA ILE A 12 -4.63 -7.73 -1.08
C ILE A 12 -4.37 -6.26 -1.37
N ILE A 13 -3.23 -5.77 -0.89
CA ILE A 13 -2.87 -4.37 -1.09
C ILE A 13 -2.60 -4.09 -2.56
N SER A 14 -1.58 -4.74 -3.11
CA SER A 14 -1.23 -4.56 -4.51
C SER A 14 -2.48 -4.65 -5.39
N ALA A 15 -3.53 -5.24 -4.84
CA ALA A 15 -4.78 -5.38 -5.58
C ALA A 15 -5.69 -4.17 -5.35
N VAL A 16 -5.62 -3.61 -4.15
CA VAL A 16 -6.44 -2.45 -3.80
C VAL A 16 -6.28 -1.36 -4.87
N ASP A 17 -7.17 -0.38 -4.84
CA ASP A 17 -7.12 0.71 -5.81
C ASP A 17 -6.42 1.94 -5.23
N PRO A 18 -5.79 2.76 -6.05
CA PRO A 18 -5.09 3.98 -5.58
C PRO A 18 -5.87 4.74 -4.51
N VAL A 19 -7.13 5.04 -4.82
CA VAL A 19 -7.98 5.77 -3.89
C VAL A 19 -7.80 5.24 -2.47
N ALA A 20 -7.50 3.97 -2.36
CA ALA A 20 -7.31 3.34 -1.06
C ALA A 20 -5.88 3.56 -0.58
N VAL A 21 -4.95 3.62 -1.52
CA VAL A 21 -3.54 3.82 -1.18
C VAL A 21 -3.26 5.29 -0.94
N LEU A 22 -4.10 6.16 -1.51
CA LEU A 22 -3.94 7.59 -1.36
C LEU A 22 -4.17 8.01 0.09
N ALA A 23 -5.36 7.68 0.61
CA ALA A 23 -5.70 8.03 1.99
C ALA A 23 -4.53 7.77 2.91
N VAL A 24 -3.68 6.82 2.55
CA VAL A 24 -2.51 6.49 3.35
C VAL A 24 -1.28 7.21 2.85
N PHE A 25 -0.96 7.00 1.58
CA PHE A 25 0.21 7.64 0.98
C PHE A 25 0.20 9.13 1.22
N GLU A 26 -0.96 9.66 1.61
CA GLU A 26 -1.08 11.09 1.88
C GLU A 26 -0.38 11.45 3.19
N GLU A 27 -0.42 10.53 4.15
CA GLU A 27 0.20 10.76 5.45
C GLU A 27 1.64 10.26 5.46
N ILE A 28 2.05 9.62 4.37
CA ILE A 28 3.41 9.09 4.28
C ILE A 28 4.34 10.14 3.68
N HIS A 29 4.22 10.34 2.37
CA HIS A 29 5.06 11.32 1.68
C HIS A 29 5.13 12.63 2.46
N LYS A 30 4.17 12.82 3.37
CA LYS A 30 4.13 14.04 4.18
C LYS A 30 4.90 13.85 5.48
N LYS A 31 4.99 12.61 5.94
CA LYS A 31 5.70 12.31 7.18
C LYS A 31 7.01 11.60 6.86
N LYS A 32 6.93 10.59 6.01
CA LYS A 32 8.11 9.84 5.62
C LYS A 32 8.96 10.63 4.62
N NH2 A 33 8.37 11.22 3.61
HN1 NH2 A 33 7.40 11.14 3.49
HN2 NH2 A 33 8.90 11.72 2.97
C ACE A 1 3.84 2.34 12.19
O ACE A 1 4.71 3.05 11.71
CH3 ACE A 1 2.84 1.63 11.28
H1 ACE A 1 2.24 0.94 11.86
H2 ACE A 1 3.36 1.09 10.51
H3 ACE A 1 2.19 2.36 10.82
N LYS A 2 3.70 2.12 13.48
CA LYS A 2 4.61 2.75 14.45
C LYS A 2 4.95 1.78 15.57
N LYS A 3 6.14 1.20 15.49
CA LYS A 3 6.60 0.24 16.51
C LYS A 3 5.84 -1.08 16.37
N LYS A 4 4.73 -1.04 15.66
CA LYS A 4 3.92 -2.25 15.47
C LYS A 4 3.23 -2.21 14.10
N ASP A 5 3.97 -2.53 13.05
CA ASP A 5 3.42 -2.53 11.70
C ASP A 5 3.13 -3.96 11.25
N ASN A 6 3.94 -4.46 10.33
CA ASN A 6 3.76 -5.82 9.82
C ASN A 6 2.28 -6.10 9.58
N LEU A 7 1.83 -5.89 8.36
CA LEU A 7 0.42 -6.13 8.01
C LEU A 7 0.31 -6.71 6.62
N LEU A 8 0.39 -8.04 6.52
CA LEU A 8 0.29 -8.71 5.24
C LEU A 8 -0.81 -8.10 4.39
N PHE A 9 -1.75 -7.42 5.04
CA PHE A 9 -2.86 -6.78 4.34
C PHE A 9 -2.34 -5.84 3.26
N GLY A 10 -1.24 -5.16 3.56
CA GLY A 10 -0.65 -4.23 2.60
C GLY A 10 -0.68 -4.80 1.19
N SER A 11 -0.24 -6.04 1.05
CA SER A 11 -0.21 -6.69 -0.26
C SER A 11 -1.61 -6.68 -0.89
N ILE A 12 -2.63 -6.70 -0.04
CA ILE A 12 -4.00 -6.70 -0.51
C ILE A 12 -4.53 -5.28 -0.64
N ILE A 13 -4.45 -4.53 0.45
CA ILE A 13 -4.93 -3.15 0.43
C ILE A 13 -4.05 -2.28 -0.47
N SER A 14 -2.77 -2.20 -0.14
CA SER A 14 -1.84 -1.40 -0.93
C SER A 14 -1.97 -1.75 -2.41
N ALA A 15 -2.57 -2.90 -2.69
CA ALA A 15 -2.76 -3.34 -4.07
C ALA A 15 -4.09 -2.85 -4.62
N VAL A 16 -5.08 -2.75 -3.74
CA VAL A 16 -6.41 -2.30 -4.14
C VAL A 16 -6.32 -0.93 -4.83
N ASP A 17 -7.43 -0.50 -5.43
CA ASP A 17 -7.46 0.78 -6.13
C ASP A 17 -6.69 1.86 -5.34
N PRO A 18 -5.75 2.54 -5.96
CA PRO A 18 -4.97 3.61 -5.26
C PRO A 18 -5.83 4.50 -4.38
N VAL A 19 -7.04 4.78 -4.84
CA VAL A 19 -7.96 5.63 -4.08
C VAL A 19 -7.94 5.24 -2.60
N ALA A 20 -7.71 3.95 -2.35
CA ALA A 20 -7.66 3.46 -0.98
C ALA A 20 -6.28 3.66 -0.37
N VAL A 21 -5.26 3.65 -1.23
CA VAL A 21 -3.89 3.84 -0.77
C VAL A 21 -3.54 5.32 -0.71
N LEU A 22 -4.34 6.14 -1.39
CA LEU A 22 -4.11 7.57 -1.42
C LEU A 22 -4.18 8.15 -0.01
N ALA A 23 -5.23 7.79 0.72
CA ALA A 23 -5.41 8.28 2.08
C ALA A 23 -4.25 7.86 2.97
N VAL A 24 -3.60 6.76 2.60
CA VAL A 24 -2.46 6.26 3.36
C VAL A 24 -1.15 6.79 2.79
N PHE A 25 -1.13 7.05 1.48
CA PHE A 25 0.07 7.56 0.84
C PHE A 25 0.20 9.05 1.05
N GLU A 26 -0.91 9.70 1.38
CA GLU A 26 -0.90 11.14 1.61
C GLU A 26 -0.21 11.47 2.93
N GLU A 27 -0.25 10.52 3.87
CA GLU A 27 0.38 10.72 5.17
C GLU A 27 1.83 10.24 5.14
N ILE A 28 2.10 9.24 4.32
CA ILE A 28 3.45 8.69 4.21
C ILE A 28 4.41 9.75 3.66
N HIS A 29 4.32 10.00 2.36
CA HIS A 29 5.18 10.98 1.72
C HIS A 29 5.18 12.29 2.51
N LYS A 30 4.15 12.48 3.31
CA LYS A 30 4.04 13.69 4.12
C LYS A 30 4.66 13.48 5.49
N LYS A 31 4.77 12.22 5.89
CA LYS A 31 5.35 11.88 7.20
C LYS A 31 6.86 11.72 7.07
N LYS A 32 7.33 11.37 5.87
CA LYS A 32 8.75 11.18 5.64
C LYS A 32 9.53 12.42 6.05
N NH2 A 33 9.36 13.53 5.38
HN1 NH2 A 33 8.74 13.56 4.63
HN2 NH2 A 33 9.86 14.34 5.64
C ACE A 1 10.59 -2.28 1.44
O ACE A 1 11.38 -1.82 0.63
CH3 ACE A 1 9.19 -2.70 0.99
H1 ACE A 1 8.51 -2.64 1.83
H2 ACE A 1 9.22 -3.71 0.62
H3 ACE A 1 8.84 -2.03 0.22
N LYS A 2 10.86 -2.44 2.73
CA LYS A 2 12.16 -2.06 3.27
C LYS A 2 13.04 -3.30 3.42
N LYS A 3 13.25 -4.01 2.32
CA LYS A 3 14.08 -5.22 2.35
C LYS A 3 14.68 -5.48 0.97
N LYS A 4 14.28 -4.68 -0.01
CA LYS A 4 14.78 -4.84 -1.37
C LYS A 4 14.42 -6.22 -1.92
N ASP A 5 13.31 -6.77 -1.42
CA ASP A 5 12.87 -8.09 -1.87
C ASP A 5 11.84 -7.94 -3.00
N ASN A 6 12.25 -7.25 -4.06
CA ASN A 6 11.37 -7.03 -5.20
C ASN A 6 9.95 -6.70 -4.75
N LEU A 7 9.01 -6.69 -5.70
CA LEU A 7 7.63 -6.39 -5.39
C LEU A 7 6.69 -7.18 -6.28
N LEU A 8 6.85 -8.50 -6.29
CA LEU A 8 6.01 -9.37 -7.10
C LEU A 8 4.56 -9.27 -6.66
N PHE A 9 4.37 -9.11 -5.36
CA PHE A 9 3.02 -8.99 -4.80
C PHE A 9 2.27 -7.84 -5.44
N GLY A 10 3.00 -6.98 -6.15
CA GLY A 10 2.40 -5.83 -6.81
C GLY A 10 1.06 -6.21 -7.46
N SER A 11 1.07 -7.29 -8.23
CA SER A 11 -0.15 -7.74 -8.90
C SER A 11 -1.32 -7.74 -7.91
N ILE A 12 -1.02 -8.04 -6.66
CA ILE A 12 -2.03 -8.07 -5.62
C ILE A 12 -2.11 -6.73 -4.90
N ILE A 13 -0.95 -6.25 -4.45
CA ILE A 13 -0.88 -4.98 -3.74
C ILE A 13 -1.05 -3.81 -4.71
N SER A 14 -0.11 -3.67 -5.64
CA SER A 14 -0.18 -2.60 -6.62
C SER A 14 -1.53 -2.59 -7.32
N ALA A 15 -2.33 -3.62 -7.08
CA ALA A 15 -3.65 -3.72 -7.70
C ALA A 15 -4.68 -2.98 -6.87
N VAL A 16 -4.45 -2.90 -5.56
CA VAL A 16 -5.38 -2.22 -4.66
C VAL A 16 -5.65 -0.80 -5.15
N ASP A 17 -6.92 -0.51 -5.43
CA ASP A 17 -7.30 0.82 -5.91
C ASP A 17 -6.51 1.91 -5.16
N PRO A 18 -5.52 2.51 -5.78
CA PRO A 18 -4.71 3.58 -5.12
C PRO A 18 -5.58 4.59 -4.38
N VAL A 19 -6.85 4.68 -4.78
CA VAL A 19 -7.77 5.61 -4.14
C VAL A 19 -7.95 5.25 -2.68
N ALA A 20 -7.83 3.97 -2.37
CA ALA A 20 -7.98 3.51 -0.99
C ALA A 20 -6.65 3.65 -0.26
N VAL A 21 -5.55 3.59 -1.00
CA VAL A 21 -4.22 3.70 -0.41
C VAL A 21 -3.81 5.16 -0.32
N LEU A 22 -4.47 6.01 -1.10
CA LEU A 22 -4.15 7.44 -1.11
C LEU A 22 -4.35 8.03 0.28
N ALA A 23 -5.56 7.91 0.81
CA ALA A 23 -5.87 8.45 2.13
C ALA A 23 -4.73 8.17 3.10
N VAL A 24 -3.99 7.10 2.84
CA VAL A 24 -2.85 6.74 3.69
C VAL A 24 -1.56 7.28 3.12
N PHE A 25 -1.20 6.82 1.93
CA PHE A 25 0.02 7.28 1.27
C PHE A 25 0.12 8.79 1.30
N GLU A 26 -1.00 9.45 1.58
CA GLU A 26 -1.02 10.91 1.63
C GLU A 26 -0.35 11.43 2.89
N GLU A 27 -0.41 10.64 3.97
CA GLU A 27 0.19 11.03 5.23
C GLU A 27 1.61 10.49 5.35
N ILE A 28 1.96 9.57 4.45
CA ILE A 28 3.30 8.97 4.47
C ILE A 28 4.30 9.88 3.76
N HIS A 29 4.15 10.02 2.45
CA HIS A 29 5.06 10.86 1.68
C HIS A 29 5.17 12.24 2.31
N LYS A 30 4.23 12.56 3.20
CA LYS A 30 4.24 13.86 3.87
C LYS A 30 5.03 13.77 5.16
N LYS A 31 5.15 12.56 5.69
CA LYS A 31 5.90 12.36 6.92
C LYS A 31 7.29 11.82 6.62
N LYS A 32 7.35 10.78 5.79
CA LYS A 32 8.62 10.18 5.41
C LYS A 32 9.59 11.24 4.90
N NH2 A 33 9.27 11.96 3.86
HN1 NH2 A 33 8.42 11.80 3.40
HN2 NH2 A 33 9.89 12.64 3.52
C ACE A 1 -0.80 -24.78 4.63
O ACE A 1 0.41 -25.00 4.71
CH3 ACE A 1 -1.80 -25.73 5.29
H1 ACE A 1 -1.90 -25.49 6.33
H2 ACE A 1 -1.46 -26.74 5.19
H3 ACE A 1 -2.77 -25.62 4.81
N LYS A 2 -1.31 -23.74 3.99
CA LYS A 2 -0.45 -22.78 3.32
C LYS A 2 0.49 -23.47 2.35
N LYS A 3 1.38 -22.70 1.74
CA LYS A 3 2.34 -23.25 0.78
C LYS A 3 1.63 -23.78 -0.46
N LYS A 4 0.29 -23.76 -0.42
CA LYS A 4 -0.50 -24.24 -1.53
C LYS A 4 -1.63 -23.27 -1.84
N ASP A 5 -1.30 -22.00 -2.00
CA ASP A 5 -2.29 -20.97 -2.30
C ASP A 5 -1.62 -19.65 -2.66
N ASN A 6 -1.40 -19.45 -3.96
CA ASN A 6 -0.76 -18.23 -4.43
C ASN A 6 -1.65 -17.02 -4.14
N LEU A 7 -2.91 -17.28 -3.81
CA LEU A 7 -3.84 -16.20 -3.51
C LEU A 7 -3.89 -15.19 -4.65
N LEU A 8 -4.17 -15.68 -5.85
CA LEU A 8 -4.24 -14.81 -7.02
C LEU A 8 -4.96 -13.52 -6.69
N PHE A 9 -5.91 -13.60 -5.76
CA PHE A 9 -6.67 -12.42 -5.35
C PHE A 9 -5.77 -11.41 -4.65
N GLY A 10 -4.93 -11.90 -3.75
CA GLY A 10 -4.02 -11.04 -3.02
C GLY A 10 -3.37 -10.03 -3.96
N SER A 11 -2.84 -10.50 -5.07
CA SER A 11 -2.19 -9.64 -6.04
C SER A 11 -3.09 -8.45 -6.40
N ILE A 12 -4.39 -8.69 -6.37
CA ILE A 12 -5.37 -7.65 -6.69
C ILE A 12 -5.79 -6.91 -5.43
N ILE A 13 -6.31 -7.65 -4.45
CA ILE A 13 -6.74 -7.04 -3.20
C ILE A 13 -5.56 -6.38 -2.48
N SER A 14 -4.57 -7.18 -2.13
CA SER A 14 -3.40 -6.65 -1.44
C SER A 14 -2.94 -5.36 -2.10
N ALA A 15 -3.36 -5.18 -3.36
CA ALA A 15 -2.98 -3.98 -4.11
C ALA A 15 -4.06 -2.91 -3.97
N VAL A 16 -5.29 -3.26 -4.31
CA VAL A 16 -6.40 -2.33 -4.23
C VAL A 16 -6.11 -1.06 -5.04
N ASP A 17 -7.16 -0.36 -5.45
CA ASP A 17 -6.99 0.85 -6.24
C ASP A 17 -6.33 1.96 -5.40
N PRO A 18 -5.30 2.62 -5.90
CA PRO A 18 -4.61 3.70 -5.14
C PRO A 18 -5.60 4.59 -4.38
N VAL A 19 -6.73 4.88 -5.00
CA VAL A 19 -7.74 5.73 -4.39
C VAL A 19 -7.94 5.35 -2.93
N ALA A 20 -7.78 4.06 -2.63
CA ALA A 20 -7.94 3.57 -1.28
C ALA A 20 -6.64 3.72 -0.50
N VAL A 21 -5.52 3.59 -1.20
CA VAL A 21 -4.21 3.71 -0.58
C VAL A 21 -3.83 5.18 -0.44
N LEU A 22 -4.53 6.05 -1.16
CA LEU A 22 -4.26 7.48 -1.11
C LEU A 22 -4.40 8.00 0.32
N ALA A 23 -5.58 7.83 0.89
CA ALA A 23 -5.83 8.29 2.25
C ALA A 23 -4.63 7.98 3.15
N VAL A 24 -3.89 6.94 2.79
CA VAL A 24 -2.72 6.55 3.57
C VAL A 24 -1.45 7.16 2.98
N PHE A 25 -1.12 6.76 1.75
CA PHE A 25 0.06 7.27 1.09
C PHE A 25 0.13 8.80 1.19
N GLU A 26 -0.98 9.40 1.58
CA GLU A 26 -1.03 10.86 1.72
C GLU A 26 -0.30 11.32 2.97
N GLU A 27 -0.32 10.47 4.01
CA GLU A 27 0.33 10.81 5.27
C GLU A 27 1.78 10.30 5.28
N ILE A 28 2.05 9.27 4.47
CA ILE A 28 3.39 8.70 4.40
C ILE A 28 4.37 9.70 3.80
N HIS A 29 4.26 9.91 2.49
CA HIS A 29 5.16 10.83 1.80
C HIS A 29 5.16 12.18 2.51
N LYS A 30 4.15 12.43 3.33
CA LYS A 30 4.05 13.68 4.07
C LYS A 30 4.86 13.60 5.36
N LYS A 31 5.06 12.37 5.84
CA LYS A 31 5.82 12.16 7.07
C LYS A 31 7.30 12.01 6.76
N LYS A 32 7.61 11.41 5.62
CA LYS A 32 8.99 11.21 5.22
C LYS A 32 9.78 12.51 5.33
N NH2 A 33 10.71 12.61 6.24
HN1 NH2 A 33 10.90 11.86 6.83
HN2 NH2 A 33 11.22 13.45 6.33
C ACE A 1 14.51 -14.86 -1.17
O ACE A 1 13.92 -14.12 -1.97
CH3 ACE A 1 14.18 -16.35 -1.10
H1 ACE A 1 14.98 -16.91 -1.56
H2 ACE A 1 13.26 -16.54 -1.62
H3 ACE A 1 14.08 -16.64 -0.06
N LYS A 2 15.45 -14.42 -0.34
CA LYS A 2 15.84 -13.00 -0.32
C LYS A 2 14.60 -12.11 -0.23
N LYS A 3 13.75 -12.38 0.75
CA LYS A 3 12.54 -11.58 0.93
C LYS A 3 11.80 -11.43 -0.39
N LYS A 4 10.83 -12.30 -0.64
CA LYS A 4 10.07 -12.25 -1.87
C LYS A 4 8.74 -13.00 -1.71
N ASP A 5 8.32 -13.18 -0.47
CA ASP A 5 7.07 -13.88 -0.18
C ASP A 5 6.83 -13.96 1.32
N ASN A 6 6.21 -12.92 1.87
CA ASN A 6 5.92 -12.88 3.29
C ASN A 6 5.02 -11.71 3.63
N LEU A 7 4.11 -11.37 2.70
CA LEU A 7 3.20 -10.27 2.91
C LEU A 7 1.82 -10.62 2.37
N LEU A 8 1.19 -11.62 2.96
CA LEU A 8 -0.14 -12.05 2.52
C LEU A 8 -1.02 -10.83 2.25
N PHE A 9 -0.70 -9.71 2.87
CA PHE A 9 -1.47 -8.49 2.69
C PHE A 9 -1.47 -8.08 1.22
N GLY A 10 -0.33 -8.23 0.57
CA GLY A 10 -0.20 -7.87 -0.84
C GLY A 10 -1.44 -8.29 -1.63
N SER A 11 -1.84 -9.54 -1.46
CA SER A 11 -3.00 -10.06 -2.17
C SER A 11 -4.22 -9.19 -1.90
N ILE A 12 -4.25 -8.58 -0.72
CA ILE A 12 -5.37 -7.71 -0.35
C ILE A 12 -5.08 -6.27 -0.76
N ILE A 13 -3.96 -5.73 -0.30
CA ILE A 13 -3.59 -4.36 -0.63
C ILE A 13 -3.30 -4.23 -2.12
N SER A 14 -2.29 -4.96 -2.59
CA SER A 14 -1.92 -4.91 -4.00
C SER A 14 -3.15 -5.03 -4.88
N ALA A 15 -4.25 -5.50 -4.29
CA ALA A 15 -5.49 -5.67 -5.03
C ALA A 15 -6.34 -4.40 -4.95
N VAL A 16 -6.22 -3.69 -3.83
CA VAL A 16 -6.98 -2.46 -3.63
C VAL A 16 -6.66 -1.46 -4.73
N ASP A 17 -7.46 -0.41 -4.84
CA ASP A 17 -7.24 0.61 -5.86
C ASP A 17 -6.51 1.83 -5.28
N PRO A 18 -5.76 2.56 -6.08
CA PRO A 18 -5.02 3.77 -5.61
C PRO A 18 -5.85 4.63 -4.67
N VAL A 19 -7.04 5.00 -5.10
CA VAL A 19 -7.93 5.83 -4.29
C VAL A 19 -7.91 5.38 -2.84
N ALA A 20 -7.72 4.09 -2.63
CA ALA A 20 -7.68 3.53 -1.28
C ALA A 20 -6.28 3.68 -0.70
N VAL A 21 -5.28 3.62 -1.56
CA VAL A 21 -3.89 3.74 -1.12
C VAL A 21 -3.53 5.21 -0.93
N LEU A 22 -4.29 6.09 -1.58
CA LEU A 22 -4.04 7.52 -1.49
C LEU A 22 -4.18 8.00 -0.04
N ALA A 23 -5.36 7.77 0.54
CA ALA A 23 -5.61 8.19 1.92
C ALA A 23 -4.42 7.84 2.81
N VAL A 24 -3.70 6.79 2.43
CA VAL A 24 -2.54 6.36 3.20
C VAL A 24 -1.27 7.05 2.69
N PHE A 25 -0.95 6.81 1.42
CA PHE A 25 0.23 7.40 0.82
C PHE A 25 0.28 8.90 1.09
N GLU A 26 -0.84 9.45 1.56
CA GLU A 26 -0.91 10.88 1.86
C GLU A 26 -0.24 11.19 3.20
N GLU A 27 -0.29 10.23 4.11
CA GLU A 27 0.31 10.41 5.43
C GLU A 27 1.76 9.95 5.43
N ILE A 28 2.15 9.23 4.38
CA ILE A 28 3.52 8.73 4.26
C ILE A 28 4.45 9.85 3.79
N HIS A 29 4.32 10.22 2.52
CA HIS A 29 5.16 11.27 1.96
C HIS A 29 5.06 12.54 2.81
N LYS A 30 4.06 12.58 3.69
CA LYS A 30 3.86 13.74 4.54
C LYS A 30 4.69 13.62 5.81
N LYS A 31 5.08 12.38 6.13
CA LYS A 31 5.88 12.13 7.32
C LYS A 31 7.37 12.11 6.98
N LYS A 32 7.68 11.64 5.77
CA LYS A 32 9.07 11.58 5.32
C LYS A 32 9.83 12.83 5.73
N NH2 A 33 11.13 12.81 5.78
HN1 NH2 A 33 11.61 11.98 5.56
HN2 NH2 A 33 11.63 13.60 6.05
C ACE A 1 -2.12 -29.01 -0.61
O ACE A 1 -1.26 -29.01 -1.49
CH3 ACE A 1 -3.30 -29.96 -0.68
H1 ACE A 1 -3.80 -29.87 -1.62
H2 ACE A 1 -4.00 -29.73 0.12
H3 ACE A 1 -2.95 -30.98 -0.56
N LYS A 2 -2.08 -28.18 0.43
CA LYS A 2 -1.00 -27.23 0.60
C LYS A 2 -0.81 -26.41 -0.68
N LYS A 3 -1.68 -25.43 -0.88
CA LYS A 3 -1.61 -24.59 -2.07
C LYS A 3 -0.66 -23.41 -1.82
N LYS A 4 0.45 -23.38 -2.54
CA LYS A 4 1.42 -22.31 -2.40
C LYS A 4 2.15 -22.06 -3.71
N ASP A 5 1.53 -21.29 -4.59
CA ASP A 5 2.13 -20.98 -5.89
C ASP A 5 1.59 -19.65 -6.42
N ASN A 6 2.18 -18.56 -5.95
CA ASN A 6 1.77 -17.23 -6.39
C ASN A 6 0.25 -17.04 -6.19
N LEU A 7 -0.25 -15.88 -6.59
CA LEU A 7 -1.67 -15.59 -6.45
C LEU A 7 -2.21 -14.96 -7.72
N LEU A 8 -3.19 -15.60 -8.35
CA LEU A 8 -3.78 -15.08 -9.57
C LEU A 8 -4.53 -13.79 -9.29
N PHE A 9 -4.82 -13.56 -8.02
CA PHE A 9 -5.55 -12.37 -7.62
C PHE A 9 -4.58 -11.23 -7.27
N GLY A 10 -3.37 -11.62 -6.86
CA GLY A 10 -2.35 -10.63 -6.49
C GLY A 10 -2.33 -9.47 -7.48
N SER A 11 -2.40 -9.78 -8.76
CA SER A 11 -2.39 -8.76 -9.80
C SER A 11 -3.40 -7.67 -9.46
N ILE A 12 -4.51 -8.08 -8.86
CA ILE A 12 -5.56 -7.15 -8.49
C ILE A 12 -5.37 -6.69 -7.04
N ILE A 13 -5.38 -7.64 -6.12
CA ILE A 13 -5.21 -7.32 -4.71
C ILE A 13 -3.90 -6.58 -4.48
N SER A 14 -2.79 -7.23 -4.80
CA SER A 14 -1.48 -6.62 -4.61
C SER A 14 -1.49 -5.18 -5.13
N ALA A 15 -2.48 -4.87 -5.95
CA ALA A 15 -2.60 -3.52 -6.51
C ALA A 15 -3.47 -2.65 -5.62
N VAL A 16 -4.70 -3.12 -5.37
CA VAL A 16 -5.64 -2.38 -4.53
C VAL A 16 -5.89 -0.98 -5.09
N ASP A 17 -7.15 -0.67 -5.35
CA ASP A 17 -7.50 0.65 -5.88
C ASP A 17 -6.67 1.74 -5.20
N PRO A 18 -5.68 2.31 -5.86
CA PRO A 18 -4.83 3.38 -5.25
C PRO A 18 -5.67 4.43 -4.51
N VAL A 19 -6.93 4.54 -4.89
CA VAL A 19 -7.83 5.50 -4.25
C VAL A 19 -7.94 5.21 -2.77
N ALA A 20 -7.84 3.93 -2.41
CA ALA A 20 -7.93 3.50 -1.02
C ALA A 20 -6.60 3.73 -0.32
N VAL A 21 -5.53 3.71 -1.10
CA VAL A 21 -4.19 3.90 -0.55
C VAL A 21 -3.89 5.39 -0.39
N LEU A 22 -4.35 6.19 -1.34
CA LEU A 22 -4.13 7.63 -1.30
C LEU A 22 -4.31 8.16 0.12
N ALA A 23 -5.53 8.04 0.63
CA ALA A 23 -5.84 8.51 1.98
C ALA A 23 -4.71 8.15 2.94
N VAL A 24 -3.98 7.09 2.62
CA VAL A 24 -2.87 6.66 3.45
C VAL A 24 -1.56 7.24 2.94
N PHE A 25 -1.19 6.86 1.72
CA PHE A 25 0.04 7.34 1.11
C PHE A 25 0.15 8.86 1.24
N GLU A 26 -0.94 9.51 1.61
CA GLU A 26 -0.97 10.95 1.76
C GLU A 26 -0.31 11.38 3.08
N GLU A 27 -0.40 10.51 4.08
CA GLU A 27 0.17 10.80 5.38
C GLU A 27 1.60 10.27 5.49
N ILE A 28 1.98 9.42 4.53
CA ILE A 28 3.31 8.84 4.52
C ILE A 28 4.32 9.81 3.92
N HIS A 29 4.19 10.05 2.62
CA HIS A 29 5.09 10.97 1.93
C HIS A 29 5.11 12.33 2.61
N LYS A 30 4.17 12.53 3.53
CA LYS A 30 4.09 13.79 4.25
C LYS A 30 4.98 13.77 5.48
N LYS A 31 5.32 12.56 5.93
CA LYS A 31 6.17 12.40 7.10
C LYS A 31 7.58 12.01 6.67
N LYS A 32 7.68 11.04 5.76
CA LYS A 32 8.98 10.59 5.29
C LYS A 32 9.72 11.72 4.57
N NH2 A 33 9.66 11.80 3.28
HN1 NH2 A 33 9.15 11.14 2.77
HN2 NH2 A 33 10.13 12.53 2.81
C ACE A 1 3.39 -4.70 17.85
O ACE A 1 4.08 -3.93 17.18
CH3 ACE A 1 2.83 -4.28 19.19
H1 ACE A 1 3.55 -3.67 19.71
H2 ACE A 1 2.61 -5.17 19.78
H3 ACE A 1 1.92 -3.72 19.04
N LYS A 2 3.10 -5.94 17.44
CA LYS A 2 3.58 -6.45 16.17
C LYS A 2 2.89 -5.74 15.00
N LYS A 3 3.30 -4.51 14.74
CA LYS A 3 2.71 -3.74 13.65
C LYS A 3 3.79 -2.98 12.87
N LYS A 4 3.38 -2.29 11.81
CA LYS A 4 4.31 -1.53 11.00
C LYS A 4 5.37 -2.45 10.40
N ASP A 5 5.03 -3.73 10.27
CA ASP A 5 5.97 -4.69 9.71
C ASP A 5 5.24 -5.67 8.78
N ASN A 6 4.98 -6.87 9.28
CA ASN A 6 4.29 -7.88 8.48
C ASN A 6 2.85 -7.46 8.21
N LEU A 7 2.64 -6.76 7.09
CA LEU A 7 1.31 -6.30 6.74
C LEU A 7 0.70 -7.22 5.67
N LEU A 8 0.50 -8.47 6.02
CA LEU A 8 -0.07 -9.44 5.08
C LEU A 8 -1.23 -8.82 4.31
N PHE A 9 -1.80 -7.75 4.89
CA PHE A 9 -2.92 -7.07 4.25
C PHE A 9 -2.43 -6.07 3.22
N GLY A 10 -1.34 -5.40 3.55
CA GLY A 10 -0.76 -4.40 2.65
C GLY A 10 -0.71 -4.92 1.22
N SER A 11 -0.26 -6.16 1.05
CA SER A 11 -0.17 -6.77 -0.26
C SER A 11 -1.53 -6.77 -0.95
N ILE A 12 -2.59 -6.82 -0.16
CA ILE A 12 -3.94 -6.84 -0.69
C ILE A 12 -4.48 -5.41 -0.81
N ILE A 13 -4.45 -4.68 0.31
CA ILE A 13 -4.94 -3.31 0.33
C ILE A 13 -4.05 -2.41 -0.52
N SER A 14 -2.79 -2.27 -0.10
CA SER A 14 -1.84 -1.44 -0.82
C SER A 14 -1.90 -1.75 -2.32
N ALA A 15 -2.45 -2.91 -2.66
CA ALA A 15 -2.56 -3.31 -4.06
C ALA A 15 -3.88 -2.85 -4.65
N VAL A 16 -4.90 -2.78 -3.80
CA VAL A 16 -6.22 -2.36 -4.25
C VAL A 16 -6.15 -0.99 -4.93
N ASP A 17 -7.25 -0.57 -5.56
CA ASP A 17 -7.29 0.72 -6.25
C ASP A 17 -6.56 1.79 -5.42
N PRO A 18 -5.60 2.50 -6.00
CA PRO A 18 -4.86 3.57 -5.26
C PRO A 18 -5.78 4.43 -4.39
N VAL A 19 -6.97 4.72 -4.90
CA VAL A 19 -7.92 5.54 -4.16
C VAL A 19 -7.96 5.13 -2.69
N ALA A 20 -7.72 3.85 -2.45
CA ALA A 20 -7.72 3.33 -1.09
C ALA A 20 -6.36 3.54 -0.43
N VAL A 21 -5.31 3.55 -1.25
CA VAL A 21 -3.96 3.75 -0.73
C VAL A 21 -3.64 5.23 -0.61
N LEU A 22 -4.41 6.05 -1.32
CA LEU A 22 -4.20 7.50 -1.30
C LEU A 22 -4.32 8.03 0.13
N ALA A 23 -5.49 7.83 0.73
CA ALA A 23 -5.72 8.29 2.10
C ALA A 23 -4.50 8.05 2.97
N VAL A 24 -3.74 7.00 2.65
CA VAL A 24 -2.55 6.66 3.41
C VAL A 24 -1.33 7.33 2.81
N PHE A 25 -1.03 7.02 1.55
CA PHE A 25 0.12 7.62 0.89
C PHE A 25 0.15 9.12 1.09
N GLU A 26 -0.98 9.68 1.51
CA GLU A 26 -1.08 11.12 1.75
C GLU A 26 -0.33 11.50 3.02
N GLU A 27 -0.32 10.61 4.00
CA GLU A 27 0.36 10.88 5.25
C GLU A 27 1.81 10.41 5.20
N ILE A 28 2.08 9.40 4.37
CA ILE A 28 3.43 8.87 4.24
C ILE A 28 4.39 9.93 3.71
N HIS A 29 4.24 10.27 2.43
CA HIS A 29 5.10 11.28 1.82
C HIS A 29 5.10 12.55 2.66
N LYS A 30 4.13 12.66 3.56
CA LYS A 30 4.02 13.82 4.42
C LYS A 30 4.82 13.60 5.70
N LYS A 31 5.02 12.33 6.04
CA LYS A 31 5.77 11.97 7.24
C LYS A 31 7.21 11.65 6.88
N LYS A 32 7.38 10.79 5.88
CA LYS A 32 8.71 10.39 5.43
C LYS A 32 9.43 11.57 4.81
N NH2 A 33 8.98 12.08 3.69
HN1 NH2 A 33 8.18 11.70 3.27
HN2 NH2 A 33 9.44 12.85 3.27
C ACE A 1 24.60 -5.36 0.17
O ACE A 1 25.16 -6.14 0.94
CH3 ACE A 1 25.37 -4.65 -0.93
H1 ACE A 1 25.38 -3.59 -0.74
H2 ACE A 1 24.90 -4.85 -1.89
H3 ACE A 1 26.39 -5.02 -0.96
N LYS A 2 23.30 -5.10 0.24
CA LYS A 2 22.46 -5.72 1.25
C LYS A 2 21.12 -6.14 0.65
N LYS A 3 20.36 -6.92 1.41
CA LYS A 3 19.06 -7.40 0.95
C LYS A 3 17.94 -6.54 1.53
N LYS A 4 17.56 -5.50 0.81
CA LYS A 4 16.50 -4.61 1.26
C LYS A 4 15.16 -5.35 1.31
N ASP A 5 15.17 -6.60 0.87
CA ASP A 5 13.96 -7.42 0.87
C ASP A 5 12.96 -6.88 -0.14
N ASN A 6 13.36 -5.84 -0.87
CA ASN A 6 12.49 -5.24 -1.88
C ASN A 6 11.11 -4.95 -1.28
N LEU A 7 10.21 -4.45 -2.12
CA LEU A 7 8.85 -4.13 -1.68
C LEU A 7 7.82 -4.83 -2.56
N LEU A 8 8.08 -6.08 -2.90
CA LEU A 8 7.18 -6.85 -3.74
C LEU A 8 5.73 -6.59 -3.32
N PHE A 9 5.53 -6.36 -2.04
CA PHE A 9 4.19 -6.10 -1.52
C PHE A 9 3.52 -4.97 -2.29
N GLY A 10 4.30 -3.94 -2.60
CA GLY A 10 3.78 -2.79 -3.33
C GLY A 10 2.86 -3.24 -4.47
N SER A 11 3.33 -4.19 -5.26
CA SER A 11 2.54 -4.70 -6.38
C SER A 11 1.16 -5.16 -5.91
N ILE A 12 1.10 -5.60 -4.65
CA ILE A 12 -0.17 -6.06 -4.09
C ILE A 12 -0.89 -4.91 -3.38
N ILE A 13 -0.17 -4.21 -2.51
CA ILE A 13 -0.76 -3.09 -1.79
C ILE A 13 -1.03 -1.92 -2.73
N SER A 14 0.00 -1.51 -3.47
CA SER A 14 -0.14 -0.40 -4.40
C SER A 14 -1.20 -0.72 -5.45
N ALA A 15 -1.58 -1.99 -5.54
CA ALA A 15 -2.59 -2.41 -6.50
C ALA A 15 -4.00 -2.18 -5.94
N VAL A 16 -4.13 -2.29 -4.62
CA VAL A 16 -5.42 -2.08 -3.98
C VAL A 16 -5.96 -0.69 -4.29
N ASP A 17 -6.58 -0.55 -5.46
CA ASP A 17 -7.16 0.72 -5.88
C ASP A 17 -6.41 1.91 -5.24
N PRO A 18 -5.43 2.46 -5.90
CA PRO A 18 -4.65 3.61 -5.34
C PRO A 18 -5.55 4.70 -4.75
N VAL A 19 -6.86 4.54 -4.91
CA VAL A 19 -7.80 5.51 -4.37
C VAL A 19 -8.03 5.23 -2.89
N ALA A 20 -7.99 3.96 -2.53
CA ALA A 20 -8.17 3.56 -1.14
C ALA A 20 -6.87 3.74 -0.38
N VAL A 21 -5.76 3.68 -1.11
CA VAL A 21 -4.44 3.84 -0.52
C VAL A 21 -4.10 5.32 -0.37
N LEU A 22 -4.58 6.13 -1.30
CA LEU A 22 -4.32 7.56 -1.27
C LEU A 22 -4.43 8.11 0.15
N ALA A 23 -5.64 8.02 0.72
CA ALA A 23 -5.86 8.50 2.07
C ALA A 23 -4.70 8.14 2.98
N VAL A 24 -4.04 7.03 2.66
CA VAL A 24 -2.89 6.59 3.45
C VAL A 24 -1.59 7.15 2.89
N PHE A 25 -1.30 6.79 1.64
CA PHE A 25 -0.08 7.27 1.00
C PHE A 25 0.06 8.77 1.16
N GLU A 26 -1.01 9.43 1.58
CA GLU A 26 -0.99 10.88 1.77
C GLU A 26 -0.30 11.25 3.07
N GLU A 27 -0.40 10.37 4.07
CA GLU A 27 0.23 10.62 5.36
C GLU A 27 1.65 10.05 5.39
N ILE A 28 1.99 9.25 4.39
CA ILE A 28 3.32 8.65 4.33
C ILE A 28 4.32 9.63 3.73
N HIS A 29 4.19 9.90 2.45
CA HIS A 29 5.09 10.83 1.77
C HIS A 29 5.12 12.17 2.49
N LYS A 30 4.17 12.37 3.40
CA LYS A 30 4.10 13.62 4.15
C LYS A 30 4.93 13.51 5.42
N LYS A 31 5.19 12.28 5.85
CA LYS A 31 5.98 12.05 7.06
C LYS A 31 7.45 11.89 6.71
N LYS A 32 7.72 11.33 5.53
CA LYS A 32 9.09 11.12 5.09
C LYS A 32 9.95 12.35 5.40
N NH2 A 33 9.38 13.50 5.54
HN1 NH2 A 33 8.40 13.59 5.47
HN2 NH2 A 33 9.91 14.29 5.75
C ACE A 1 18.16 1.33 -16.00
O ACE A 1 18.82 1.23 -14.97
CH3 ACE A 1 18.43 0.42 -17.20
H1 ACE A 1 18.45 -0.61 -16.87
H2 ACE A 1 19.37 0.68 -17.64
H3 ACE A 1 17.64 0.55 -17.93
N LYS A 2 17.16 2.20 -16.14
CA LYS A 2 16.82 3.12 -15.06
C LYS A 2 15.76 2.50 -14.15
N LYS A 3 16.18 1.58 -13.29
CA LYS A 3 15.25 0.93 -12.37
C LYS A 3 14.82 1.88 -11.27
N LYS A 4 14.04 1.37 -10.33
CA LYS A 4 13.55 2.20 -9.22
C LYS A 4 13.07 1.32 -8.07
N ASP A 5 13.89 0.35 -7.69
CA ASP A 5 13.54 -0.55 -6.60
C ASP A 5 12.19 -1.22 -6.86
N ASN A 6 12.24 -2.37 -7.53
CA ASN A 6 11.01 -3.09 -7.85
C ASN A 6 10.28 -3.49 -6.58
N LEU A 7 9.01 -3.10 -6.49
CA LEU A 7 8.20 -3.41 -5.31
C LEU A 7 7.28 -4.58 -5.60
N LEU A 8 7.83 -5.80 -5.55
CA LEU A 8 7.05 -7.00 -5.81
C LEU A 8 5.69 -6.90 -5.12
N PHE A 9 5.60 -6.05 -4.10
CA PHE A 9 4.34 -5.87 -3.38
C PHE A 9 3.49 -4.80 -4.03
N GLY A 10 4.14 -3.77 -4.56
CA GLY A 10 3.42 -2.68 -5.22
C GLY A 10 2.34 -3.22 -6.14
N SER A 11 2.70 -4.20 -6.96
CA SER A 11 1.74 -4.79 -7.90
C SER A 11 0.52 -5.30 -7.16
N ILE A 12 0.72 -5.69 -5.91
CA ILE A 12 -0.38 -6.20 -5.09
C ILE A 12 -1.05 -5.07 -4.32
N ILE A 13 -0.26 -4.30 -3.59
CA ILE A 13 -0.79 -3.18 -2.82
C ILE A 13 -1.18 -2.03 -3.73
N SER A 14 -0.20 -1.52 -4.48
CA SER A 14 -0.45 -0.41 -5.39
C SER A 14 -1.65 -0.72 -6.28
N ALA A 15 -2.02 -2.00 -6.36
CA ALA A 15 -3.16 -2.41 -7.17
C ALA A 15 -4.46 -2.18 -6.43
N VAL A 16 -4.41 -2.31 -5.10
CA VAL A 16 -5.60 -2.12 -4.28
C VAL A 16 -6.15 -0.71 -4.47
N ASP A 17 -6.88 -0.50 -5.56
CA ASP A 17 -7.48 0.80 -5.86
C ASP A 17 -6.65 1.94 -5.26
N PRO A 18 -5.73 2.51 -6.00
CA PRO A 18 -4.87 3.62 -5.49
C PRO A 18 -5.67 4.69 -4.75
N VAL A 19 -6.99 4.56 -4.75
CA VAL A 19 -7.83 5.53 -4.07
C VAL A 19 -7.89 5.20 -2.58
N ALA A 20 -7.80 3.92 -2.28
CA ALA A 20 -7.82 3.45 -0.90
C ALA A 20 -6.43 3.57 -0.29
N VAL A 21 -5.42 3.53 -1.16
CA VAL A 21 -4.03 3.63 -0.72
C VAL A 21 -3.62 5.08 -0.60
N LEU A 22 -4.29 5.96 -1.35
CA LEU A 22 -3.98 7.37 -1.32
C LEU A 22 -4.25 7.97 0.05
N ALA A 23 -5.50 7.83 0.50
CA ALA A 23 -5.89 8.35 1.82
C ALA A 23 -4.80 8.10 2.84
N VAL A 24 -4.02 7.05 2.62
CA VAL A 24 -2.94 6.69 3.53
C VAL A 24 -1.61 7.24 3.03
N PHE A 25 -1.23 6.83 1.83
CA PHE A 25 0.03 7.28 1.24
C PHE A 25 0.14 8.79 1.31
N GLU A 26 -0.96 9.46 1.63
CA GLU A 26 -0.96 10.92 1.73
C GLU A 26 -0.31 11.36 3.03
N GLU A 27 -0.47 10.54 4.07
CA GLU A 27 0.10 10.86 5.38
C GLU A 27 1.51 10.28 5.51
N ILE A 28 1.90 9.46 4.55
CA ILE A 28 3.23 8.86 4.57
C ILE A 28 4.26 9.79 3.95
N HIS A 29 4.16 9.98 2.64
CA HIS A 29 5.09 10.85 1.93
C HIS A 29 5.13 12.22 2.57
N LYS A 30 4.15 12.51 3.41
CA LYS A 30 4.08 13.80 4.10
C LYS A 30 4.97 13.79 5.33
N LYS A 31 5.25 12.61 5.85
CA LYS A 31 6.10 12.47 7.02
C LYS A 31 7.50 12.02 6.63
N LYS A 32 7.57 11.02 5.76
CA LYS A 32 8.86 10.51 5.31
C LYS A 32 9.62 11.58 4.52
N NH2 A 33 10.86 11.81 4.81
HN1 NH2 A 33 11.31 11.32 5.51
HN2 NH2 A 33 11.35 12.50 4.30
C ACE A 1 23.24 -5.28 -1.24
O ACE A 1 22.48 -5.97 -0.56
CH3 ACE A 1 23.77 -3.95 -0.71
H1 ACE A 1 24.07 -4.07 0.32
H2 ACE A 1 23.01 -3.20 -0.78
H3 ACE A 1 24.63 -3.65 -1.30
N LYS A 2 23.64 -5.64 -2.45
CA LYS A 2 23.18 -6.88 -3.07
C LYS A 2 21.68 -7.03 -2.93
N LYS A 3 20.94 -6.33 -3.78
CA LYS A 3 19.48 -6.39 -3.75
C LYS A 3 18.98 -6.21 -2.33
N LYS A 4 18.75 -7.33 -1.64
CA LYS A 4 18.26 -7.28 -0.27
C LYS A 4 17.16 -6.24 -0.13
N ASP A 5 16.12 -6.36 -0.96
CA ASP A 5 15.01 -5.42 -0.92
C ASP A 5 13.81 -5.98 -1.68
N ASN A 6 12.98 -6.74 -0.97
CA ASN A 6 11.79 -7.33 -1.58
C ASN A 6 10.58 -6.44 -1.37
N LEU A 7 9.66 -6.46 -2.33
CA LEU A 7 8.46 -5.64 -2.25
C LEU A 7 7.40 -6.14 -3.24
N LEU A 8 7.57 -7.37 -3.71
CA LEU A 8 6.63 -7.94 -4.66
C LEU A 8 5.19 -7.69 -4.21
N PHE A 9 4.98 -7.67 -2.90
CA PHE A 9 3.65 -7.43 -2.36
C PHE A 9 3.04 -6.17 -2.95
N GLY A 10 3.89 -5.19 -3.25
CA GLY A 10 3.42 -3.93 -3.83
C GLY A 10 2.43 -4.19 -4.96
N SER A 11 2.77 -5.13 -5.83
CA SER A 11 1.90 -5.46 -6.96
C SER A 11 0.52 -5.84 -6.47
N ILE A 12 0.46 -6.38 -5.26
CA ILE A 12 -0.83 -6.79 -4.68
C ILE A 12 -1.44 -5.64 -3.87
N ILE A 13 -0.65 -5.08 -2.97
CA ILE A 13 -1.13 -3.97 -2.15
C ILE A 13 -1.27 -2.71 -2.98
N SER A 14 -0.18 -2.30 -3.63
CA SER A 14 -0.20 -1.11 -4.46
C SER A 14 -1.29 -1.21 -5.53
N ALA A 15 -1.82 -2.41 -5.71
CA ALA A 15 -2.86 -2.64 -6.70
C ALA A 15 -4.24 -2.34 -6.11
N VAL A 16 -4.33 -2.41 -4.79
CA VAL A 16 -5.61 -2.14 -4.11
C VAL A 16 -6.08 -0.73 -4.41
N ASP A 17 -6.64 -0.54 -5.61
CA ASP A 17 -7.15 0.76 -6.03
C ASP A 17 -6.39 1.90 -5.35
N PRO A 18 -5.37 2.44 -5.96
CA PRO A 18 -4.57 3.55 -5.36
C PRO A 18 -5.44 4.67 -4.78
N VAL A 19 -6.75 4.55 -4.97
CA VAL A 19 -7.67 5.54 -4.45
C VAL A 19 -7.93 5.27 -2.98
N ALA A 20 -7.88 3.99 -2.62
CA ALA A 20 -8.10 3.58 -1.23
C ALA A 20 -6.80 3.70 -0.44
N VAL A 21 -5.68 3.59 -1.15
CA VAL A 21 -4.37 3.69 -0.52
C VAL A 21 -3.95 5.15 -0.40
N LEU A 22 -4.60 6.01 -1.16
CA LEU A 22 -4.29 7.44 -1.13
C LEU A 22 -4.48 8.01 0.27
N ALA A 23 -5.69 7.86 0.80
CA ALA A 23 -5.99 8.36 2.14
C ALA A 23 -4.84 8.09 3.10
N VAL A 24 -4.09 7.03 2.82
CA VAL A 24 -2.96 6.67 3.66
C VAL A 24 -1.66 7.22 3.07
N PHE A 25 -1.33 6.77 1.87
CA PHE A 25 -0.11 7.22 1.21
C PHE A 25 0.02 8.73 1.28
N GLU A 26 -1.06 9.41 1.64
CA GLU A 26 -1.05 10.86 1.75
C GLU A 26 -0.32 11.30 3.01
N GLU A 27 -0.43 10.49 4.07
CA GLU A 27 0.21 10.81 5.33
C GLU A 27 1.64 10.25 5.38
N ILE A 28 1.97 9.42 4.40
CA ILE A 28 3.30 8.82 4.36
C ILE A 28 4.32 9.81 3.79
N HIS A 29 4.19 10.11 2.51
CA HIS A 29 5.10 11.05 1.87
C HIS A 29 5.11 12.38 2.61
N LYS A 30 4.16 12.53 3.52
CA LYS A 30 4.06 13.77 4.30
C LYS A 30 4.99 13.71 5.50
N LYS A 31 5.36 12.50 5.90
CA LYS A 31 6.24 12.31 7.05
C LYS A 31 7.64 11.91 6.58
N LYS A 32 7.70 11.03 5.60
CA LYS A 32 8.97 10.57 5.06
C LYS A 32 9.74 11.73 4.45
N NH2 A 33 10.82 12.18 5.05
HN1 NH2 A 33 11.11 11.78 5.89
HN2 NH2 A 33 11.31 12.93 4.66
C ACE A 1 14.20 7.93 5.30
O ACE A 1 15.12 8.59 5.79
CH3 ACE A 1 12.99 8.61 4.70
H1 ACE A 1 13.24 9.04 3.74
H2 ACE A 1 12.64 9.40 5.36
H3 ACE A 1 12.19 7.89 4.57
N LYS A 2 14.21 6.59 5.26
CA LYS A 2 15.32 5.83 5.81
C LYS A 2 15.69 4.68 4.88
N LYS A 3 16.61 3.83 5.33
CA LYS A 3 17.04 2.69 4.52
C LYS A 3 15.83 2.01 3.87
N LYS A 4 15.56 2.39 2.63
CA LYS A 4 14.44 1.81 1.89
C LYS A 4 14.73 1.78 0.41
N ASP A 5 15.72 0.99 0.01
CA ASP A 5 16.09 0.88 -1.39
C ASP A 5 15.46 -0.36 -2.02
N ASN A 6 14.36 -0.82 -1.43
CA ASN A 6 13.66 -1.99 -1.94
C ASN A 6 12.22 -2.02 -1.42
N LEU A 7 11.29 -2.33 -2.32
CA LEU A 7 9.88 -2.39 -1.95
C LEU A 7 9.04 -2.92 -3.11
N LEU A 8 9.12 -4.23 -3.33
CA LEU A 8 8.37 -4.86 -4.40
C LEU A 8 6.89 -4.92 -4.05
N PHE A 9 6.60 -4.98 -2.76
CA PHE A 9 5.22 -5.05 -2.29
C PHE A 9 4.36 -3.99 -2.99
N GLY A 10 4.98 -2.86 -3.31
CA GLY A 10 4.27 -1.78 -3.98
C GLY A 10 3.44 -2.31 -5.15
N SER A 11 4.07 -3.12 -5.99
CA SER A 11 3.38 -3.69 -7.14
C SER A 11 2.06 -4.32 -6.72
N ILE A 12 2.03 -4.86 -5.51
CA ILE A 12 0.83 -5.49 -4.99
C ILE A 12 -0.01 -4.47 -4.22
N ILE A 13 0.58 -3.87 -3.19
CA ILE A 13 -0.12 -2.88 -2.39
C ILE A 13 -0.55 -1.70 -3.26
N SER A 14 0.40 -1.07 -3.93
CA SER A 14 0.11 0.07 -4.79
C SER A 14 -1.00 -0.29 -5.78
N ALA A 15 -1.33 -1.57 -5.85
CA ALA A 15 -2.37 -2.03 -6.76
C ALA A 15 -3.75 -1.91 -6.10
N VAL A 16 -3.78 -2.08 -4.78
CA VAL A 16 -5.03 -1.99 -4.05
C VAL A 16 -5.71 -0.65 -4.29
N ASP A 17 -6.40 -0.54 -5.43
CA ASP A 17 -7.10 0.70 -5.77
C ASP A 17 -6.42 1.92 -5.16
N PRO A 18 -5.52 2.56 -5.87
CA PRO A 18 -4.79 3.76 -5.33
C PRO A 18 -5.72 4.77 -4.67
N VAL A 19 -7.02 4.51 -4.74
CA VAL A 19 -8.00 5.39 -4.12
C VAL A 19 -8.10 5.08 -2.64
N ALA A 20 -7.94 3.80 -2.31
CA ALA A 20 -8.00 3.37 -0.92
C ALA A 20 -6.66 3.63 -0.23
N VAL A 21 -5.61 3.67 -1.04
CA VAL A 21 -4.26 3.91 -0.52
C VAL A 21 -4.01 5.41 -0.38
N LEU A 22 -4.61 6.20 -1.26
CA LEU A 22 -4.43 7.64 -1.23
C LEU A 22 -4.46 8.16 0.20
N ALA A 23 -5.61 8.02 0.86
CA ALA A 23 -5.76 8.48 2.24
C ALA A 23 -4.51 8.16 3.05
N VAL A 24 -3.82 7.11 2.66
CA VAL A 24 -2.60 6.70 3.35
C VAL A 24 -1.38 7.33 2.69
N PHE A 25 -1.16 7.01 1.43
CA PHE A 25 -0.02 7.57 0.70
C PHE A 25 0.10 9.07 0.94
N GLU A 26 -0.97 9.67 1.44
CA GLU A 26 -0.96 11.10 1.71
C GLU A 26 -0.31 11.40 3.06
N GLU A 27 -0.48 10.49 4.01
CA GLU A 27 0.10 10.66 5.33
C GLU A 27 1.47 10.00 5.41
N ILE A 28 1.89 9.39 4.31
CA ILE A 28 3.18 8.72 4.26
C ILE A 28 4.26 9.65 3.72
N HIS A 29 4.27 9.84 2.42
CA HIS A 29 5.25 10.72 1.78
C HIS A 29 5.28 12.08 2.46
N LYS A 30 4.21 12.40 3.19
CA LYS A 30 4.12 13.67 3.88
C LYS A 30 4.86 13.60 5.21
N LYS A 31 5.02 12.40 5.73
CA LYS A 31 5.71 12.21 6.99
C LYS A 31 7.15 11.75 6.76
N LYS A 32 7.31 10.77 5.88
CA LYS A 32 8.63 10.24 5.56
C LYS A 32 9.51 11.34 4.97
N NH2 A 33 10.81 11.26 5.12
HN1 NH2 A 33 11.20 10.51 5.60
HN2 NH2 A 33 11.38 11.96 4.74
C ACE A 1 9.86 -0.31 6.30
O ACE A 1 10.73 -0.66 7.09
CH3 ACE A 1 8.51 0.19 6.80
H1 ACE A 1 8.18 1.03 6.20
H2 ACE A 1 8.59 0.50 7.83
H3 ACE A 1 7.78 -0.61 6.73
N LYS A 2 10.02 -0.35 4.99
CA LYS A 2 11.27 -0.80 4.40
C LYS A 2 11.66 0.09 3.22
N LYS A 3 12.83 0.73 3.35
CA LYS A 3 13.32 1.62 2.29
C LYS A 3 14.32 0.89 1.41
N LYS A 4 13.87 -0.16 0.74
CA LYS A 4 14.75 -0.93 -0.14
C LYS A 4 13.97 -1.50 -1.32
N ASP A 5 13.50 -2.73 -1.17
CA ASP A 5 12.74 -3.38 -2.24
C ASP A 5 12.19 -4.72 -1.77
N ASN A 6 11.07 -4.69 -1.05
CA ASN A 6 10.47 -5.91 -0.55
C ASN A 6 9.12 -5.61 0.09
N LEU A 7 8.05 -6.16 -0.50
CA LEU A 7 6.71 -5.95 0.02
C LEU A 7 5.84 -7.18 -0.24
N LEU A 8 5.98 -8.18 0.63
CA LEU A 8 5.19 -9.40 0.49
C LEU A 8 3.73 -9.13 0.80
N PHE A 9 3.48 -7.99 1.43
CA PHE A 9 2.12 -7.61 1.78
C PHE A 9 1.37 -7.11 0.56
N GLY A 10 2.11 -6.82 -0.51
CA GLY A 10 1.51 -6.34 -1.74
C GLY A 10 0.25 -7.13 -2.09
N SER A 11 0.22 -8.38 -1.68
CA SER A 11 -0.94 -9.24 -1.94
C SER A 11 -2.23 -8.52 -1.58
N ILE A 12 -2.17 -7.74 -0.51
CA ILE A 12 -3.34 -6.99 -0.06
C ILE A 12 -3.35 -5.59 -0.66
N ILE A 13 -2.27 -4.84 -0.42
CA ILE A 13 -2.17 -3.48 -0.94
C ILE A 13 -2.13 -3.51 -2.47
N SER A 14 -1.12 -4.17 -3.04
CA SER A 14 -0.99 -4.26 -4.49
C SER A 14 -2.30 -4.68 -5.13
N ALA A 15 -3.25 -5.11 -4.30
CA ALA A 15 -4.55 -5.55 -4.80
C ALA A 15 -5.52 -4.38 -4.84
N VAL A 16 -5.54 -3.58 -3.78
CA VAL A 16 -6.42 -2.43 -3.71
C VAL A 16 -6.03 -1.38 -4.75
N ASP A 17 -6.92 -0.42 -5.00
CA ASP A 17 -6.63 0.62 -5.98
C ASP A 17 -6.05 1.86 -5.31
N PRO A 18 -5.22 2.62 -6.01
CA PRO A 18 -4.61 3.85 -5.45
C PRO A 18 -5.58 4.68 -4.62
N VAL A 19 -6.74 4.99 -5.20
CA VAL A 19 -7.74 5.79 -4.53
C VAL A 19 -7.90 5.34 -3.08
N ALA A 20 -7.71 4.05 -2.84
CA ALA A 20 -7.83 3.51 -1.49
C ALA A 20 -6.54 3.71 -0.71
N VAL A 21 -5.43 3.73 -1.43
CA VAL A 21 -4.12 3.92 -0.82
C VAL A 21 -3.87 5.39 -0.53
N LEU A 22 -4.46 6.26 -1.35
CA LEU A 22 -4.29 7.70 -1.19
C LEU A 22 -4.48 8.09 0.28
N ALA A 23 -5.64 7.78 0.82
CA ALA A 23 -5.94 8.10 2.21
C ALA A 23 -4.73 7.83 3.10
N VAL A 24 -3.90 6.87 2.69
CA VAL A 24 -2.70 6.53 3.44
C VAL A 24 -1.49 7.25 2.88
N PHE A 25 -1.19 6.98 1.61
CA PHE A 25 -0.04 7.60 0.96
C PHE A 25 -0.03 9.10 1.22
N GLU A 26 -1.16 9.64 1.66
CA GLU A 26 -1.25 11.06 1.95
C GLU A 26 -0.47 11.41 3.21
N GLU A 27 -0.45 10.49 4.17
CA GLU A 27 0.25 10.72 5.43
C GLU A 27 1.68 10.20 5.35
N ILE A 28 1.90 9.20 4.49
CA ILE A 28 3.24 8.63 4.34
C ILE A 28 4.21 9.66 3.79
N HIS A 29 4.02 10.03 2.52
CA HIS A 29 4.89 11.01 1.88
C HIS A 29 4.96 12.29 2.70
N LYS A 30 4.04 12.42 3.66
CA LYS A 30 3.99 13.61 4.51
C LYS A 30 4.97 13.46 5.68
N LYS A 31 5.32 12.22 5.99
CA LYS A 31 6.24 11.95 7.09
C LYS A 31 7.66 11.78 6.57
N LYS A 32 7.79 11.26 5.35
CA LYS A 32 9.10 11.05 4.76
C LYS A 32 9.97 12.29 4.94
N NH2 A 33 10.00 13.20 3.99
HN1 NH2 A 33 9.46 13.08 3.19
HN2 NH2 A 33 10.56 14.00 4.11
C ACE A 1 16.77 4.21 3.79
O ACE A 1 16.63 2.99 3.96
CH3 ACE A 1 18.08 4.91 4.13
H1 ACE A 1 18.85 4.16 4.32
H2 ACE A 1 17.95 5.51 5.01
H3 ACE A 1 18.38 5.52 3.30
N LYS A 2 15.80 4.99 3.32
CA LYS A 2 14.50 4.43 2.97
C LYS A 2 14.42 4.18 1.47
N LYS A 3 15.30 3.32 0.96
CA LYS A 3 15.31 3.01 -0.46
C LYS A 3 14.56 1.71 -0.72
N LYS A 4 15.31 0.65 -0.99
CA LYS A 4 14.70 -0.66 -1.27
C LYS A 4 13.53 -0.51 -2.23
N ASP A 5 13.84 -0.46 -3.52
CA ASP A 5 12.81 -0.32 -4.54
C ASP A 5 11.96 -1.58 -4.62
N ASN A 6 12.40 -2.64 -3.94
CA ASN A 6 11.67 -3.90 -3.94
C ASN A 6 10.31 -3.73 -3.24
N LEU A 7 10.22 -4.24 -2.02
CA LEU A 7 8.98 -4.15 -1.26
C LEU A 7 7.83 -4.81 -2.02
N LEU A 8 7.94 -6.13 -2.20
CA LEU A 8 6.90 -6.87 -2.91
C LEU A 8 5.51 -6.39 -2.49
N PHE A 9 5.41 -5.88 -1.27
CA PHE A 9 4.14 -5.39 -0.76
C PHE A 9 3.56 -4.34 -1.70
N GLY A 10 4.36 -3.34 -2.03
CA GLY A 10 3.91 -2.28 -2.93
C GLY A 10 3.13 -2.86 -4.10
N SER A 11 3.71 -3.84 -4.77
CA SER A 11 3.06 -4.46 -5.91
C SER A 11 1.62 -4.86 -5.56
N ILE A 12 1.42 -5.21 -4.29
CA ILE A 12 0.10 -5.60 -3.83
C ILE A 12 -0.67 -4.40 -3.30
N ILE A 13 -0.09 -3.73 -2.31
CA ILE A 13 -0.71 -2.55 -1.71
C ILE A 13 -0.92 -1.47 -2.76
N SER A 14 0.14 -1.13 -3.48
CA SER A 14 0.07 -0.11 -4.51
C SER A 14 -0.99 -0.48 -5.56
N ALA A 15 -1.40 -1.74 -5.55
CA ALA A 15 -2.40 -2.20 -6.50
C ALA A 15 -3.81 -2.03 -5.92
N VAL A 16 -3.93 -2.18 -4.61
CA VAL A 16 -5.22 -2.03 -3.95
C VAL A 16 -5.82 -0.67 -4.25
N ASP A 17 -6.47 -0.56 -5.41
CA ASP A 17 -7.11 0.68 -5.83
C ASP A 17 -6.40 1.91 -5.20
N PRO A 18 -5.46 2.51 -5.88
CA PRO A 18 -4.72 3.69 -5.34
C PRO A 18 -5.64 4.74 -4.74
N VAL A 19 -6.94 4.52 -4.85
CA VAL A 19 -7.91 5.46 -4.29
C VAL A 19 -8.08 5.18 -2.81
N ALA A 20 -7.98 3.90 -2.45
CA ALA A 20 -8.11 3.48 -1.06
C ALA A 20 -6.79 3.70 -0.32
N VAL A 21 -5.70 3.69 -1.08
CA VAL A 21 -4.38 3.88 -0.52
C VAL A 21 -4.07 5.37 -0.36
N LEU A 22 -4.61 6.17 -1.28
CA LEU A 22 -4.39 7.61 -1.24
C LEU A 22 -4.48 8.14 0.18
N ALA A 23 -5.66 8.03 0.78
CA ALA A 23 -5.87 8.50 2.15
C ALA A 23 -4.67 8.15 3.01
N VAL A 24 -3.98 7.07 2.67
CA VAL A 24 -2.81 6.64 3.43
C VAL A 24 -1.54 7.24 2.82
N PHE A 25 -1.26 6.89 1.58
CA PHE A 25 -0.08 7.40 0.89
C PHE A 25 0.04 8.92 1.06
N GLU A 26 -1.04 9.54 1.51
CA GLU A 26 -1.05 10.98 1.70
C GLU A 26 -0.32 11.37 2.98
N GLU A 27 -0.36 10.47 3.98
CA GLU A 27 0.32 10.73 5.24
C GLU A 27 1.74 10.18 5.23
N ILE A 28 1.98 9.20 4.36
CA ILE A 28 3.30 8.60 4.26
C ILE A 28 4.31 9.58 3.69
N HIS A 29 4.20 9.84 2.38
CA HIS A 29 5.12 10.77 1.73
C HIS A 29 5.17 12.10 2.49
N LYS A 30 4.17 12.32 3.33
CA LYS A 30 4.11 13.55 4.12
C LYS A 30 4.90 13.39 5.40
N LYS A 31 5.07 12.15 5.83
CA LYS A 31 5.81 11.87 7.06
C LYS A 31 7.30 11.72 6.76
N LYS A 32 7.61 11.17 5.59
CA LYS A 32 9.00 10.98 5.20
C LYS A 32 9.83 12.20 5.55
N NH2 A 33 11.13 12.12 5.54
HN1 NH2 A 33 11.57 11.27 5.30
HN2 NH2 A 33 11.68 12.90 5.76
C ACE A 1 18.47 -10.40 -11.95
O ACE A 1 18.08 -10.91 -10.90
CH3 ACE A 1 18.90 -8.94 -12.00
H1 ACE A 1 19.95 -8.87 -11.77
H2 ACE A 1 18.33 -8.38 -11.27
H3 ACE A 1 18.71 -8.55 -12.98
N LYS A 2 18.53 -11.07 -13.10
CA LYS A 2 18.13 -12.47 -13.17
C LYS A 2 16.83 -12.71 -12.41
N LYS A 3 15.89 -11.80 -12.56
CA LYS A 3 14.61 -11.92 -11.89
C LYS A 3 13.98 -13.28 -12.17
N LYS A 4 13.23 -13.80 -11.19
CA LYS A 4 12.58 -15.09 -11.35
C LYS A 4 11.63 -15.35 -10.18
N ASP A 5 10.45 -14.74 -10.24
CA ASP A 5 9.46 -14.92 -9.19
C ASP A 5 8.15 -14.26 -9.58
N ASN A 6 7.31 -14.99 -10.30
CA ASN A 6 6.02 -14.47 -10.73
C ASN A 6 5.35 -13.69 -9.60
N LEU A 7 4.61 -12.65 -9.97
CA LEU A 7 3.91 -11.83 -8.98
C LEU A 7 2.42 -11.73 -9.32
N LEU A 8 1.84 -12.84 -9.73
CA LEU A 8 0.42 -12.87 -10.08
C LEU A 8 -0.39 -12.03 -9.08
N PHE A 9 0.05 -12.01 -7.83
CA PHE A 9 -0.63 -11.26 -6.80
C PHE A 9 -0.83 -9.81 -7.23
N GLY A 10 0.20 -9.25 -7.86
CA GLY A 10 0.12 -7.86 -8.33
C GLY A 10 -1.23 -7.56 -8.94
N SER A 11 -1.69 -8.42 -9.84
CA SER A 11 -2.97 -8.23 -10.50
C SER A 11 -4.07 -8.04 -9.46
N ILE A 12 -3.89 -8.66 -8.30
CA ILE A 12 -4.87 -8.55 -7.23
C ILE A 12 -4.56 -7.37 -6.32
N ILE A 13 -3.30 -7.30 -5.87
CA ILE A 13 -2.88 -6.22 -4.98
C ILE A 13 -2.82 -4.91 -5.75
N SER A 14 -2.05 -4.89 -6.83
CA SER A 14 -1.92 -3.68 -7.64
C SER A 14 -3.28 -3.22 -8.14
N ALA A 15 -4.29 -4.06 -7.96
CA ALA A 15 -5.64 -3.72 -8.40
C ALA A 15 -6.39 -2.97 -7.31
N VAL A 16 -5.88 -3.06 -6.08
CA VAL A 16 -6.51 -2.38 -4.96
C VAL A 16 -6.86 -0.94 -5.32
N ASP A 17 -8.13 -0.58 -5.16
CA ASP A 17 -8.58 0.77 -5.46
C ASP A 17 -7.55 1.78 -4.94
N PRO A 18 -6.77 2.41 -5.80
CA PRO A 18 -5.74 3.39 -5.35
C PRO A 18 -6.28 4.34 -4.28
N VAL A 19 -7.53 4.74 -4.43
CA VAL A 19 -8.15 5.64 -3.46
C VAL A 19 -7.87 5.18 -2.04
N ALA A 20 -7.68 3.88 -1.88
CA ALA A 20 -7.40 3.31 -0.56
C ALA A 20 -5.91 3.45 -0.24
N VAL A 21 -5.09 3.52 -1.28
CA VAL A 21 -3.65 3.64 -1.10
C VAL A 21 -3.27 5.10 -0.82
N LEU A 22 -3.54 5.98 -1.77
CA LEU A 22 -3.21 7.39 -1.60
C LEU A 22 -3.54 7.85 -0.18
N ALA A 23 -4.79 7.64 0.22
CA ALA A 23 -5.24 8.03 1.55
C ALA A 23 -4.14 7.80 2.58
N VAL A 24 -3.35 6.76 2.37
CA VAL A 24 -2.26 6.45 3.28
C VAL A 24 -0.96 7.07 2.79
N PHE A 25 -0.52 6.66 1.60
CA PHE A 25 0.72 7.19 1.03
C PHE A 25 0.70 8.71 0.99
N GLU A 26 -0.47 9.29 1.20
CA GLU A 26 -0.60 10.75 1.18
C GLU A 26 -0.11 11.36 2.49
N GLU A 27 -0.23 10.60 3.57
CA GLU A 27 0.21 11.09 4.88
C GLU A 27 1.66 10.68 5.15
N ILE A 28 2.08 9.58 4.52
CA ILE A 28 3.44 9.08 4.70
C ILE A 28 4.46 10.07 4.13
N HIS A 29 4.53 10.14 2.80
CA HIS A 29 5.47 11.04 2.15
C HIS A 29 5.33 12.45 2.72
N LYS A 30 4.24 12.68 3.43
CA LYS A 30 4.00 13.99 4.03
C LYS A 30 4.59 14.05 5.44
N LYS A 31 4.74 12.88 6.05
CA LYS A 31 5.30 12.79 7.39
C LYS A 31 6.77 12.38 7.31
N LYS A 32 7.04 11.34 6.54
CA LYS A 32 8.42 10.86 6.39
C LYS A 32 9.27 11.91 5.69
N NH2 A 33 9.80 12.88 6.40
HN1 NH2 A 33 9.63 12.92 7.35
HN2 NH2 A 33 10.34 13.55 5.95
C ACE A 1 0.27 -16.20 7.71
O ACE A 1 -0.87 -16.62 7.95
CH3 ACE A 1 1.32 -16.11 8.81
H1 ACE A 1 0.84 -15.96 9.76
H2 ACE A 1 1.99 -15.28 8.61
H3 ACE A 1 1.89 -17.03 8.84
N LYS A 2 0.64 -15.80 6.49
CA LYS A 2 -0.28 -15.84 5.37
C LYS A 2 -0.23 -17.20 4.69
N LYS A 3 -1.14 -18.09 5.09
CA LYS A 3 -1.20 -19.42 4.52
C LYS A 3 -2.09 -19.44 3.28
N LYS A 4 -2.73 -20.57 3.03
CA LYS A 4 -3.61 -20.70 1.88
C LYS A 4 -2.81 -20.60 0.58
N ASP A 5 -2.41 -21.75 0.05
CA ASP A 5 -1.64 -21.77 -1.19
C ASP A 5 -2.53 -21.45 -2.39
N ASN A 6 -3.45 -20.51 -2.20
CA ASN A 6 -4.35 -20.13 -3.28
C ASN A 6 -4.97 -18.75 -2.99
N LEU A 7 -4.71 -17.81 -3.88
CA LEU A 7 -5.25 -16.46 -3.72
C LEU A 7 -5.02 -15.63 -4.99
N LEU A 8 -5.69 -16.01 -6.07
CA LEU A 8 -5.55 -15.30 -7.33
C LEU A 8 -6.08 -13.87 -7.20
N PHE A 9 -7.11 -13.70 -6.38
CA PHE A 9 -7.70 -12.38 -6.17
C PHE A 9 -6.63 -11.37 -5.77
N GLY A 10 -5.52 -11.87 -5.22
CA GLY A 10 -4.43 -11.01 -4.79
C GLY A 10 -4.18 -9.90 -5.82
N SER A 11 -4.04 -10.29 -7.09
CA SER A 11 -3.80 -9.33 -8.14
C SER A 11 -4.77 -8.16 -8.04
N ILE A 12 -5.97 -8.45 -7.57
CA ILE A 12 -7.00 -7.41 -7.43
C ILE A 12 -6.96 -6.81 -6.02
N ILE A 13 -7.13 -7.66 -5.01
CA ILE A 13 -7.12 -7.19 -3.63
C ILE A 13 -5.77 -6.58 -3.28
N SER A 14 -4.70 -7.27 -3.61
CA SER A 14 -3.36 -6.76 -3.33
C SER A 14 -3.15 -5.43 -4.02
N ALA A 15 -3.98 -5.14 -5.01
CA ALA A 15 -3.89 -3.88 -5.74
C ALA A 15 -4.82 -2.83 -5.13
N VAL A 16 -6.10 -3.16 -5.08
CA VAL A 16 -7.11 -2.26 -4.54
C VAL A 16 -7.05 -0.91 -5.25
N ASP A 17 -8.16 -0.18 -5.22
CA ASP A 17 -8.24 1.12 -5.87
C ASP A 17 -7.33 2.14 -5.16
N PRO A 18 -6.50 2.88 -5.88
CA PRO A 18 -5.60 3.88 -5.26
C PRO A 18 -6.27 4.65 -4.12
N VAL A 19 -7.51 5.07 -4.35
CA VAL A 19 -8.25 5.82 -3.35
C VAL A 19 -8.01 5.24 -1.96
N ALA A 20 -7.71 3.95 -1.90
CA ALA A 20 -7.46 3.28 -0.64
C ALA A 20 -5.97 3.36 -0.28
N VAL A 21 -5.13 3.37 -1.30
CA VAL A 21 -3.69 3.43 -1.09
C VAL A 21 -3.25 4.88 -0.86
N LEU A 22 -3.50 5.74 -1.84
CA LEU A 22 -3.12 7.15 -1.71
C LEU A 22 -3.44 7.66 -0.32
N ALA A 23 -4.71 7.50 0.06
CA ALA A 23 -5.17 7.95 1.37
C ALA A 23 -4.10 7.71 2.43
N VAL A 24 -3.34 6.65 2.26
CA VAL A 24 -2.27 6.32 3.20
C VAL A 24 -0.95 6.91 2.74
N PHE A 25 -0.45 6.41 1.62
CA PHE A 25 0.82 6.90 1.07
C PHE A 25 0.83 8.42 1.01
N GLU A 26 -0.34 9.01 1.20
CA GLU A 26 -0.46 10.47 1.15
C GLU A 26 -0.05 11.08 2.50
N GLU A 27 -0.29 10.34 3.57
CA GLU A 27 0.05 10.82 4.91
C GLU A 27 1.45 10.36 5.31
N ILE A 28 2.05 9.53 4.47
CA ILE A 28 3.40 9.03 4.73
C ILE A 28 4.45 10.00 4.22
N HIS A 29 4.62 10.02 2.90
CA HIS A 29 5.61 10.91 2.30
C HIS A 29 5.41 12.35 2.78
N LYS A 30 4.23 12.62 3.32
CA LYS A 30 3.91 13.96 3.82
C LYS A 30 4.47 14.14 5.22
N LYS A 31 4.67 13.03 5.92
CA LYS A 31 5.20 13.08 7.28
C LYS A 31 6.69 12.73 7.28
N LYS A 32 7.05 11.72 6.52
CA LYS A 32 8.44 11.28 6.44
C LYS A 32 9.32 12.39 5.86
N NH2 A 33 9.62 12.36 4.59
HN1 NH2 A 33 9.30 11.64 4.02
HN2 NH2 A 33 10.18 13.07 4.21
C ACE A 1 14.86 -8.70 7.51
O ACE A 1 14.58 -7.55 7.16
CH3 ACE A 1 16.26 -9.07 7.95
H1 ACE A 1 16.92 -8.23 7.78
H2 ACE A 1 16.61 -9.93 7.40
H3 ACE A 1 16.25 -9.30 9.02
N LYS A 2 13.96 -9.69 7.51
CA LYS A 2 12.58 -9.45 7.10
C LYS A 2 11.74 -8.99 8.27
N LYS A 3 11.45 -7.69 8.31
CA LYS A 3 10.65 -7.13 9.39
C LYS A 3 9.19 -7.01 8.96
N LYS A 4 8.82 -5.84 8.43
CA LYS A 4 7.46 -5.61 7.97
C LYS A 4 7.39 -4.41 7.05
N ASP A 5 8.18 -4.43 5.99
CA ASP A 5 8.21 -3.33 5.04
C ASP A 5 7.08 -3.46 4.03
N ASN A 6 7.40 -3.93 2.82
CA ASN A 6 6.39 -4.10 1.78
C ASN A 6 6.62 -5.41 1.03
N LEU A 7 6.22 -6.51 1.65
CA LEU A 7 6.39 -7.82 1.04
C LEU A 7 5.04 -8.54 0.94
N LEU A 8 4.50 -8.93 2.10
CA LEU A 8 3.22 -9.62 2.13
C LEU A 8 2.07 -8.62 2.09
N PHE A 9 2.28 -7.46 2.69
CA PHE A 9 1.25 -6.42 2.71
C PHE A 9 0.70 -6.19 1.31
N GLY A 10 1.53 -6.47 0.29
CA GLY A 10 1.12 -6.29 -1.09
C GLY A 10 -0.10 -7.15 -1.42
N SER A 11 -0.03 -8.43 -1.05
CA SER A 11 -1.13 -9.34 -1.31
C SER A 11 -2.46 -8.71 -0.92
N ILE A 12 -2.42 -7.91 0.14
CA ILE A 12 -3.63 -7.23 0.62
C ILE A 12 -3.76 -5.86 -0.02
N ILE A 13 -2.77 -5.00 0.21
CA ILE A 13 -2.79 -3.65 -0.34
C ILE A 13 -2.91 -3.70 -1.86
N SER A 14 -1.99 -4.41 -2.50
CA SER A 14 -2.01 -4.53 -3.95
C SER A 14 -3.39 -4.93 -4.46
N ALA A 15 -4.26 -5.30 -3.53
CA ALA A 15 -5.62 -5.72 -3.89
C ALA A 15 -6.54 -4.51 -4.01
N VAL A 16 -6.22 -3.45 -3.29
CA VAL A 16 -7.04 -2.24 -3.33
C VAL A 16 -6.68 -1.37 -4.54
N ASP A 17 -7.27 -0.19 -4.61
CA ASP A 17 -7.01 0.72 -5.72
C ASP A 17 -6.35 2.00 -5.22
N PRO A 18 -5.71 2.74 -6.10
CA PRO A 18 -5.03 4.02 -5.73
C PRO A 18 -5.84 4.83 -4.73
N VAL A 19 -7.12 4.99 -5.00
CA VAL A 19 -8.00 5.75 -4.12
C VAL A 19 -7.87 5.25 -2.68
N ALA A 20 -7.63 3.95 -2.54
CA ALA A 20 -7.48 3.35 -1.22
C ALA A 20 -6.06 3.56 -0.71
N VAL A 21 -5.10 3.60 -1.64
CA VAL A 21 -3.71 3.80 -1.28
C VAL A 21 -3.41 5.28 -1.06
N LEU A 22 -4.26 6.14 -1.63
CA LEU A 22 -4.09 7.57 -1.49
C LEU A 22 -4.22 7.99 -0.02
N ALA A 23 -5.36 7.70 0.57
CA ALA A 23 -5.61 8.05 1.97
C ALA A 23 -4.37 7.74 2.82
N VAL A 24 -3.60 6.74 2.40
CA VAL A 24 -2.41 6.34 3.12
C VAL A 24 -1.19 7.09 2.59
N PHE A 25 -0.89 6.89 1.31
CA PHE A 25 0.26 7.55 0.70
C PHE A 25 0.25 9.04 1.01
N GLU A 26 -0.88 9.54 1.51
CA GLU A 26 -0.99 10.95 1.85
C GLU A 26 -0.28 11.25 3.16
N GLU A 27 -0.27 10.27 4.06
CA GLU A 27 0.38 10.44 5.36
C GLU A 27 1.86 10.04 5.28
N ILE A 28 2.17 9.18 4.30
CA ILE A 28 3.54 8.72 4.14
C ILE A 28 4.44 9.85 3.65
N HIS A 29 4.29 10.23 2.38
CA HIS A 29 5.09 11.29 1.81
C HIS A 29 5.04 12.53 2.69
N LYS A 30 4.03 12.60 3.54
CA LYS A 30 3.87 13.74 4.45
C LYS A 30 4.59 13.47 5.77
N LYS A 31 4.83 12.20 6.05
CA LYS A 31 5.52 11.82 7.28
C LYS A 31 7.03 11.79 7.07
N LYS A 32 7.44 11.39 5.86
CA LYS A 32 8.86 11.32 5.55
C LYS A 32 9.55 12.64 5.86
N NH2 A 33 10.85 12.69 5.93
HN1 NH2 A 33 11.38 11.88 5.76
HN2 NH2 A 33 11.30 13.54 6.14
C ACE A 1 13.95 1.24 8.72
O ACE A 1 14.75 0.40 9.11
CH3 ACE A 1 13.10 2.01 9.73
H1 ACE A 1 13.51 3.00 9.87
H2 ACE A 1 13.09 1.49 10.68
H3 ACE A 1 12.09 2.10 9.36
N LYS A 2 13.75 1.54 7.45
CA LYS A 2 14.51 0.87 6.39
C LYS A 2 14.44 -0.64 6.57
N LYS A 3 13.33 -1.24 6.15
CA LYS A 3 13.16 -2.68 6.27
C LYS A 3 12.51 -3.25 5.00
N LYS A 4 12.43 -4.57 4.94
CA LYS A 4 11.83 -5.23 3.78
C LYS A 4 11.58 -6.71 4.06
N ASP A 5 10.40 -7.00 4.59
CA ASP A 5 10.05 -8.39 4.92
C ASP A 5 9.22 -9.00 3.79
N ASN A 6 9.63 -8.75 2.55
CA ASN A 6 8.92 -9.29 1.40
C ASN A 6 7.66 -8.46 1.11
N LEU A 7 6.65 -9.12 0.57
CA LEU A 7 5.39 -8.44 0.25
C LEU A 7 4.20 -9.27 0.69
N LEU A 8 4.19 -9.65 1.97
CA LEU A 8 3.10 -10.46 2.50
C LEU A 8 1.80 -9.69 2.45
N PHE A 9 1.89 -8.36 2.55
CA PHE A 9 0.72 -7.51 2.51
C PHE A 9 0.41 -7.08 1.09
N GLY A 10 1.39 -7.22 0.20
CA GLY A 10 1.23 -6.84 -1.19
C GLY A 10 -0.03 -7.49 -1.78
N SER A 11 -0.25 -8.75 -1.47
CA SER A 11 -1.41 -9.47 -1.96
C SER A 11 -2.69 -8.72 -1.62
N ILE A 12 -2.65 -7.99 -0.51
CA ILE A 12 -3.81 -7.22 -0.08
C ILE A 12 -3.78 -5.81 -0.65
N ILE A 13 -2.66 -5.12 -0.43
CA ILE A 13 -2.50 -3.75 -0.92
C ILE A 13 -2.45 -3.75 -2.45
N SER A 14 -1.46 -4.47 -3.00
CA SER A 14 -1.31 -4.54 -4.45
C SER A 14 -2.63 -4.87 -5.12
N ALA A 15 -3.61 -5.29 -4.31
CA ALA A 15 -4.93 -5.64 -4.84
C ALA A 15 -5.85 -4.42 -4.84
N VAL A 16 -5.79 -3.65 -3.76
CA VAL A 16 -6.62 -2.46 -3.65
C VAL A 16 -6.23 -1.44 -4.72
N ASP A 17 -7.07 -0.42 -4.90
CA ASP A 17 -6.80 0.61 -5.90
C ASP A 17 -6.19 1.86 -5.26
N PRO A 18 -5.40 2.62 -6.00
CA PRO A 18 -4.77 3.86 -5.47
C PRO A 18 -5.71 4.69 -4.59
N VAL A 19 -6.89 5.00 -5.14
CA VAL A 19 -7.87 5.79 -4.41
C VAL A 19 -7.97 5.34 -2.96
N ALA A 20 -7.74 4.05 -2.74
CA ALA A 20 -7.81 3.49 -1.39
C ALA A 20 -6.48 3.68 -0.68
N VAL A 21 -5.39 3.70 -1.45
CA VAL A 21 -4.07 3.88 -0.87
C VAL A 21 -3.78 5.36 -0.64
N LEU A 22 -4.48 6.21 -1.39
CA LEU A 22 -4.29 7.66 -1.25
C LEU A 22 -4.36 8.08 0.21
N ALA A 23 -5.50 7.84 0.83
CA ALA A 23 -5.69 8.20 2.24
C ALA A 23 -4.43 7.87 3.05
N VAL A 24 -3.70 6.85 2.60
CA VAL A 24 -2.49 6.44 3.28
C VAL A 24 -1.27 7.17 2.72
N PHE A 25 -1.01 6.94 1.43
CA PHE A 25 0.13 7.58 0.78
C PHE A 25 0.16 9.08 1.09
N GLU A 26 -0.95 9.59 1.59
CA GLU A 26 -1.05 11.01 1.92
C GLU A 26 -0.30 11.31 3.22
N GLU A 27 -0.28 10.35 4.12
CA GLU A 27 0.40 10.53 5.40
C GLU A 27 1.86 10.11 5.29
N ILE A 28 2.15 9.23 4.34
CA ILE A 28 3.51 8.75 4.14
C ILE A 28 4.41 9.86 3.63
N HIS A 29 4.24 10.23 2.36
CA HIS A 29 5.04 11.28 1.76
C HIS A 29 5.02 12.54 2.63
N LYS A 30 4.04 12.61 3.53
CA LYS A 30 3.93 13.77 4.42
C LYS A 30 4.72 13.53 5.70
N LYS A 31 4.98 12.27 6.00
CA LYS A 31 5.73 11.91 7.20
C LYS A 31 7.20 11.68 6.86
N LYS A 32 7.46 11.21 5.65
CA LYS A 32 8.83 10.95 5.21
C LYS A 32 9.71 12.16 5.45
N NH2 A 33 10.59 12.14 6.42
HN1 NH2 A 33 10.67 11.35 6.98
HN2 NH2 A 33 11.16 12.92 6.59
C ACE A 1 9.26 -4.72 7.60
O ACE A 1 10.30 -4.30 7.12
CH3 ACE A 1 8.17 -3.75 8.08
H1 ACE A 1 7.67 -4.17 8.94
H2 ACE A 1 7.46 -3.60 7.28
H3 ACE A 1 8.62 -2.82 8.35
N LYS A 2 8.99 -6.02 7.75
CA LYS A 2 9.95 -7.03 7.34
C LYS A 2 9.24 -8.18 6.64
N LYS A 3 9.82 -8.66 5.55
CA LYS A 3 9.23 -9.76 4.79
C LYS A 3 9.63 -11.10 5.41
N LYS A 4 8.68 -12.03 5.46
CA LYS A 4 8.94 -13.35 6.03
C LYS A 4 8.25 -14.43 5.20
N ASP A 5 8.00 -14.13 3.92
CA ASP A 5 7.36 -15.08 3.04
C ASP A 5 5.93 -15.35 3.49
N ASN A 6 5.23 -14.29 3.91
CA ASN A 6 3.86 -14.43 4.36
C ASN A 6 3.15 -13.07 4.35
N LEU A 7 2.69 -12.66 3.17
CA LEU A 7 2.00 -11.39 3.02
C LEU A 7 0.64 -11.59 2.36
N LEU A 8 -0.06 -12.64 2.77
CA LEU A 8 -1.37 -12.93 2.21
C LEU A 8 -2.18 -11.65 2.05
N PHE A 9 -1.96 -10.69 2.93
CA PHE A 9 -2.66 -9.42 2.88
C PHE A 9 -2.49 -8.77 1.51
N GLY A 10 -1.29 -8.85 0.97
CA GLY A 10 -1.00 -8.27 -0.33
C GLY A 10 -2.11 -8.58 -1.33
N SER A 11 -2.62 -9.80 -1.27
CA SER A 11 -3.70 -10.21 -2.18
C SER A 11 -4.85 -9.21 -2.11
N ILE A 12 -5.06 -8.65 -0.93
CA ILE A 12 -6.13 -7.66 -0.75
C ILE A 12 -5.61 -6.26 -0.98
N ILE A 13 -4.55 -5.89 -0.27
CA ILE A 13 -3.97 -4.56 -0.40
C ILE A 13 -3.47 -4.34 -1.83
N SER A 14 -2.48 -5.12 -2.23
CA SER A 14 -1.91 -5.00 -3.56
C SER A 14 -3.02 -5.03 -4.62
N ALA A 15 -4.19 -5.51 -4.22
CA ALA A 15 -5.32 -5.58 -5.14
C ALA A 15 -6.16 -4.29 -5.07
N VAL A 16 -6.21 -3.71 -3.88
CA VAL A 16 -6.97 -2.47 -3.68
C VAL A 16 -6.64 -1.46 -4.76
N ASP A 17 -7.44 -0.41 -4.86
CA ASP A 17 -7.22 0.61 -5.89
C ASP A 17 -6.49 1.83 -5.30
N PRO A 18 -5.74 2.56 -6.09
CA PRO A 18 -5.01 3.77 -5.62
C PRO A 18 -5.84 4.62 -4.66
N VAL A 19 -7.03 4.99 -5.10
CA VAL A 19 -7.92 5.82 -4.29
C VAL A 19 -7.91 5.36 -2.84
N ALA A 20 -7.71 4.06 -2.64
CA ALA A 20 -7.68 3.50 -1.29
C ALA A 20 -6.29 3.64 -0.70
N VAL A 21 -5.28 3.60 -1.56
CA VAL A 21 -3.90 3.73 -1.10
C VAL A 21 -3.53 5.20 -0.92
N LEU A 22 -4.29 6.07 -1.57
CA LEU A 22 -4.04 7.51 -1.48
C LEU A 22 -4.20 7.98 -0.04
N ALA A 23 -5.39 7.77 0.52
CA ALA A 23 -5.66 8.18 1.89
C ALA A 23 -4.48 7.85 2.80
N VAL A 24 -3.76 6.80 2.44
CA VAL A 24 -2.60 6.39 3.23
C VAL A 24 -1.34 7.06 2.73
N PHE A 25 -1.00 6.80 1.47
CA PHE A 25 0.20 7.39 0.87
C PHE A 25 0.25 8.90 1.14
N GLU A 26 -0.87 9.46 1.58
CA GLU A 26 -0.94 10.88 1.88
C GLU A 26 -0.28 11.20 3.21
N GLU A 27 -0.34 10.24 4.14
CA GLU A 27 0.26 10.44 5.45
C GLU A 27 1.70 9.96 5.47
N ILE A 28 2.11 9.29 4.39
CA ILE A 28 3.47 8.78 4.29
C ILE A 28 4.42 9.87 3.81
N HIS A 29 4.29 10.25 2.54
CA HIS A 29 5.15 11.29 1.97
C HIS A 29 5.08 12.55 2.80
N LYS A 30 4.11 12.62 3.70
CA LYS A 30 3.94 13.78 4.56
C LYS A 30 4.80 13.64 5.82
N LYS A 31 5.15 12.40 6.14
CA LYS A 31 5.97 12.13 7.31
C LYS A 31 7.44 12.08 6.94
N LYS A 32 7.73 11.62 5.73
CA LYS A 32 9.11 11.53 5.26
C LYS A 32 9.90 12.77 5.65
N NH2 A 33 9.62 13.91 5.08
HN1 NH2 A 33 8.92 13.96 4.40
HN2 NH2 A 33 10.13 14.71 5.33
C ACE A 1 16.68 -4.49 6.64
O ACE A 1 16.82 -5.67 6.29
CH3 ACE A 1 17.74 -3.45 6.31
H1 ACE A 1 17.80 -2.73 7.12
H2 ACE A 1 17.47 -2.94 5.40
H3 ACE A 1 18.70 -3.94 6.18
N LYS A 2 15.63 -4.06 7.32
CA LYS A 2 14.54 -4.96 7.70
C LYS A 2 13.68 -5.30 6.49
N LYS A 3 12.77 -6.25 6.65
CA LYS A 3 11.89 -6.66 5.57
C LYS A 3 10.47 -6.88 6.08
N LYS A 4 9.49 -6.51 5.27
CA LYS A 4 8.08 -6.66 5.66
C LYS A 4 7.18 -6.46 4.46
N ASP A 5 6.91 -7.54 3.73
CA ASP A 5 6.05 -7.47 2.56
C ASP A 5 4.58 -7.56 2.96
N ASN A 6 3.99 -8.73 2.76
CA ASN A 6 2.59 -8.94 3.12
C ASN A 6 2.21 -10.42 2.98
N LEU A 7 1.10 -10.80 3.60
CA LEU A 7 0.64 -12.18 3.54
C LEU A 7 -0.49 -12.32 2.53
N LEU A 8 -1.47 -13.16 2.87
CA LEU A 8 -2.61 -13.38 1.99
C LEU A 8 -3.39 -12.07 1.77
N PHE A 9 -3.41 -11.23 2.80
CA PHE A 9 -4.12 -9.95 2.70
C PHE A 9 -3.64 -9.17 1.49
N GLY A 10 -2.34 -9.23 1.22
CA GLY A 10 -1.77 -8.51 0.09
C GLY A 10 -2.62 -8.71 -1.17
N SER A 11 -3.13 -9.92 -1.35
CA SER A 11 -3.96 -10.23 -2.50
C SER A 11 -5.10 -9.23 -2.63
N ILE A 12 -5.58 -8.77 -1.48
CA ILE A 12 -6.68 -7.81 -1.45
C ILE A 12 -6.14 -6.38 -1.41
N ILE A 13 -5.31 -6.09 -0.40
CA ILE A 13 -4.72 -4.76 -0.26
C ILE A 13 -3.91 -4.41 -1.50
N SER A 14 -2.87 -5.19 -1.76
CA SER A 14 -2.02 -4.95 -2.92
C SER A 14 -2.85 -4.84 -4.19
N ALA A 15 -4.07 -5.38 -4.14
CA ALA A 15 -4.96 -5.33 -5.29
C ALA A 15 -5.82 -4.08 -5.24
N VAL A 16 -6.10 -3.60 -4.04
CA VAL A 16 -6.93 -2.41 -3.87
C VAL A 16 -6.54 -1.35 -4.89
N ASP A 17 -7.39 -0.34 -5.06
CA ASP A 17 -7.12 0.72 -6.02
C ASP A 17 -6.39 1.89 -5.35
N PRO A 18 -5.55 2.62 -6.07
CA PRO A 18 -4.81 3.78 -5.52
C PRO A 18 -5.67 4.65 -4.61
N VAL A 19 -6.83 5.05 -5.13
CA VAL A 19 -7.74 5.90 -4.36
C VAL A 19 -7.85 5.42 -2.92
N ALA A 20 -7.70 4.11 -2.73
CA ALA A 20 -7.78 3.53 -1.40
C ALA A 20 -6.43 3.63 -0.69
N VAL A 21 -5.36 3.61 -1.48
CA VAL A 21 -4.02 3.71 -0.93
C VAL A 21 -3.63 5.17 -0.70
N LEU A 22 -4.30 6.06 -1.41
CA LEU A 22 -4.03 7.48 -1.28
C LEU A 22 -4.22 7.95 0.16
N ALA A 23 -5.43 7.75 0.68
CA ALA A 23 -5.74 8.15 2.04
C ALA A 23 -4.58 7.82 2.98
N VAL A 24 -3.81 6.81 2.60
CA VAL A 24 -2.66 6.39 3.41
C VAL A 24 -1.39 7.04 2.89
N PHE A 25 -1.02 6.72 1.66
CA PHE A 25 0.19 7.27 1.06
C PHE A 25 0.24 8.78 1.24
N GLU A 26 -0.89 9.37 1.63
CA GLU A 26 -0.96 10.81 1.83
C GLU A 26 -0.31 11.21 3.15
N GLU A 27 -0.36 10.31 4.13
CA GLU A 27 0.23 10.58 5.43
C GLU A 27 1.68 10.09 5.49
N ILE A 28 2.06 9.28 4.51
CA ILE A 28 3.41 8.75 4.45
C ILE A 28 4.38 9.79 3.88
N HIS A 29 4.24 10.06 2.58
CA HIS A 29 5.10 11.04 1.93
C HIS A 29 5.08 12.37 2.68
N LYS A 30 4.09 12.53 3.55
CA LYS A 30 3.97 13.76 4.33
C LYS A 30 4.83 13.69 5.58
N LYS A 31 5.14 12.46 6.00
CA LYS A 31 5.97 12.26 7.18
C LYS A 31 7.44 12.16 6.80
N LYS A 32 7.70 11.65 5.61
CA LYS A 32 9.07 11.50 5.13
C LYS A 32 9.86 12.79 5.35
N NH2 A 33 11.03 12.74 5.91
HN1 NH2 A 33 11.40 11.87 6.20
HN2 NH2 A 33 11.54 13.55 6.07
C ACE A 1 -0.43 -7.26 15.89
O ACE A 1 0.49 -6.44 15.79
CH3 ACE A 1 -1.86 -6.88 15.52
H1 ACE A 1 -2.44 -7.78 15.38
H2 ACE A 1 -1.85 -6.31 14.59
H3 ACE A 1 -2.29 -6.28 16.30
N LYS A 2 -0.25 -8.50 16.34
CA LYS A 2 1.07 -8.96 16.73
C LYS A 2 1.30 -10.39 16.23
N LYS A 3 2.58 -10.75 16.07
CA LYS A 3 2.92 -12.10 15.59
C LYS A 3 2.15 -12.42 14.32
N LYS A 4 2.58 -11.84 13.19
CA LYS A 4 1.93 -12.09 11.92
C LYS A 4 2.95 -12.06 10.79
N ASP A 5 3.72 -13.13 10.67
CA ASP A 5 4.74 -13.21 9.62
C ASP A 5 4.07 -13.35 8.25
N ASN A 6 2.76 -13.57 8.25
CA ASN A 6 2.02 -13.71 7.01
C ASN A 6 1.28 -12.42 6.66
N LEU A 7 1.13 -12.16 5.36
CA LEU A 7 0.45 -10.95 4.92
C LEU A 7 -0.51 -11.27 3.77
N LEU A 8 -1.33 -12.30 3.97
CA LEU A 8 -2.28 -12.70 2.94
C LEU A 8 -3.15 -11.52 2.52
N PHE A 9 -3.42 -10.63 3.47
CA PHE A 9 -4.24 -9.46 3.18
C PHE A 9 -3.68 -8.69 1.99
N GLY A 10 -2.35 -8.66 1.89
CA GLY A 10 -1.70 -7.95 0.79
C GLY A 10 -2.39 -8.24 -0.54
N SER A 11 -2.80 -9.49 -0.73
CA SER A 11 -3.47 -9.87 -1.97
C SER A 11 -4.65 -8.95 -2.24
N ILE A 12 -5.29 -8.49 -1.17
CA ILE A 12 -6.43 -7.60 -1.29
C ILE A 12 -5.97 -6.14 -1.24
N ILE A 13 -5.30 -5.78 -0.16
CA ILE A 13 -4.81 -4.41 0.00
C ILE A 13 -3.90 -4.03 -1.17
N SER A 14 -2.87 -4.84 -1.40
CA SER A 14 -1.94 -4.58 -2.48
C SER A 14 -2.66 -4.55 -3.82
N ALA A 15 -3.85 -5.14 -3.86
CA ALA A 15 -4.65 -5.18 -5.08
C ALA A 15 -5.57 -3.96 -5.16
N VAL A 16 -6.01 -3.49 -4.01
CA VAL A 16 -6.90 -2.33 -3.96
C VAL A 16 -6.42 -1.25 -4.92
N ASP A 17 -7.29 -0.28 -5.20
CA ASP A 17 -6.93 0.79 -6.13
C ASP A 17 -6.25 1.95 -5.39
N PRO A 18 -5.38 2.68 -6.05
CA PRO A 18 -4.67 3.83 -5.42
C PRO A 18 -5.58 4.69 -4.55
N VAL A 19 -6.73 5.07 -5.10
CA VAL A 19 -7.68 5.90 -4.38
C VAL A 19 -7.82 5.41 -2.94
N ALA A 20 -7.66 4.11 -2.75
CA ALA A 20 -7.78 3.53 -1.41
C ALA A 20 -6.45 3.64 -0.67
N VAL A 21 -5.35 3.58 -1.43
CA VAL A 21 -4.02 3.67 -0.83
C VAL A 21 -3.63 5.13 -0.65
N LEU A 22 -4.35 6.03 -1.31
CA LEU A 22 -4.06 7.45 -1.22
C LEU A 22 -4.27 7.94 0.21
N ALA A 23 -5.48 7.74 0.72
CA ALA A 23 -5.80 8.17 2.09
C ALA A 23 -4.65 7.84 3.04
N VAL A 24 -3.88 6.82 2.70
CA VAL A 24 -2.75 6.42 3.52
C VAL A 24 -1.46 7.05 2.99
N PHE A 25 -1.09 6.69 1.77
CA PHE A 25 0.11 7.22 1.15
C PHE A 25 0.16 8.74 1.29
N GLU A 26 -0.95 9.33 1.67
CA GLU A 26 -1.01 10.79 1.83
C GLU A 26 -0.36 11.21 3.14
N GLU A 27 -0.41 10.34 4.15
CA GLU A 27 0.18 10.65 5.45
C GLU A 27 1.62 10.14 5.51
N ILE A 28 2.00 9.31 4.55
CA ILE A 28 3.35 8.75 4.53
C ILE A 28 4.32 9.77 3.92
N HIS A 29 4.18 10.00 2.62
CA HIS A 29 5.05 10.95 1.92
C HIS A 29 5.05 12.30 2.63
N LYS A 30 4.07 12.50 3.50
CA LYS A 30 3.96 13.75 4.24
C LYS A 30 4.85 13.72 5.47
N LYS A 31 5.18 12.52 5.92
CA LYS A 31 6.03 12.36 7.10
C LYS A 31 7.49 12.17 6.68
N LYS A 32 7.70 11.54 5.53
CA LYS A 32 9.05 11.30 5.03
C LYS A 32 9.84 12.60 4.97
N NH2 A 33 9.24 13.70 4.58
HN1 NH2 A 33 8.30 13.68 4.33
HN2 NH2 A 33 9.74 14.53 4.55
C ACE A 1 18.15 -8.36 -1.23
O ACE A 1 19.04 -8.73 -2.01
CH3 ACE A 1 17.81 -6.88 -1.07
H1 ACE A 1 16.86 -6.68 -1.52
H2 ACE A 1 18.57 -6.29 -1.57
H3 ACE A 1 17.79 -6.63 -0.03
N LYS A 2 17.44 -9.21 -0.50
CA LYS A 2 17.68 -10.65 -0.55
C LYS A 2 17.07 -11.22 -1.82
N LYS A 3 17.26 -10.54 -2.94
CA LYS A 3 16.72 -11.00 -4.22
C LYS A 3 15.21 -11.24 -4.10
N LYS A 4 14.43 -10.19 -4.31
CA LYS A 4 12.98 -10.30 -4.23
C LYS A 4 12.48 -11.41 -5.14
N ASP A 5 12.29 -11.09 -6.42
CA ASP A 5 11.81 -12.06 -7.39
C ASP A 5 10.49 -12.69 -6.93
N ASN A 6 9.86 -12.04 -5.96
CA ASN A 6 8.59 -12.54 -5.42
C ASN A 6 7.91 -11.48 -4.56
N LEU A 7 7.11 -10.64 -5.19
CA LEU A 7 6.40 -9.58 -4.48
C LEU A 7 4.97 -9.47 -4.97
N LEU A 8 4.39 -10.59 -5.38
CA LEU A 8 3.02 -10.60 -5.88
C LEU A 8 2.13 -9.72 -5.01
N PHE A 9 2.57 -9.49 -3.77
CA PHE A 9 1.80 -8.67 -2.85
C PHE A 9 1.46 -7.32 -3.47
N GLY A 10 2.37 -6.81 -4.30
CA GLY A 10 2.15 -5.53 -4.95
C GLY A 10 1.04 -5.63 -5.99
N SER A 11 1.15 -6.61 -6.88
CA SER A 11 0.15 -6.80 -7.92
C SER A 11 -1.25 -6.75 -7.32
N ILE A 12 -1.37 -7.25 -6.10
CA ILE A 12 -2.66 -7.27 -5.41
C ILE A 12 -2.84 -6.00 -4.59
N ILE A 13 -1.95 -5.80 -3.62
CA ILE A 13 -2.02 -4.62 -2.76
C ILE A 13 -2.04 -3.35 -3.60
N SER A 14 -1.02 -3.17 -4.43
CA SER A 14 -0.92 -1.99 -5.27
C SER A 14 -2.17 -1.87 -6.16
N ALA A 15 -2.87 -2.98 -6.35
CA ALA A 15 -4.08 -2.98 -7.16
C ALA A 15 -5.31 -2.74 -6.31
N VAL A 16 -5.10 -2.55 -5.00
CA VAL A 16 -6.21 -2.32 -4.09
C VAL A 16 -6.82 -0.94 -4.31
N ASP A 17 -6.95 -0.55 -5.57
CA ASP A 17 -7.51 0.75 -5.89
C ASP A 17 -6.67 1.86 -5.27
N PRO A 18 -5.71 2.42 -5.98
CA PRO A 18 -4.84 3.49 -5.44
C PRO A 18 -5.64 4.55 -4.68
N VAL A 19 -6.94 4.58 -4.92
CA VAL A 19 -7.80 5.54 -4.23
C VAL A 19 -7.89 5.21 -2.75
N ALA A 20 -7.84 3.92 -2.45
CA ALA A 20 -7.90 3.46 -1.06
C ALA A 20 -6.53 3.60 -0.41
N VAL A 21 -5.49 3.56 -1.24
CA VAL A 21 -4.12 3.68 -0.74
C VAL A 21 -3.72 5.15 -0.63
N LEU A 22 -4.35 5.99 -1.44
CA LEU A 22 -4.05 7.42 -1.43
C LEU A 22 -4.22 7.99 -0.02
N ALA A 23 -5.43 7.89 0.51
CA ALA A 23 -5.72 8.40 1.85
C ALA A 23 -4.58 8.07 2.80
N VAL A 24 -3.87 6.97 2.53
CA VAL A 24 -2.76 6.56 3.37
C VAL A 24 -1.45 7.16 2.86
N PHE A 25 -1.09 6.81 1.63
CA PHE A 25 0.14 7.32 1.04
C PHE A 25 0.23 8.83 1.22
N GLU A 26 -0.88 9.45 1.60
CA GLU A 26 -0.90 10.89 1.79
C GLU A 26 -0.26 11.27 3.12
N GLU A 27 -0.39 10.38 4.11
CA GLU A 27 0.19 10.63 5.43
C GLU A 27 1.61 10.10 5.50
N ILE A 28 2.01 9.32 4.51
CA ILE A 28 3.35 8.75 4.48
C ILE A 28 4.35 9.75 3.89
N HIS A 29 4.22 10.02 2.61
CA HIS A 29 5.12 10.96 1.94
C HIS A 29 5.12 12.30 2.67
N LYS A 30 4.14 12.50 3.54
CA LYS A 30 4.05 13.73 4.30
C LYS A 30 4.90 13.66 5.56
N LYS A 31 5.19 12.43 5.99
CA LYS A 31 6.00 12.22 7.19
C LYS A 31 7.46 12.06 6.82
N LYS A 32 7.71 11.53 5.63
CA LYS A 32 9.07 11.32 5.16
C LYS A 32 9.91 12.59 5.36
N NH2 A 33 9.41 13.75 4.99
HN1 NH2 A 33 8.52 13.79 4.61
HN2 NH2 A 33 9.93 14.57 5.12
#